data_1IZM
# 
_entry.id   1IZM 
# 
_audit_conform.dict_name       mmcif_pdbx.dic 
_audit_conform.dict_version    5.399 
_audit_conform.dict_location   http://mmcif.pdb.org/dictionaries/ascii/mmcif_pdbx.dic 
# 
loop_
_database_2.database_id 
_database_2.database_code 
_database_2.pdbx_database_accession 
_database_2.pdbx_DOI 
PDB   1IZM         pdb_00001izm 10.2210/pdb1izm/pdb 
RCSB  RCSB005444   ?            ?                   
WWPDB D_1000005444 ?            ?                   
# 
loop_
_pdbx_audit_revision_history.ordinal 
_pdbx_audit_revision_history.data_content_type 
_pdbx_audit_revision_history.major_revision 
_pdbx_audit_revision_history.minor_revision 
_pdbx_audit_revision_history.revision_date 
1 'Structure model' 1 0 2003-12-02 
2 'Structure model' 1 1 2008-04-27 
3 'Structure model' 1 2 2011-07-13 
4 'Structure model' 1 3 2021-10-27 
5 'Structure model' 1 4 2023-12-27 
6 'Structure model' 1 5 2024-11-20 
# 
_pdbx_audit_revision_details.ordinal             1 
_pdbx_audit_revision_details.revision_ordinal    1 
_pdbx_audit_revision_details.data_content_type   'Structure model' 
_pdbx_audit_revision_details.provider            repository 
_pdbx_audit_revision_details.type                'Initial release' 
_pdbx_audit_revision_details.description         ? 
_pdbx_audit_revision_details.details             ? 
# 
loop_
_pdbx_audit_revision_group.ordinal 
_pdbx_audit_revision_group.revision_ordinal 
_pdbx_audit_revision_group.data_content_type 
_pdbx_audit_revision_group.group 
1 2 'Structure model' 'Version format compliance' 
2 3 'Structure model' 'Version format compliance' 
3 4 'Structure model' 'Database references'       
4 4 'Structure model' 'Derived calculations'      
5 5 'Structure model' 'Data collection'           
6 6 'Structure model' 'Structure summary'         
# 
loop_
_pdbx_audit_revision_category.ordinal 
_pdbx_audit_revision_category.revision_ordinal 
_pdbx_audit_revision_category.data_content_type 
_pdbx_audit_revision_category.category 
1 4 'Structure model' database_2                
2 4 'Structure model' struct_conn               
3 4 'Structure model' struct_ref_seq_dif        
4 5 'Structure model' chem_comp_atom            
5 5 'Structure model' chem_comp_bond            
6 6 'Structure model' pdbx_entry_details        
7 6 'Structure model' pdbx_modification_feature 
# 
loop_
_pdbx_audit_revision_item.ordinal 
_pdbx_audit_revision_item.revision_ordinal 
_pdbx_audit_revision_item.data_content_type 
_pdbx_audit_revision_item.item 
1 4 'Structure model' '_database_2.pdbx_DOI'                
2 4 'Structure model' '_database_2.pdbx_database_accession' 
3 4 'Structure model' '_struct_conn.pdbx_leaving_atom_flag' 
4 4 'Structure model' '_struct_ref_seq_dif.details'         
# 
_pdbx_database_status.status_code                     REL 
_pdbx_database_status.entry_id                        1IZM 
_pdbx_database_status.recvd_initial_deposition_date   2002-10-09 
_pdbx_database_status.deposit_site                    PDBJ 
_pdbx_database_status.process_site                    RCSB 
_pdbx_database_status.status_code_sf                  REL 
_pdbx_database_status.status_code_mr                  ? 
_pdbx_database_status.SG_entry                        Y 
_pdbx_database_status.pdb_format_compatible           Y 
_pdbx_database_status.status_code_cs                  ? 
_pdbx_database_status.status_code_nmr_data            ? 
_pdbx_database_status.methods_development_category    ? 
# 
_pdbx_database_related.db_name        TargetDB 
_pdbx_database_related.db_id          HI0817 
_pdbx_database_related.details        . 
_pdbx_database_related.content_type   unspecified 
# 
loop_
_audit_author.name 
_audit_author.pdbx_ordinal 
'Galkin, A.'                         1 
'Sarikaya, E.'                       2 
'Lehmann, C.'                        3 
'Howard, A.'                         4 
'Herzberg, O.'                       5 
'Structure 2 Function Project (S2F)' 6 
# 
_citation.id                        primary 
_citation.title                     
'X-ray structure of HI0817 from Haemophilus influenzae: protein of unknown function with a novel fold.' 
_citation.journal_abbrev            Proteins 
_citation.journal_volume            57 
_citation.page_first                874 
_citation.page_last                 877 
_citation.year                      2004 
_citation.journal_id_ASTM           PSFGEY 
_citation.country                   US 
_citation.journal_id_ISSN           0887-3585 
_citation.journal_id_CSD            0867 
_citation.book_publisher            ? 
_citation.pdbx_database_id_PubMed   15317022 
_citation.pdbx_database_id_DOI      10.1002/prot.20260 
# 
loop_
_citation_author.citation_id 
_citation_author.name 
_citation_author.ordinal 
_citation_author.identifier_ORCID 
primary 'Galkin, A.'   1 ? 
primary 'Sarikaya, E.' 2 ? 
primary 'Lehmann, C.'  3 ? 
primary 'Howard, A.'   4 ? 
primary 'Herzberg, O.' 5 ? 
# 
loop_
_entity.id 
_entity.type 
_entity.src_method 
_entity.pdbx_description 
_entity.formula_weight 
_entity.pdbx_number_of_molecules 
_entity.pdbx_ec 
_entity.pdbx_mutation 
_entity.pdbx_fragment 
_entity.details 
1 polymer man 'HYPOTHETICAL PROTEIN HI0817' 20604.152 1   ? L8M ? ? 
2 water   nat water                         18.015    201 ? ?   ? ? 
# 
_entity_poly.entity_id                      1 
_entity_poly.type                           'polypeptide(L)' 
_entity_poly.nstd_linkage                   no 
_entity_poly.nstd_monomer                   yes 
_entity_poly.pdbx_seq_one_letter_code       
;GS(MSE)LISHSD(MSE)NQQLKSAGIGFNATELHGFLSGLLCGGLKDQSWLPLLYQFSNDNHAYPTGLVQPVTELYEQI
SQTLSDVEGFTFELGLTEDENVFTQADSLSDWANQFLLGIGLAQPELAKEKGEIGEAVDDLQDICQLGYDEDDNEEELAE
ALEEIIEYVRTIA(MSE)LFYSHFNEGEIESKPVLH
;
_entity_poly.pdbx_seq_one_letter_code_can   
;GSMLISHSDMNQQLKSAGIGFNATELHGFLSGLLCGGLKDQSWLPLLYQFSNDNHAYPTGLVQPVTELYEQISQTLSDVE
GFTFELGLTEDENVFTQADSLSDWANQFLLGIGLAQPELAKEKGEIGEAVDDLQDICQLGYDEDDNEEELAEALEEIIEY
VRTIAMLFYSHFNEGEIESKPVLH
;
_entity_poly.pdbx_strand_id                 A 
_entity_poly.pdbx_target_identifier         HI0817 
# 
_pdbx_entity_nonpoly.entity_id   2 
_pdbx_entity_nonpoly.name        water 
_pdbx_entity_nonpoly.comp_id     HOH 
# 
loop_
_entity_poly_seq.entity_id 
_entity_poly_seq.num 
_entity_poly_seq.mon_id 
_entity_poly_seq.hetero 
1 1   GLY n 
1 2   SER n 
1 3   MSE n 
1 4   LEU n 
1 5   ILE n 
1 6   SER n 
1 7   HIS n 
1 8   SER n 
1 9   ASP n 
1 10  MSE n 
1 11  ASN n 
1 12  GLN n 
1 13  GLN n 
1 14  LEU n 
1 15  LYS n 
1 16  SER n 
1 17  ALA n 
1 18  GLY n 
1 19  ILE n 
1 20  GLY n 
1 21  PHE n 
1 22  ASN n 
1 23  ALA n 
1 24  THR n 
1 25  GLU n 
1 26  LEU n 
1 27  HIS n 
1 28  GLY n 
1 29  PHE n 
1 30  LEU n 
1 31  SER n 
1 32  GLY n 
1 33  LEU n 
1 34  LEU n 
1 35  CYS n 
1 36  GLY n 
1 37  GLY n 
1 38  LEU n 
1 39  LYS n 
1 40  ASP n 
1 41  GLN n 
1 42  SER n 
1 43  TRP n 
1 44  LEU n 
1 45  PRO n 
1 46  LEU n 
1 47  LEU n 
1 48  TYR n 
1 49  GLN n 
1 50  PHE n 
1 51  SER n 
1 52  ASN n 
1 53  ASP n 
1 54  ASN n 
1 55  HIS n 
1 56  ALA n 
1 57  TYR n 
1 58  PRO n 
1 59  THR n 
1 60  GLY n 
1 61  LEU n 
1 62  VAL n 
1 63  GLN n 
1 64  PRO n 
1 65  VAL n 
1 66  THR n 
1 67  GLU n 
1 68  LEU n 
1 69  TYR n 
1 70  GLU n 
1 71  GLN n 
1 72  ILE n 
1 73  SER n 
1 74  GLN n 
1 75  THR n 
1 76  LEU n 
1 77  SER n 
1 78  ASP n 
1 79  VAL n 
1 80  GLU n 
1 81  GLY n 
1 82  PHE n 
1 83  THR n 
1 84  PHE n 
1 85  GLU n 
1 86  LEU n 
1 87  GLY n 
1 88  LEU n 
1 89  THR n 
1 90  GLU n 
1 91  ASP n 
1 92  GLU n 
1 93  ASN n 
1 94  VAL n 
1 95  PHE n 
1 96  THR n 
1 97  GLN n 
1 98  ALA n 
1 99  ASP n 
1 100 SER n 
1 101 LEU n 
1 102 SER n 
1 103 ASP n 
1 104 TRP n 
1 105 ALA n 
1 106 ASN n 
1 107 GLN n 
1 108 PHE n 
1 109 LEU n 
1 110 LEU n 
1 111 GLY n 
1 112 ILE n 
1 113 GLY n 
1 114 LEU n 
1 115 ALA n 
1 116 GLN n 
1 117 PRO n 
1 118 GLU n 
1 119 LEU n 
1 120 ALA n 
1 121 LYS n 
1 122 GLU n 
1 123 LYS n 
1 124 GLY n 
1 125 GLU n 
1 126 ILE n 
1 127 GLY n 
1 128 GLU n 
1 129 ALA n 
1 130 VAL n 
1 131 ASP n 
1 132 ASP n 
1 133 LEU n 
1 134 GLN n 
1 135 ASP n 
1 136 ILE n 
1 137 CYS n 
1 138 GLN n 
1 139 LEU n 
1 140 GLY n 
1 141 TYR n 
1 142 ASP n 
1 143 GLU n 
1 144 ASP n 
1 145 ASP n 
1 146 ASN n 
1 147 GLU n 
1 148 GLU n 
1 149 GLU n 
1 150 LEU n 
1 151 ALA n 
1 152 GLU n 
1 153 ALA n 
1 154 LEU n 
1 155 GLU n 
1 156 GLU n 
1 157 ILE n 
1 158 ILE n 
1 159 GLU n 
1 160 TYR n 
1 161 VAL n 
1 162 ARG n 
1 163 THR n 
1 164 ILE n 
1 165 ALA n 
1 166 MSE n 
1 167 LEU n 
1 168 PHE n 
1 169 TYR n 
1 170 SER n 
1 171 HIS n 
1 172 PHE n 
1 173 ASN n 
1 174 GLU n 
1 175 GLY n 
1 176 GLU n 
1 177 ILE n 
1 178 GLU n 
1 179 SER n 
1 180 LYS n 
1 181 PRO n 
1 182 VAL n 
1 183 LEU n 
1 184 HIS n 
# 
_entity_src_gen.entity_id                          1 
_entity_src_gen.pdbx_src_id                        1 
_entity_src_gen.pdbx_alt_source_flag               sample 
_entity_src_gen.pdbx_seq_type                      ? 
_entity_src_gen.pdbx_beg_seq_num                   ? 
_entity_src_gen.pdbx_end_seq_num                   ? 
_entity_src_gen.gene_src_common_name               ? 
_entity_src_gen.gene_src_genus                     Haemophilus 
_entity_src_gen.pdbx_gene_src_gene                 HI0817 
_entity_src_gen.gene_src_species                   ? 
_entity_src_gen.gene_src_strain                    ? 
_entity_src_gen.gene_src_tissue                    ? 
_entity_src_gen.gene_src_tissue_fraction           ? 
_entity_src_gen.gene_src_details                   ? 
_entity_src_gen.pdbx_gene_src_fragment             ? 
_entity_src_gen.pdbx_gene_src_scientific_name      'Haemophilus influenzae' 
_entity_src_gen.pdbx_gene_src_ncbi_taxonomy_id     727 
_entity_src_gen.pdbx_gene_src_variant              ? 
_entity_src_gen.pdbx_gene_src_cell_line            ? 
_entity_src_gen.pdbx_gene_src_atcc                 ? 
_entity_src_gen.pdbx_gene_src_organ                ? 
_entity_src_gen.pdbx_gene_src_organelle            ? 
_entity_src_gen.pdbx_gene_src_cell                 ? 
_entity_src_gen.pdbx_gene_src_cellular_location    ? 
_entity_src_gen.host_org_common_name               ? 
_entity_src_gen.pdbx_host_org_scientific_name      'Escherichia coli' 
_entity_src_gen.pdbx_host_org_ncbi_taxonomy_id     562 
_entity_src_gen.host_org_genus                     Escherichia 
_entity_src_gen.pdbx_host_org_gene                 ? 
_entity_src_gen.pdbx_host_org_organ                ? 
_entity_src_gen.host_org_species                   ? 
_entity_src_gen.pdbx_host_org_tissue               ? 
_entity_src_gen.pdbx_host_org_tissue_fraction      ? 
_entity_src_gen.pdbx_host_org_strain               'B834(DE3)' 
_entity_src_gen.pdbx_host_org_variant              ? 
_entity_src_gen.pdbx_host_org_cell_line            ? 
_entity_src_gen.pdbx_host_org_atcc                 ? 
_entity_src_gen.pdbx_host_org_culture_collection   ? 
_entity_src_gen.pdbx_host_org_cell                 ? 
_entity_src_gen.pdbx_host_org_organelle            ? 
_entity_src_gen.pdbx_host_org_cellular_location    ? 
_entity_src_gen.pdbx_host_org_vector_type          PLASMID 
_entity_src_gen.pdbx_host_org_vector               ? 
_entity_src_gen.host_org_details                   ? 
_entity_src_gen.expression_system_id               ? 
_entity_src_gen.plasmid_name                       pET100 
_entity_src_gen.plasmid_details                    ? 
_entity_src_gen.pdbx_description                   ? 
# 
loop_
_chem_comp.id 
_chem_comp.type 
_chem_comp.mon_nstd_flag 
_chem_comp.name 
_chem_comp.pdbx_synonyms 
_chem_comp.formula 
_chem_comp.formula_weight 
ALA 'L-peptide linking' y ALANINE          ? 'C3 H7 N O2'     89.093  
ARG 'L-peptide linking' y ARGININE         ? 'C6 H15 N4 O2 1' 175.209 
ASN 'L-peptide linking' y ASPARAGINE       ? 'C4 H8 N2 O3'    132.118 
ASP 'L-peptide linking' y 'ASPARTIC ACID'  ? 'C4 H7 N O4'     133.103 
CYS 'L-peptide linking' y CYSTEINE         ? 'C3 H7 N O2 S'   121.158 
GLN 'L-peptide linking' y GLUTAMINE        ? 'C5 H10 N2 O3'   146.144 
GLU 'L-peptide linking' y 'GLUTAMIC ACID'  ? 'C5 H9 N O4'     147.129 
GLY 'peptide linking'   y GLYCINE          ? 'C2 H5 N O2'     75.067  
HIS 'L-peptide linking' y HISTIDINE        ? 'C6 H10 N3 O2 1' 156.162 
HOH non-polymer         . WATER            ? 'H2 O'           18.015  
ILE 'L-peptide linking' y ISOLEUCINE       ? 'C6 H13 N O2'    131.173 
LEU 'L-peptide linking' y LEUCINE          ? 'C6 H13 N O2'    131.173 
LYS 'L-peptide linking' y LYSINE           ? 'C6 H15 N2 O2 1' 147.195 
MET 'L-peptide linking' y METHIONINE       ? 'C5 H11 N O2 S'  149.211 
MSE 'L-peptide linking' n SELENOMETHIONINE ? 'C5 H11 N O2 Se' 196.106 
PHE 'L-peptide linking' y PHENYLALANINE    ? 'C9 H11 N O2'    165.189 
PRO 'L-peptide linking' y PROLINE          ? 'C5 H9 N O2'     115.130 
SER 'L-peptide linking' y SERINE           ? 'C3 H7 N O3'     105.093 
THR 'L-peptide linking' y THREONINE        ? 'C4 H9 N O3'     119.119 
TRP 'L-peptide linking' y TRYPTOPHAN       ? 'C11 H12 N2 O2'  204.225 
TYR 'L-peptide linking' y TYROSINE         ? 'C9 H11 N O3'    181.189 
VAL 'L-peptide linking' y VALINE           ? 'C5 H11 N O2'    117.146 
# 
loop_
_pdbx_poly_seq_scheme.asym_id 
_pdbx_poly_seq_scheme.entity_id 
_pdbx_poly_seq_scheme.seq_id 
_pdbx_poly_seq_scheme.mon_id 
_pdbx_poly_seq_scheme.ndb_seq_num 
_pdbx_poly_seq_scheme.pdb_seq_num 
_pdbx_poly_seq_scheme.auth_seq_num 
_pdbx_poly_seq_scheme.pdb_mon_id 
_pdbx_poly_seq_scheme.auth_mon_id 
_pdbx_poly_seq_scheme.pdb_strand_id 
_pdbx_poly_seq_scheme.pdb_ins_code 
_pdbx_poly_seq_scheme.hetero 
A 1 1   GLY 1   -1  ?   ?   ?   A . n 
A 1 2   SER 2   0   ?   ?   ?   A . n 
A 1 3   MSE 3   1   ?   ?   ?   A . n 
A 1 4   LEU 4   2   2   LEU LEU A . n 
A 1 5   ILE 5   3   3   ILE ILE A . n 
A 1 6   SER 6   4   4   SER SER A . n 
A 1 7   HIS 7   5   5   HIS HIS A . n 
A 1 8   SER 8   6   6   SER SER A . n 
A 1 9   ASP 9   7   7   ASP ASP A . n 
A 1 10  MSE 10  8   8   MSE MSE A . n 
A 1 11  ASN 11  9   9   ASN ASN A . n 
A 1 12  GLN 12  10  10  GLN GLN A . n 
A 1 13  GLN 13  11  11  GLN GLN A . n 
A 1 14  LEU 14  12  12  LEU LEU A . n 
A 1 15  LYS 15  13  13  LYS LYS A . n 
A 1 16  SER 16  14  14  SER SER A . n 
A 1 17  ALA 17  15  15  ALA ALA A . n 
A 1 18  GLY 18  16  16  GLY GLY A . n 
A 1 19  ILE 19  17  17  ILE ILE A . n 
A 1 20  GLY 20  18  18  GLY GLY A . n 
A 1 21  PHE 21  19  19  PHE PHE A . n 
A 1 22  ASN 22  20  20  ASN ASN A . n 
A 1 23  ALA 23  21  21  ALA ALA A . n 
A 1 24  THR 24  22  22  THR THR A . n 
A 1 25  GLU 25  23  23  GLU GLU A . n 
A 1 26  LEU 26  24  24  LEU LEU A . n 
A 1 27  HIS 27  25  25  HIS HIS A . n 
A 1 28  GLY 28  26  26  GLY GLY A . n 
A 1 29  PHE 29  27  27  PHE PHE A . n 
A 1 30  LEU 30  28  28  LEU LEU A . n 
A 1 31  SER 31  29  29  SER SER A . n 
A 1 32  GLY 32  30  30  GLY GLY A . n 
A 1 33  LEU 33  31  31  LEU LEU A . n 
A 1 34  LEU 34  32  32  LEU LEU A . n 
A 1 35  CYS 35  33  33  CYS CYS A . n 
A 1 36  GLY 36  34  34  GLY GLY A . n 
A 1 37  GLY 37  35  35  GLY GLY A . n 
A 1 38  LEU 38  36  36  LEU LEU A . n 
A 1 39  LYS 39  37  37  LYS LYS A . n 
A 1 40  ASP 40  38  38  ASP ASP A . n 
A 1 41  GLN 41  39  39  GLN GLN A . n 
A 1 42  SER 42  40  40  SER SER A . n 
A 1 43  TRP 43  41  41  TRP TRP A . n 
A 1 44  LEU 44  42  42  LEU LEU A . n 
A 1 45  PRO 45  43  43  PRO PRO A . n 
A 1 46  LEU 46  44  44  LEU LEU A . n 
A 1 47  LEU 47  45  45  LEU LEU A . n 
A 1 48  TYR 48  46  46  TYR TYR A . n 
A 1 49  GLN 49  47  47  GLN GLN A . n 
A 1 50  PHE 50  48  48  PHE PHE A . n 
A 1 51  SER 51  49  49  SER SER A . n 
A 1 52  ASN 52  50  50  ASN ASN A . n 
A 1 53  ASP 53  51  51  ASP ASP A . n 
A 1 54  ASN 54  52  52  ASN ASN A . n 
A 1 55  HIS 55  53  53  HIS HIS A . n 
A 1 56  ALA 56  54  54  ALA ALA A . n 
A 1 57  TYR 57  55  55  TYR TYR A . n 
A 1 58  PRO 58  56  56  PRO PRO A . n 
A 1 59  THR 59  57  57  THR THR A . n 
A 1 60  GLY 60  58  58  GLY GLY A . n 
A 1 61  LEU 61  59  59  LEU LEU A . n 
A 1 62  VAL 62  60  60  VAL VAL A . n 
A 1 63  GLN 63  61  61  GLN GLN A . n 
A 1 64  PRO 64  62  62  PRO PRO A . n 
A 1 65  VAL 65  63  63  VAL VAL A . n 
A 1 66  THR 66  64  64  THR THR A . n 
A 1 67  GLU 67  65  65  GLU GLU A . n 
A 1 68  LEU 68  66  66  LEU LEU A . n 
A 1 69  TYR 69  67  67  TYR TYR A . n 
A 1 70  GLU 70  68  68  GLU GLU A . n 
A 1 71  GLN 71  69  69  GLN GLN A . n 
A 1 72  ILE 72  70  70  ILE ILE A . n 
A 1 73  SER 73  71  71  SER SER A . n 
A 1 74  GLN 74  72  72  GLN GLN A . n 
A 1 75  THR 75  73  73  THR THR A . n 
A 1 76  LEU 76  74  74  LEU LEU A . n 
A 1 77  SER 77  75  75  SER SER A . n 
A 1 78  ASP 78  76  76  ASP ASP A . n 
A 1 79  VAL 79  77  77  VAL VAL A . n 
A 1 80  GLU 80  78  78  GLU GLU A . n 
A 1 81  GLY 81  79  79  GLY GLY A . n 
A 1 82  PHE 82  80  80  PHE PHE A . n 
A 1 83  THR 83  81  81  THR THR A . n 
A 1 84  PHE 84  82  82  PHE PHE A . n 
A 1 85  GLU 85  83  83  GLU GLU A . n 
A 1 86  LEU 86  84  84  LEU LEU A . n 
A 1 87  GLY 87  85  85  GLY GLY A . n 
A 1 88  LEU 88  86  86  LEU LEU A . n 
A 1 89  THR 89  87  87  THR THR A . n 
A 1 90  GLU 90  88  88  GLU GLU A . n 
A 1 91  ASP 91  89  89  ASP ASP A . n 
A 1 92  GLU 92  90  90  GLU GLU A . n 
A 1 93  ASN 93  91  91  ASN ASN A . n 
A 1 94  VAL 94  92  92  VAL VAL A . n 
A 1 95  PHE 95  93  93  PHE PHE A . n 
A 1 96  THR 96  94  94  THR THR A . n 
A 1 97  GLN 97  95  95  GLN GLN A . n 
A 1 98  ALA 98  96  96  ALA ALA A . n 
A 1 99  ASP 99  97  97  ASP ASP A . n 
A 1 100 SER 100 98  98  SER SER A . n 
A 1 101 LEU 101 99  99  LEU LEU A . n 
A 1 102 SER 102 100 100 SER SER A . n 
A 1 103 ASP 103 101 101 ASP ASP A . n 
A 1 104 TRP 104 102 102 TRP TRP A . n 
A 1 105 ALA 105 103 103 ALA ALA A . n 
A 1 106 ASN 106 104 104 ASN ASN A . n 
A 1 107 GLN 107 105 105 GLN GLN A . n 
A 1 108 PHE 108 106 106 PHE PHE A . n 
A 1 109 LEU 109 107 107 LEU LEU A . n 
A 1 110 LEU 110 108 108 LEU LEU A . n 
A 1 111 GLY 111 109 109 GLY GLY A . n 
A 1 112 ILE 112 110 110 ILE ILE A . n 
A 1 113 GLY 113 111 111 GLY GLY A . n 
A 1 114 LEU 114 112 112 LEU LEU A . n 
A 1 115 ALA 115 113 113 ALA ALA A . n 
A 1 116 GLN 116 114 114 GLN GLN A . n 
A 1 117 PRO 117 115 115 PRO PRO A . n 
A 1 118 GLU 118 116 116 GLU GLU A . n 
A 1 119 LEU 119 117 117 LEU LEU A . n 
A 1 120 ALA 120 118 118 ALA ALA A . n 
A 1 121 LYS 121 119 119 LYS LYS A . n 
A 1 122 GLU 122 120 120 GLU GLU A . n 
A 1 123 LYS 123 121 121 LYS LYS A . n 
A 1 124 GLY 124 122 122 GLY GLY A . n 
A 1 125 GLU 125 123 123 GLU GLU A . n 
A 1 126 ILE 126 124 124 ILE ILE A . n 
A 1 127 GLY 127 125 125 GLY GLY A . n 
A 1 128 GLU 128 126 126 GLU GLU A . n 
A 1 129 ALA 129 127 127 ALA ALA A . n 
A 1 130 VAL 130 128 128 VAL VAL A . n 
A 1 131 ASP 131 129 129 ASP ASP A . n 
A 1 132 ASP 132 130 130 ASP ASP A . n 
A 1 133 LEU 133 131 131 LEU LEU A . n 
A 1 134 GLN 134 132 132 GLN GLN A . n 
A 1 135 ASP 135 133 133 ASP ASP A . n 
A 1 136 ILE 136 134 134 ILE ILE A . n 
A 1 137 CYS 137 135 135 CYS CYS A . n 
A 1 138 GLN 138 136 136 GLN GLN A . n 
A 1 139 LEU 139 137 137 LEU LEU A . n 
A 1 140 GLY 140 138 138 GLY GLY A . n 
A 1 141 TYR 141 139 139 TYR TYR A . n 
A 1 142 ASP 142 140 140 ASP ASP A . n 
A 1 143 GLU 143 141 141 GLU GLU A . n 
A 1 144 ASP 144 142 142 ASP ASP A . n 
A 1 145 ASP 145 143 143 ASP ASP A . n 
A 1 146 ASN 146 144 144 ASN ASN A . n 
A 1 147 GLU 147 145 145 GLU GLU A . n 
A 1 148 GLU 148 146 146 GLU GLU A . n 
A 1 149 GLU 149 147 147 GLU GLU A . n 
A 1 150 LEU 150 148 148 LEU LEU A . n 
A 1 151 ALA 151 149 149 ALA ALA A . n 
A 1 152 GLU 152 150 150 GLU GLU A . n 
A 1 153 ALA 153 151 151 ALA ALA A . n 
A 1 154 LEU 154 152 152 LEU LEU A . n 
A 1 155 GLU 155 153 153 GLU GLU A . n 
A 1 156 GLU 156 154 154 GLU GLU A . n 
A 1 157 ILE 157 155 155 ILE ILE A . n 
A 1 158 ILE 158 156 156 ILE ILE A . n 
A 1 159 GLU 159 157 157 GLU GLU A . n 
A 1 160 TYR 160 158 158 TYR TYR A . n 
A 1 161 VAL 161 159 159 VAL VAL A . n 
A 1 162 ARG 162 160 160 ARG ARG A . n 
A 1 163 THR 163 161 161 THR THR A . n 
A 1 164 ILE 164 162 162 ILE ILE A . n 
A 1 165 ALA 165 163 163 ALA ALA A . n 
A 1 166 MSE 166 164 164 MSE MSE A . n 
A 1 167 LEU 167 165 165 LEU LEU A . n 
A 1 168 PHE 168 166 166 PHE PHE A . n 
A 1 169 TYR 169 167 167 TYR TYR A . n 
A 1 170 SER 170 168 168 SER SER A . n 
A 1 171 HIS 171 169 169 HIS HIS A . n 
A 1 172 PHE 172 170 170 PHE PHE A . n 
A 1 173 ASN 173 171 171 ASN ASN A . n 
A 1 174 GLU 174 172 ?   ?   ?   A . n 
A 1 175 GLY 175 173 ?   ?   ?   A . n 
A 1 176 GLU 176 174 ?   ?   ?   A . n 
A 1 177 ILE 177 175 ?   ?   ?   A . n 
A 1 178 GLU 178 176 ?   ?   ?   A . n 
A 1 179 SER 179 177 ?   ?   ?   A . n 
A 1 180 LYS 180 178 ?   ?   ?   A . n 
A 1 181 PRO 181 179 ?   ?   ?   A . n 
A 1 182 VAL 182 180 ?   ?   ?   A . n 
A 1 183 LEU 183 181 ?   ?   ?   A . n 
A 1 184 HIS 184 182 ?   ?   ?   A . n 
# 
loop_
_pdbx_nonpoly_scheme.asym_id 
_pdbx_nonpoly_scheme.entity_id 
_pdbx_nonpoly_scheme.mon_id 
_pdbx_nonpoly_scheme.ndb_seq_num 
_pdbx_nonpoly_scheme.pdb_seq_num 
_pdbx_nonpoly_scheme.auth_seq_num 
_pdbx_nonpoly_scheme.pdb_mon_id 
_pdbx_nonpoly_scheme.auth_mon_id 
_pdbx_nonpoly_scheme.pdb_strand_id 
_pdbx_nonpoly_scheme.pdb_ins_code 
B 2 HOH 1   183 1   HOH HOH A . 
B 2 HOH 2   184 2   HOH HOH A . 
B 2 HOH 3   185 3   HOH HOH A . 
B 2 HOH 4   186 4   HOH HOH A . 
B 2 HOH 5   187 5   HOH HOH A . 
B 2 HOH 6   188 6   HOH HOH A . 
B 2 HOH 7   189 7   HOH HOH A . 
B 2 HOH 8   190 8   HOH HOH A . 
B 2 HOH 9   191 9   HOH HOH A . 
B 2 HOH 10  192 10  HOH HOH A . 
B 2 HOH 11  193 11  HOH HOH A . 
B 2 HOH 12  194 12  HOH HOH A . 
B 2 HOH 13  195 13  HOH HOH A . 
B 2 HOH 14  196 14  HOH HOH A . 
B 2 HOH 15  197 15  HOH HOH A . 
B 2 HOH 16  198 16  HOH HOH A . 
B 2 HOH 17  199 17  HOH HOH A . 
B 2 HOH 18  200 18  HOH HOH A . 
B 2 HOH 19  201 19  HOH HOH A . 
B 2 HOH 20  202 20  HOH HOH A . 
B 2 HOH 21  203 21  HOH HOH A . 
B 2 HOH 22  204 22  HOH HOH A . 
B 2 HOH 23  205 23  HOH HOH A . 
B 2 HOH 24  206 24  HOH HOH A . 
B 2 HOH 25  207 25  HOH HOH A . 
B 2 HOH 26  208 26  HOH HOH A . 
B 2 HOH 27  209 27  HOH HOH A . 
B 2 HOH 28  210 28  HOH HOH A . 
B 2 HOH 29  211 29  HOH HOH A . 
B 2 HOH 30  212 30  HOH HOH A . 
B 2 HOH 31  213 31  HOH HOH A . 
B 2 HOH 32  214 32  HOH HOH A . 
B 2 HOH 33  215 33  HOH HOH A . 
B 2 HOH 34  216 34  HOH HOH A . 
B 2 HOH 35  217 35  HOH HOH A . 
B 2 HOH 36  218 36  HOH HOH A . 
B 2 HOH 37  219 37  HOH HOH A . 
B 2 HOH 38  220 38  HOH HOH A . 
B 2 HOH 39  221 39  HOH HOH A . 
B 2 HOH 40  222 40  HOH HOH A . 
B 2 HOH 41  223 41  HOH HOH A . 
B 2 HOH 42  224 42  HOH HOH A . 
B 2 HOH 43  225 43  HOH HOH A . 
B 2 HOH 44  226 44  HOH HOH A . 
B 2 HOH 45  227 45  HOH HOH A . 
B 2 HOH 46  228 46  HOH HOH A . 
B 2 HOH 47  229 47  HOH HOH A . 
B 2 HOH 48  230 48  HOH HOH A . 
B 2 HOH 49  231 49  HOH HOH A . 
B 2 HOH 50  232 50  HOH HOH A . 
B 2 HOH 51  233 51  HOH HOH A . 
B 2 HOH 52  234 52  HOH HOH A . 
B 2 HOH 53  235 53  HOH HOH A . 
B 2 HOH 54  236 54  HOH HOH A . 
B 2 HOH 55  237 55  HOH HOH A . 
B 2 HOH 56  238 56  HOH HOH A . 
B 2 HOH 57  239 57  HOH HOH A . 
B 2 HOH 58  240 58  HOH HOH A . 
B 2 HOH 59  241 59  HOH HOH A . 
B 2 HOH 60  242 60  HOH HOH A . 
B 2 HOH 61  243 61  HOH HOH A . 
B 2 HOH 62  244 62  HOH HOH A . 
B 2 HOH 63  245 63  HOH HOH A . 
B 2 HOH 64  246 64  HOH HOH A . 
B 2 HOH 65  247 65  HOH HOH A . 
B 2 HOH 66  248 66  HOH HOH A . 
B 2 HOH 67  249 67  HOH HOH A . 
B 2 HOH 68  250 68  HOH HOH A . 
B 2 HOH 69  251 69  HOH HOH A . 
B 2 HOH 70  252 70  HOH HOH A . 
B 2 HOH 71  253 71  HOH HOH A . 
B 2 HOH 72  254 72  HOH HOH A . 
B 2 HOH 73  255 73  HOH HOH A . 
B 2 HOH 74  256 74  HOH HOH A . 
B 2 HOH 75  257 75  HOH HOH A . 
B 2 HOH 76  258 76  HOH HOH A . 
B 2 HOH 77  259 77  HOH HOH A . 
B 2 HOH 78  260 78  HOH HOH A . 
B 2 HOH 79  261 79  HOH HOH A . 
B 2 HOH 80  262 80  HOH HOH A . 
B 2 HOH 81  263 81  HOH HOH A . 
B 2 HOH 82  264 82  HOH HOH A . 
B 2 HOH 83  265 83  HOH HOH A . 
B 2 HOH 84  266 84  HOH HOH A . 
B 2 HOH 85  267 85  HOH HOH A . 
B 2 HOH 86  268 86  HOH HOH A . 
B 2 HOH 87  269 87  HOH HOH A . 
B 2 HOH 88  270 88  HOH HOH A . 
B 2 HOH 89  271 89  HOH HOH A . 
B 2 HOH 90  272 90  HOH HOH A . 
B 2 HOH 91  273 91  HOH HOH A . 
B 2 HOH 92  274 92  HOH HOH A . 
B 2 HOH 93  275 93  HOH HOH A . 
B 2 HOH 94  276 94  HOH HOH A . 
B 2 HOH 95  277 95  HOH HOH A . 
B 2 HOH 96  278 96  HOH HOH A . 
B 2 HOH 97  279 97  HOH HOH A . 
B 2 HOH 98  280 98  HOH HOH A . 
B 2 HOH 99  281 99  HOH HOH A . 
B 2 HOH 100 282 100 HOH HOH A . 
B 2 HOH 101 283 101 HOH HOH A . 
B 2 HOH 102 284 102 HOH HOH A . 
B 2 HOH 103 285 103 HOH HOH A . 
B 2 HOH 104 286 104 HOH HOH A . 
B 2 HOH 105 287 105 HOH HOH A . 
B 2 HOH 106 288 106 HOH HOH A . 
B 2 HOH 107 289 107 HOH HOH A . 
B 2 HOH 108 290 108 HOH HOH A . 
B 2 HOH 109 291 109 HOH HOH A . 
B 2 HOH 110 292 110 HOH HOH A . 
B 2 HOH 111 293 111 HOH HOH A . 
B 2 HOH 112 294 112 HOH HOH A . 
B 2 HOH 113 295 113 HOH HOH A . 
B 2 HOH 114 296 114 HOH HOH A . 
B 2 HOH 115 297 115 HOH HOH A . 
B 2 HOH 116 298 116 HOH HOH A . 
B 2 HOH 117 299 117 HOH HOH A . 
B 2 HOH 118 300 118 HOH HOH A . 
B 2 HOH 119 301 119 HOH HOH A . 
B 2 HOH 120 302 120 HOH HOH A . 
B 2 HOH 121 303 121 HOH HOH A . 
B 2 HOH 122 304 122 HOH HOH A . 
B 2 HOH 123 305 123 HOH HOH A . 
B 2 HOH 124 306 124 HOH HOH A . 
B 2 HOH 125 307 125 HOH HOH A . 
B 2 HOH 126 308 126 HOH HOH A . 
B 2 HOH 127 309 127 HOH HOH A . 
B 2 HOH 128 310 128 HOH HOH A . 
B 2 HOH 129 311 129 HOH HOH A . 
B 2 HOH 130 312 130 HOH HOH A . 
B 2 HOH 131 313 131 HOH HOH A . 
B 2 HOH 132 314 132 HOH HOH A . 
B 2 HOH 133 315 133 HOH HOH A . 
B 2 HOH 134 316 134 HOH HOH A . 
B 2 HOH 135 317 135 HOH HOH A . 
B 2 HOH 136 318 136 HOH HOH A . 
B 2 HOH 137 319 137 HOH HOH A . 
B 2 HOH 138 320 138 HOH HOH A . 
B 2 HOH 139 321 139 HOH HOH A . 
B 2 HOH 140 322 140 HOH HOH A . 
B 2 HOH 141 323 141 HOH HOH A . 
B 2 HOH 142 324 142 HOH HOH A . 
B 2 HOH 143 325 143 HOH HOH A . 
B 2 HOH 144 326 144 HOH HOH A . 
B 2 HOH 145 327 145 HOH HOH A . 
B 2 HOH 146 328 146 HOH HOH A . 
B 2 HOH 147 329 147 HOH HOH A . 
B 2 HOH 148 330 148 HOH HOH A . 
B 2 HOH 149 331 149 HOH HOH A . 
B 2 HOH 150 332 150 HOH HOH A . 
B 2 HOH 151 333 151 HOH HOH A . 
B 2 HOH 152 334 152 HOH HOH A . 
B 2 HOH 153 335 153 HOH HOH A . 
B 2 HOH 154 336 154 HOH HOH A . 
B 2 HOH 155 337 155 HOH HOH A . 
B 2 HOH 156 338 156 HOH HOH A . 
B 2 HOH 157 339 157 HOH HOH A . 
B 2 HOH 158 340 158 HOH HOH A . 
B 2 HOH 159 341 159 HOH HOH A . 
B 2 HOH 160 342 160 HOH HOH A . 
B 2 HOH 161 343 161 HOH HOH A . 
B 2 HOH 162 344 162 HOH HOH A . 
B 2 HOH 163 345 163 HOH HOH A . 
B 2 HOH 164 346 164 HOH HOH A . 
B 2 HOH 165 347 165 HOH HOH A . 
B 2 HOH 166 348 166 HOH HOH A . 
B 2 HOH 167 349 167 HOH HOH A . 
B 2 HOH 168 350 168 HOH HOH A . 
B 2 HOH 169 351 169 HOH HOH A . 
B 2 HOH 170 352 170 HOH HOH A . 
B 2 HOH 171 353 171 HOH HOH A . 
B 2 HOH 172 354 172 HOH HOH A . 
B 2 HOH 173 355 173 HOH HOH A . 
B 2 HOH 174 356 174 HOH HOH A . 
B 2 HOH 175 357 175 HOH HOH A . 
B 2 HOH 176 358 176 HOH HOH A . 
B 2 HOH 177 359 177 HOH HOH A . 
B 2 HOH 178 360 178 HOH HOH A . 
B 2 HOH 179 361 179 HOH HOH A . 
B 2 HOH 180 362 180 HOH HOH A . 
B 2 HOH 181 363 181 HOH HOH A . 
B 2 HOH 182 364 182 HOH HOH A . 
B 2 HOH 183 365 183 HOH HOH A . 
B 2 HOH 184 366 184 HOH HOH A . 
B 2 HOH 185 367 185 HOH HOH A . 
B 2 HOH 186 368 186 HOH HOH A . 
B 2 HOH 187 369 187 HOH HOH A . 
B 2 HOH 188 370 188 HOH HOH A . 
B 2 HOH 189 371 189 HOH HOH A . 
B 2 HOH 190 372 190 HOH HOH A . 
B 2 HOH 191 373 191 HOH HOH A . 
B 2 HOH 192 374 192 HOH HOH A . 
B 2 HOH 193 375 193 HOH HOH A . 
B 2 HOH 194 376 194 HOH HOH A . 
B 2 HOH 195 377 195 HOH HOH A . 
B 2 HOH 196 378 196 HOH HOH A . 
B 2 HOH 197 379 197 HOH HOH A . 
B 2 HOH 198 380 198 HOH HOH A . 
B 2 HOH 199 381 199 HOH HOH A . 
B 2 HOH 200 382 200 HOH HOH A . 
B 2 HOH 201 383 201 HOH HOH A . 
# 
loop_
_software.name 
_software.classification 
_software.version 
_software.citation_id 
_software.pdbx_ordinal 
DENZO     'data reduction' .   ? 1 
SCALEPACK 'data scaling'   .   ? 2 
SOLVE     phasing          .   ? 3 
RESOLVE   'model building' .   ? 4 
CNS       refinement       1.0 ? 5 
RESOLVE   phasing          .   ? 6 
# 
_cell.entry_id           1IZM 
_cell.length_a           42.3 
_cell.length_b           42.3 
_cell.length_c           198.5 
_cell.angle_alpha        90.00 
_cell.angle_beta         90.00 
_cell.angle_gamma        90.00 
_cell.Z_PDB              8 
_cell.pdbx_unique_axis   ? 
# 
_symmetry.entry_id                         1IZM 
_symmetry.space_group_name_H-M             'P 43 21 2' 
_symmetry.pdbx_full_space_group_name_H-M   ? 
_symmetry.cell_setting                     ? 
_symmetry.Int_Tables_number                96 
_symmetry.space_group_name_Hall            ? 
# 
_exptl.entry_id          1IZM 
_exptl.method            'X-RAY DIFFRACTION' 
_exptl.crystals_number   1 
# 
_exptl_crystal.id                    1 
_exptl_crystal.density_meas          ? 
_exptl_crystal.density_Matthews      2.15 
_exptl_crystal.density_percent_sol   42.92 
_exptl_crystal.description           ? 
_exptl_crystal.F_000                 ? 
_exptl_crystal.preparation           ? 
# 
_exptl_crystal_grow.crystal_id      1 
_exptl_crystal_grow.method          'VAPOR DIFFUSION, HANGING DROP' 
_exptl_crystal_grow.temp            277 
_exptl_crystal_grow.temp_details    ? 
_exptl_crystal_grow.pH              4.8 
_exptl_crystal_grow.pdbx_details    
'1.4 M ammonimum sulfate, 0.05 M potassium phosphate, 3% iso-propanol, pH 4.8, VAPOR DIFFUSION, HANGING DROP, temperature 277K' 
_exptl_crystal_grow.pdbx_pH_range   . 
# 
_diffrn.id                     1 
_diffrn.ambient_temp           100 
_diffrn.ambient_temp_details   ? 
_diffrn.crystal_id             1 
# 
_diffrn_detector.diffrn_id              1 
_diffrn_detector.detector               CCD 
_diffrn_detector.type                   'ADSC QUANTUM 4' 
_diffrn_detector.pdbx_collection_date   2001-12-06 
_diffrn_detector.details                ? 
# 
_diffrn_radiation.diffrn_id                        1 
_diffrn_radiation.wavelength_id                    1 
_diffrn_radiation.pdbx_monochromatic_or_laue_m_l   M 
_diffrn_radiation.monochromator                    'Si(111) double crystal system' 
_diffrn_radiation.pdbx_diffrn_protocol             MAD 
_diffrn_radiation.pdbx_scattering_type             x-ray 
# 
loop_
_diffrn_radiation_wavelength.id 
_diffrn_radiation_wavelength.wavelength 
_diffrn_radiation_wavelength.wt 
1 0.97946 1.0 
2 0.97961 1.0 
3 0.96863 1.0 
# 
_diffrn_source.diffrn_id                   1 
_diffrn_source.source                      SYNCHROTRON 
_diffrn_source.type                        'APS BEAMLINE 17-ID' 
_diffrn_source.pdbx_synchrotron_site       APS 
_diffrn_source.pdbx_synchrotron_beamline   17-ID 
_diffrn_source.pdbx_wavelength             ? 
_diffrn_source.pdbx_wavelength_list        '0.97946, 0.97961, 0.96863' 
# 
_reflns.entry_id                     1IZM 
_reflns.observed_criterion_sigma_F   0 
_reflns.observed_criterion_sigma_I   0 
_reflns.d_resolution_high            1.95 
_reflns.d_resolution_low             20 
_reflns.number_all                   14167 
_reflns.number_obs                   14167 
_reflns.percent_possible_obs         97.9 
_reflns.pdbx_Rmerge_I_obs            0.05 
_reflns.pdbx_Rsym_value              ? 
_reflns.pdbx_netI_over_sigmaI        21.1 
_reflns.B_iso_Wilson_estimate        ? 
_reflns.pdbx_redundancy              ? 
_reflns.R_free_details               ? 
_reflns.limit_h_max                  ? 
_reflns.limit_h_min                  ? 
_reflns.limit_k_max                  ? 
_reflns.limit_k_min                  ? 
_reflns.limit_l_max                  ? 
_reflns.limit_l_min                  ? 
_reflns.observed_criterion_F_max     ? 
_reflns.observed_criterion_F_min     ? 
_reflns.pdbx_chi_squared             ? 
_reflns.pdbx_scaling_rejects         ? 
_reflns.pdbx_diffrn_id               1 
_reflns.pdbx_ordinal                 1 
# 
_reflns_shell.d_res_high             1.95 
_reflns_shell.d_res_low              2.02 
_reflns_shell.percent_possible_all   91.9 
_reflns_shell.Rmerge_I_obs           0.097 
_reflns_shell.pdbx_Rsym_value        ? 
_reflns_shell.meanI_over_sigI_obs    ? 
_reflns_shell.pdbx_redundancy        ? 
_reflns_shell.percent_possible_obs   ? 
_reflns_shell.number_unique_all      ? 
_reflns_shell.number_measured_all    ? 
_reflns_shell.number_measured_obs    ? 
_reflns_shell.number_unique_obs      ? 
_reflns_shell.pdbx_chi_squared       ? 
_reflns_shell.pdbx_diffrn_id         ? 
_reflns_shell.pdbx_ordinal           1 
# 
_refine.entry_id                                 1IZM 
_refine.ls_d_res_high                            1.95 
_refine.ls_d_res_low                             20.0 
_refine.pdbx_ls_sigma_F                          0 
_refine.pdbx_ls_sigma_I                          ? 
_refine.ls_number_reflns_all                     14054 
_refine.ls_number_reflns_obs                     13482 
_refine.ls_number_reflns_R_free                  951 
_refine.ls_percent_reflns_obs                    95.9 
_refine.ls_R_factor_all                          ? 
_refine.ls_R_factor_obs                          ? 
_refine.ls_R_factor_R_work                       0.194 
_refine.ls_R_factor_R_free                       0.255 
_refine.ls_redundancy_reflns_obs                 ? 
_refine.pdbx_data_cutoff_high_absF               ? 
_refine.pdbx_data_cutoff_low_absF                ? 
_refine.ls_number_parameters                     ? 
_refine.ls_number_restraints                     ? 
_refine.ls_percent_reflns_R_free                 ? 
_refine.ls_R_factor_R_free_error                 ? 
_refine.ls_R_factor_R_free_error_details         ? 
_refine.pdbx_method_to_determine_struct          MAD 
_refine.pdbx_starting_model                      ? 
_refine.pdbx_ls_cross_valid_method               THROUGHOUT 
_refine.pdbx_R_Free_selection_details            random 
_refine.pdbx_stereochem_target_val_spec_case     ? 
_refine.pdbx_stereochemistry_target_values       'Engh & Huber' 
_refine.solvent_model_details                    ? 
_refine.solvent_model_param_bsol                 ? 
_refine.solvent_model_param_ksol                 ? 
_refine.occupancy_max                            ? 
_refine.occupancy_min                            ? 
_refine.pdbx_isotropic_thermal_model             ? 
_refine.B_iso_mean                               38 
_refine.aniso_B[1][1]                            ? 
_refine.aniso_B[1][2]                            ? 
_refine.aniso_B[1][3]                            ? 
_refine.aniso_B[2][2]                            ? 
_refine.aniso_B[2][3]                            ? 
_refine.aniso_B[3][3]                            ? 
_refine.details                                  ? 
_refine.B_iso_min                                ? 
_refine.B_iso_max                                ? 
_refine.correlation_coeff_Fo_to_Fc               ? 
_refine.correlation_coeff_Fo_to_Fc_free          ? 
_refine.pdbx_solvent_vdw_probe_radii             ? 
_refine.pdbx_solvent_ion_probe_radii             ? 
_refine.pdbx_solvent_shrinkage_radii             ? 
_refine.overall_SU_R_Cruickshank_DPI             ? 
_refine.overall_SU_R_free                        ? 
_refine.overall_SU_B                             ? 
_refine.overall_SU_ML                            ? 
_refine.pdbx_overall_ESU_R                       ? 
_refine.pdbx_overall_ESU_R_Free                  ? 
_refine.pdbx_data_cutoff_high_rms_absF           ? 
_refine.ls_wR_factor_R_free                      ? 
_refine.ls_wR_factor_R_work                      ? 
_refine.overall_FOM_free_R_set                   ? 
_refine.overall_FOM_work_R_set                   ? 
_refine.pdbx_refine_id                           'X-RAY DIFFRACTION' 
_refine.pdbx_diffrn_id                           1 
_refine.pdbx_TLS_residual_ADP_flag               ? 
_refine.pdbx_overall_phase_error                 ? 
_refine.pdbx_overall_SU_R_free_Cruickshank_DPI   ? 
_refine.pdbx_overall_SU_R_Blow_DPI               ? 
_refine.pdbx_overall_SU_R_free_Blow_DPI          ? 
# 
_refine_hist.pdbx_refine_id                   'X-RAY DIFFRACTION' 
_refine_hist.cycle_id                         LAST 
_refine_hist.pdbx_number_atoms_protein        1336 
_refine_hist.pdbx_number_atoms_nucleic_acid   0 
_refine_hist.pdbx_number_atoms_ligand         0 
_refine_hist.number_atoms_solvent             201 
_refine_hist.number_atoms_total               1537 
_refine_hist.d_res_high                       1.95 
_refine_hist.d_res_low                        20.0 
# 
loop_
_refine_ls_restr.type 
_refine_ls_restr.dev_ideal 
_refine_ls_restr.dev_ideal_target 
_refine_ls_restr.weight 
_refine_ls_restr.number 
_refine_ls_restr.pdbx_refine_id 
_refine_ls_restr.pdbx_restraint_function 
c_bond_d  0.02 ? ? ? 'X-RAY DIFFRACTION' ? 
c_angle_d 1.8  ? ? ? 'X-RAY DIFFRACTION' ? 
# 
_refine_ls_shell.pdbx_total_number_of_bins_used   ? 
_refine_ls_shell.d_res_high                       1.95 
_refine_ls_shell.d_res_low                        2.02 
_refine_ls_shell.number_reflns_R_work             ? 
_refine_ls_shell.R_factor_R_work                  0.215 
_refine_ls_shell.percent_reflns_obs               ? 
_refine_ls_shell.R_factor_R_free                  0.305 
_refine_ls_shell.R_factor_R_free_error            ? 
_refine_ls_shell.percent_reflns_R_free            ? 
_refine_ls_shell.number_reflns_R_free             84 
_refine_ls_shell.number_reflns_obs                1193 
_refine_ls_shell.redundancy_reflns_obs            ? 
_refine_ls_shell.number_reflns_all                ? 
_refine_ls_shell.pdbx_refine_id                   'X-RAY DIFFRACTION' 
_refine_ls_shell.R_factor_all                     ? 
# 
_struct.entry_id                  1IZM 
_struct.title                     'Structure of ygfB from Haemophilus influenzae (HI0817), a Conserved Hypothetical Protein' 
_struct.pdbx_model_details        ? 
_struct.pdbx_CASP_flag            ? 
_struct.pdbx_model_type_details   ? 
# 
_struct_keywords.entry_id        1IZM 
_struct_keywords.pdbx_keywords   'STRUCTURAL GENOMICS, UNKNOWN FUNCTION' 
_struct_keywords.text            
'Structural genomics, hypothetical protein, HI0817, ygfB, Structure 2 Function Project, S2F, UNKNOWN FUNCTION' 
# 
loop_
_struct_asym.id 
_struct_asym.pdbx_blank_PDB_chainid_flag 
_struct_asym.pdbx_modified 
_struct_asym.entity_id 
_struct_asym.details 
A N N 1 ? 
B N N 2 ? 
# 
_struct_ref.id                         1 
_struct_ref.db_name                    UNP 
_struct_ref.db_code                    Y817_HAEIN 
_struct_ref.entity_id                  1 
_struct_ref.pdbx_seq_one_letter_code   
;MLISHSDLNQQLKSAGIGFNATELHGFLSGLLCGGLKDQSWLPLLYQFSNDNHAYPTGLVQPVTELYEQISQTLSDVEGF
TFELGLTEDENVFTQADSLSDWANQFLLGIGLAQPELAKEKGEIGEAVDDLQDICQLGYDEDDNEEELAEALEEIIEYVR
TIAMLFYSHFNEGEIESKPVLH
;
_struct_ref.pdbx_align_begin           1 
_struct_ref.pdbx_db_accession          P44882 
_struct_ref.pdbx_db_isoform            ? 
# 
_struct_ref_seq.align_id                      1 
_struct_ref_seq.ref_id                        1 
_struct_ref_seq.pdbx_PDB_id_code              1IZM 
_struct_ref_seq.pdbx_strand_id                A 
_struct_ref_seq.seq_align_beg                 3 
_struct_ref_seq.pdbx_seq_align_beg_ins_code   ? 
_struct_ref_seq.seq_align_end                 184 
_struct_ref_seq.pdbx_seq_align_end_ins_code   ? 
_struct_ref_seq.pdbx_db_accession             P44882 
_struct_ref_seq.db_align_beg                  1 
_struct_ref_seq.pdbx_db_align_beg_ins_code    ? 
_struct_ref_seq.db_align_end                  182 
_struct_ref_seq.pdbx_db_align_end_ins_code    ? 
_struct_ref_seq.pdbx_auth_seq_align_beg       1 
_struct_ref_seq.pdbx_auth_seq_align_end       182 
# 
loop_
_struct_ref_seq_dif.align_id 
_struct_ref_seq_dif.pdbx_pdb_id_code 
_struct_ref_seq_dif.mon_id 
_struct_ref_seq_dif.pdbx_pdb_strand_id 
_struct_ref_seq_dif.seq_num 
_struct_ref_seq_dif.pdbx_pdb_ins_code 
_struct_ref_seq_dif.pdbx_seq_db_name 
_struct_ref_seq_dif.pdbx_seq_db_accession_code 
_struct_ref_seq_dif.db_mon_id 
_struct_ref_seq_dif.pdbx_seq_db_seq_num 
_struct_ref_seq_dif.details 
_struct_ref_seq_dif.pdbx_auth_seq_num 
_struct_ref_seq_dif.pdbx_ordinal 
1 1IZM GLY A 1   ? UNP P44882 ?   ?   'cloning artifact'    -1  1 
1 1IZM SER A 2   ? UNP P44882 ?   ?   'cloning artifact'    0   2 
1 1IZM MSE A 3   ? UNP P44882 MET 1   'modified residue'    1   3 
1 1IZM MSE A 10  ? UNP P44882 LEU 8   'engineered mutation' 8   4 
1 1IZM MSE A 166 ? UNP P44882 MET 164 'modified residue'    164 5 
# 
_pdbx_struct_assembly.id                   1 
_pdbx_struct_assembly.details              author_defined_assembly 
_pdbx_struct_assembly.method_details       ? 
_pdbx_struct_assembly.oligomeric_details   dimeric 
_pdbx_struct_assembly.oligomeric_count     2 
# 
_pdbx_struct_assembly_gen.assembly_id       1 
_pdbx_struct_assembly_gen.oper_expression   1,2 
_pdbx_struct_assembly_gen.asym_id_list      A,B 
# 
loop_
_pdbx_struct_oper_list.id 
_pdbx_struct_oper_list.type 
_pdbx_struct_oper_list.name 
_pdbx_struct_oper_list.symmetry_operation 
_pdbx_struct_oper_list.matrix[1][1] 
_pdbx_struct_oper_list.matrix[1][2] 
_pdbx_struct_oper_list.matrix[1][3] 
_pdbx_struct_oper_list.vector[1] 
_pdbx_struct_oper_list.matrix[2][1] 
_pdbx_struct_oper_list.matrix[2][2] 
_pdbx_struct_oper_list.matrix[2][3] 
_pdbx_struct_oper_list.vector[2] 
_pdbx_struct_oper_list.matrix[3][1] 
_pdbx_struct_oper_list.matrix[3][2] 
_pdbx_struct_oper_list.matrix[3][3] 
_pdbx_struct_oper_list.vector[3] 
1 'identity operation'         1_555 x,y,z        1.0000000000  0.0000000000 0.0000000000  0.0000000000  0.0000000000 1.0000000000 0.0000000000  0.0000000000 0.0000000000  0.0000000000  1.0000000000  0.0000000000  
2 'crystal symmetry operation' 7_466 y-1,x+1,-z+1 -0.8858096884 0.4158764412 -0.2058834175 23.9434183878 0.4158764412 0.5146049775 -0.7498189800 3.4515400960 -0.2058834175 -0.7498189800 -0.6287952891 20.2518525728 
# 
_struct_biol.id                    1 
_struct_biol.details               
;Dimer.The asymmetric unit contains one monomer.  
The dimer is generated from the monomer by a crystallographic symmetry:  
Y-1, X+1,-Z+1
;
_struct_biol.pdbx_parent_biol_id   ? 
# 
loop_
_struct_conf.conf_type_id 
_struct_conf.id 
_struct_conf.pdbx_PDB_helix_id 
_struct_conf.beg_label_comp_id 
_struct_conf.beg_label_asym_id 
_struct_conf.beg_label_seq_id 
_struct_conf.pdbx_beg_PDB_ins_code 
_struct_conf.end_label_comp_id 
_struct_conf.end_label_asym_id 
_struct_conf.end_label_seq_id 
_struct_conf.pdbx_end_PDB_ins_code 
_struct_conf.beg_auth_comp_id 
_struct_conf.beg_auth_asym_id 
_struct_conf.beg_auth_seq_id 
_struct_conf.end_auth_comp_id 
_struct_conf.end_auth_asym_id 
_struct_conf.end_auth_seq_id 
_struct_conf.pdbx_PDB_helix_class 
_struct_conf.details 
_struct_conf.pdbx_PDB_helix_length 
HELX_P HELX_P1 1 SER A 6   ? ALA A 17  ? SER A 4   ALA A 15  1 ? 12 
HELX_P HELX_P2 2 ASN A 22  ? GLY A 36  ? ASN A 20  GLY A 34  1 ? 15 
HELX_P HELX_P3 3 SER A 42  ? ASN A 52  ? SER A 40  ASN A 50  1 ? 11 
HELX_P HELX_P4 4 LEU A 61  ? SER A 77  ? LEU A 59  SER A 75  1 ? 17 
HELX_P HELX_P5 5 ASN A 93  ? GLN A 116 ? ASN A 91  GLN A 114 1 ? 24 
HELX_P HELX_P6 6 GLU A 118 ? GLU A 122 ? GLU A 116 GLU A 120 5 ? 5  
HELX_P HELX_P7 7 LYS A 123 ? CYS A 137 ? LYS A 121 CYS A 135 1 ? 15 
HELX_P HELX_P8 8 GLU A 147 ? ASN A 173 ? GLU A 145 ASN A 171 1 ? 27 
# 
_struct_conf_type.id          HELX_P 
_struct_conf_type.criteria    ? 
_struct_conf_type.reference   ? 
# 
loop_
_struct_conn.id 
_struct_conn.conn_type_id 
_struct_conn.pdbx_leaving_atom_flag 
_struct_conn.pdbx_PDB_id 
_struct_conn.ptnr1_label_asym_id 
_struct_conn.ptnr1_label_comp_id 
_struct_conn.ptnr1_label_seq_id 
_struct_conn.ptnr1_label_atom_id 
_struct_conn.pdbx_ptnr1_label_alt_id 
_struct_conn.pdbx_ptnr1_PDB_ins_code 
_struct_conn.pdbx_ptnr1_standard_comp_id 
_struct_conn.ptnr1_symmetry 
_struct_conn.ptnr2_label_asym_id 
_struct_conn.ptnr2_label_comp_id 
_struct_conn.ptnr2_label_seq_id 
_struct_conn.ptnr2_label_atom_id 
_struct_conn.pdbx_ptnr2_label_alt_id 
_struct_conn.pdbx_ptnr2_PDB_ins_code 
_struct_conn.ptnr1_auth_asym_id 
_struct_conn.ptnr1_auth_comp_id 
_struct_conn.ptnr1_auth_seq_id 
_struct_conn.ptnr2_auth_asym_id 
_struct_conn.ptnr2_auth_comp_id 
_struct_conn.ptnr2_auth_seq_id 
_struct_conn.ptnr2_symmetry 
_struct_conn.pdbx_ptnr3_label_atom_id 
_struct_conn.pdbx_ptnr3_label_seq_id 
_struct_conn.pdbx_ptnr3_label_comp_id 
_struct_conn.pdbx_ptnr3_label_asym_id 
_struct_conn.pdbx_ptnr3_label_alt_id 
_struct_conn.pdbx_ptnr3_PDB_ins_code 
_struct_conn.details 
_struct_conn.pdbx_dist_value 
_struct_conn.pdbx_value_order 
_struct_conn.pdbx_role 
covale1 covale both ? A ASP 9   C ? ? ? 1_555 A MSE 10  N ? ? A ASP 7   A MSE 8   1_555 ? ? ? ? ? ? ? 1.322 ? ? 
covale2 covale both ? A MSE 10  C ? ? ? 1_555 A ASN 11  N ? ? A MSE 8   A ASN 9   1_555 ? ? ? ? ? ? ? 1.337 ? ? 
covale3 covale both ? A ALA 165 C ? ? ? 1_555 A MSE 166 N ? ? A ALA 163 A MSE 164 1_555 ? ? ? ? ? ? ? 1.325 ? ? 
covale4 covale both ? A MSE 166 C ? ? ? 1_555 A LEU 167 N ? ? A MSE 164 A LEU 165 1_555 ? ? ? ? ? ? ? 1.329 ? ? 
# 
_struct_conn_type.id          covale 
_struct_conn_type.criteria    ? 
_struct_conn_type.reference   ? 
# 
loop_
_pdbx_modification_feature.ordinal 
_pdbx_modification_feature.label_comp_id 
_pdbx_modification_feature.label_asym_id 
_pdbx_modification_feature.label_seq_id 
_pdbx_modification_feature.label_alt_id 
_pdbx_modification_feature.modified_residue_label_comp_id 
_pdbx_modification_feature.modified_residue_label_asym_id 
_pdbx_modification_feature.modified_residue_label_seq_id 
_pdbx_modification_feature.modified_residue_label_alt_id 
_pdbx_modification_feature.auth_comp_id 
_pdbx_modification_feature.auth_asym_id 
_pdbx_modification_feature.auth_seq_id 
_pdbx_modification_feature.PDB_ins_code 
_pdbx_modification_feature.symmetry 
_pdbx_modification_feature.modified_residue_auth_comp_id 
_pdbx_modification_feature.modified_residue_auth_asym_id 
_pdbx_modification_feature.modified_residue_auth_seq_id 
_pdbx_modification_feature.modified_residue_PDB_ins_code 
_pdbx_modification_feature.modified_residue_symmetry 
_pdbx_modification_feature.comp_id_linking_atom 
_pdbx_modification_feature.modified_residue_id_linking_atom 
_pdbx_modification_feature.modified_residue_id 
_pdbx_modification_feature.ref_pcm_id 
_pdbx_modification_feature.ref_comp_id 
_pdbx_modification_feature.type 
_pdbx_modification_feature.category 
1 MSE A 10  ? . . . . MSE A 8   ? 1_555 . . . . . . . MET 1 MSE Selenomethionine 'Named protein modification' 
2 MSE A 166 ? . . . . MSE A 164 ? 1_555 . . . . . . . MET 1 MSE Selenomethionine 'Named protein modification' 
# 
_pdbx_entry_details.entry_id                   1IZM 
_pdbx_entry_details.compound_details           ? 
_pdbx_entry_details.source_details             ? 
_pdbx_entry_details.nonpolymer_details         ? 
_pdbx_entry_details.sequence_details           ? 
_pdbx_entry_details.has_ligand_of_interest     ? 
_pdbx_entry_details.has_protein_modification   Y 
# 
_pdbx_validate_close_contact.id               1 
_pdbx_validate_close_contact.PDB_model_num    1 
_pdbx_validate_close_contact.auth_atom_id_1   O 
_pdbx_validate_close_contact.auth_asym_id_1   A 
_pdbx_validate_close_contact.auth_comp_id_1   ASP 
_pdbx_validate_close_contact.auth_seq_id_1    76 
_pdbx_validate_close_contact.PDB_ins_code_1   ? 
_pdbx_validate_close_contact.label_alt_id_1   ? 
_pdbx_validate_close_contact.auth_atom_id_2   N 
_pdbx_validate_close_contact.auth_asym_id_2   A 
_pdbx_validate_close_contact.auth_comp_id_2   GLU 
_pdbx_validate_close_contact.auth_seq_id_2    78 
_pdbx_validate_close_contact.PDB_ins_code_2   ? 
_pdbx_validate_close_contact.label_alt_id_2   ? 
_pdbx_validate_close_contact.dist             2.05 
# 
_pdbx_validate_symm_contact.id                1 
_pdbx_validate_symm_contact.PDB_model_num     1 
_pdbx_validate_symm_contact.auth_atom_id_1    OE2 
_pdbx_validate_symm_contact.auth_asym_id_1    A 
_pdbx_validate_symm_contact.auth_comp_id_1    GLU 
_pdbx_validate_symm_contact.auth_seq_id_1     126 
_pdbx_validate_symm_contact.PDB_ins_code_1    ? 
_pdbx_validate_symm_contact.label_alt_id_1    ? 
_pdbx_validate_symm_contact.site_symmetry_1   1_555 
_pdbx_validate_symm_contact.auth_atom_id_2    OE1 
_pdbx_validate_symm_contact.auth_asym_id_2    A 
_pdbx_validate_symm_contact.auth_comp_id_2    GLU 
_pdbx_validate_symm_contact.auth_seq_id_2     157 
_pdbx_validate_symm_contact.PDB_ins_code_2    ? 
_pdbx_validate_symm_contact.label_alt_id_2    ? 
_pdbx_validate_symm_contact.site_symmetry_2   7_466 
_pdbx_validate_symm_contact.dist              2.15 
# 
_pdbx_validate_rmsd_bond.id                        1 
_pdbx_validate_rmsd_bond.PDB_model_num             1 
_pdbx_validate_rmsd_bond.auth_atom_id_1            CB 
_pdbx_validate_rmsd_bond.auth_asym_id_1            A 
_pdbx_validate_rmsd_bond.auth_comp_id_1            CYS 
_pdbx_validate_rmsd_bond.auth_seq_id_1             135 
_pdbx_validate_rmsd_bond.PDB_ins_code_1            ? 
_pdbx_validate_rmsd_bond.label_alt_id_1            ? 
_pdbx_validate_rmsd_bond.auth_atom_id_2            SG 
_pdbx_validate_rmsd_bond.auth_asym_id_2            A 
_pdbx_validate_rmsd_bond.auth_comp_id_2            CYS 
_pdbx_validate_rmsd_bond.auth_seq_id_2             135 
_pdbx_validate_rmsd_bond.PDB_ins_code_2            ? 
_pdbx_validate_rmsd_bond.label_alt_id_2            ? 
_pdbx_validate_rmsd_bond.bond_value                1.698 
_pdbx_validate_rmsd_bond.bond_target_value         1.812 
_pdbx_validate_rmsd_bond.bond_deviation            -0.114 
_pdbx_validate_rmsd_bond.bond_standard_deviation   0.016 
_pdbx_validate_rmsd_bond.linker_flag               N 
# 
loop_
_pdbx_validate_torsion.id 
_pdbx_validate_torsion.PDB_model_num 
_pdbx_validate_torsion.auth_comp_id 
_pdbx_validate_torsion.auth_asym_id 
_pdbx_validate_torsion.auth_seq_id 
_pdbx_validate_torsion.PDB_ins_code 
_pdbx_validate_torsion.label_alt_id 
_pdbx_validate_torsion.phi 
_pdbx_validate_torsion.psi 
1 1 ASP A 38  ? ? -107.50 -160.75 
2 1 ASN A 50  ? ? -150.02 29.42   
3 1 ASP A 76  ? ? 83.07   52.73   
4 1 VAL A 77  ? ? -47.15  81.83   
5 1 GLU A 78  ? ? 45.41   75.56   
6 1 LYS A 121 ? ? -119.25 -159.69 
7 1 ASP A 140 ? ? 171.32  -175.10 
8 1 GLU A 141 ? ? 88.02   -178.09 
9 1 ASN A 144 ? ? 56.03   13.31   
# 
_pdbx_SG_project.id                    1 
_pdbx_SG_project.project_name          ? 
_pdbx_SG_project.full_name_of_center   'Structure 2 Function Project' 
_pdbx_SG_project.initial_of_center     S2F 
# 
loop_
_pdbx_struct_mod_residue.id 
_pdbx_struct_mod_residue.label_asym_id 
_pdbx_struct_mod_residue.label_comp_id 
_pdbx_struct_mod_residue.label_seq_id 
_pdbx_struct_mod_residue.auth_asym_id 
_pdbx_struct_mod_residue.auth_comp_id 
_pdbx_struct_mod_residue.auth_seq_id 
_pdbx_struct_mod_residue.PDB_ins_code 
_pdbx_struct_mod_residue.parent_comp_id 
_pdbx_struct_mod_residue.details 
1 A MSE 10  A MSE 8   ? MET SELENOMETHIONINE 
2 A MSE 166 A MSE 164 ? MET SELENOMETHIONINE 
# 
loop_
_pdbx_unobs_or_zero_occ_residues.id 
_pdbx_unobs_or_zero_occ_residues.PDB_model_num 
_pdbx_unobs_or_zero_occ_residues.polymer_flag 
_pdbx_unobs_or_zero_occ_residues.occupancy_flag 
_pdbx_unobs_or_zero_occ_residues.auth_asym_id 
_pdbx_unobs_or_zero_occ_residues.auth_comp_id 
_pdbx_unobs_or_zero_occ_residues.auth_seq_id 
_pdbx_unobs_or_zero_occ_residues.PDB_ins_code 
_pdbx_unobs_or_zero_occ_residues.label_asym_id 
_pdbx_unobs_or_zero_occ_residues.label_comp_id 
_pdbx_unobs_or_zero_occ_residues.label_seq_id 
1  1 Y 1 A GLY -1  ? A GLY 1   
2  1 Y 1 A SER 0   ? A SER 2   
3  1 Y 1 A MSE 1   ? A MSE 3   
4  1 Y 1 A GLU 172 ? A GLU 174 
5  1 Y 1 A GLY 173 ? A GLY 175 
6  1 Y 1 A GLU 174 ? A GLU 176 
7  1 Y 1 A ILE 175 ? A ILE 177 
8  1 Y 1 A GLU 176 ? A GLU 178 
9  1 Y 1 A SER 177 ? A SER 179 
10 1 Y 1 A LYS 178 ? A LYS 180 
11 1 Y 1 A PRO 179 ? A PRO 181 
12 1 Y 1 A VAL 180 ? A VAL 182 
13 1 Y 1 A LEU 181 ? A LEU 183 
14 1 Y 1 A HIS 182 ? A HIS 184 
# 
loop_
_chem_comp_atom.comp_id 
_chem_comp_atom.atom_id 
_chem_comp_atom.type_symbol 
_chem_comp_atom.pdbx_aromatic_flag 
_chem_comp_atom.pdbx_stereo_config 
_chem_comp_atom.pdbx_ordinal 
ALA N    N  N N 1   
ALA CA   C  N S 2   
ALA C    C  N N 3   
ALA O    O  N N 4   
ALA CB   C  N N 5   
ALA OXT  O  N N 6   
ALA H    H  N N 7   
ALA H2   H  N N 8   
ALA HA   H  N N 9   
ALA HB1  H  N N 10  
ALA HB2  H  N N 11  
ALA HB3  H  N N 12  
ALA HXT  H  N N 13  
ARG N    N  N N 14  
ARG CA   C  N S 15  
ARG C    C  N N 16  
ARG O    O  N N 17  
ARG CB   C  N N 18  
ARG CG   C  N N 19  
ARG CD   C  N N 20  
ARG NE   N  N N 21  
ARG CZ   C  N N 22  
ARG NH1  N  N N 23  
ARG NH2  N  N N 24  
ARG OXT  O  N N 25  
ARG H    H  N N 26  
ARG H2   H  N N 27  
ARG HA   H  N N 28  
ARG HB2  H  N N 29  
ARG HB3  H  N N 30  
ARG HG2  H  N N 31  
ARG HG3  H  N N 32  
ARG HD2  H  N N 33  
ARG HD3  H  N N 34  
ARG HE   H  N N 35  
ARG HH11 H  N N 36  
ARG HH12 H  N N 37  
ARG HH21 H  N N 38  
ARG HH22 H  N N 39  
ARG HXT  H  N N 40  
ASN N    N  N N 41  
ASN CA   C  N S 42  
ASN C    C  N N 43  
ASN O    O  N N 44  
ASN CB   C  N N 45  
ASN CG   C  N N 46  
ASN OD1  O  N N 47  
ASN ND2  N  N N 48  
ASN OXT  O  N N 49  
ASN H    H  N N 50  
ASN H2   H  N N 51  
ASN HA   H  N N 52  
ASN HB2  H  N N 53  
ASN HB3  H  N N 54  
ASN HD21 H  N N 55  
ASN HD22 H  N N 56  
ASN HXT  H  N N 57  
ASP N    N  N N 58  
ASP CA   C  N S 59  
ASP C    C  N N 60  
ASP O    O  N N 61  
ASP CB   C  N N 62  
ASP CG   C  N N 63  
ASP OD1  O  N N 64  
ASP OD2  O  N N 65  
ASP OXT  O  N N 66  
ASP H    H  N N 67  
ASP H2   H  N N 68  
ASP HA   H  N N 69  
ASP HB2  H  N N 70  
ASP HB3  H  N N 71  
ASP HD2  H  N N 72  
ASP HXT  H  N N 73  
CYS N    N  N N 74  
CYS CA   C  N R 75  
CYS C    C  N N 76  
CYS O    O  N N 77  
CYS CB   C  N N 78  
CYS SG   S  N N 79  
CYS OXT  O  N N 80  
CYS H    H  N N 81  
CYS H2   H  N N 82  
CYS HA   H  N N 83  
CYS HB2  H  N N 84  
CYS HB3  H  N N 85  
CYS HG   H  N N 86  
CYS HXT  H  N N 87  
GLN N    N  N N 88  
GLN CA   C  N S 89  
GLN C    C  N N 90  
GLN O    O  N N 91  
GLN CB   C  N N 92  
GLN CG   C  N N 93  
GLN CD   C  N N 94  
GLN OE1  O  N N 95  
GLN NE2  N  N N 96  
GLN OXT  O  N N 97  
GLN H    H  N N 98  
GLN H2   H  N N 99  
GLN HA   H  N N 100 
GLN HB2  H  N N 101 
GLN HB3  H  N N 102 
GLN HG2  H  N N 103 
GLN HG3  H  N N 104 
GLN HE21 H  N N 105 
GLN HE22 H  N N 106 
GLN HXT  H  N N 107 
GLU N    N  N N 108 
GLU CA   C  N S 109 
GLU C    C  N N 110 
GLU O    O  N N 111 
GLU CB   C  N N 112 
GLU CG   C  N N 113 
GLU CD   C  N N 114 
GLU OE1  O  N N 115 
GLU OE2  O  N N 116 
GLU OXT  O  N N 117 
GLU H    H  N N 118 
GLU H2   H  N N 119 
GLU HA   H  N N 120 
GLU HB2  H  N N 121 
GLU HB3  H  N N 122 
GLU HG2  H  N N 123 
GLU HG3  H  N N 124 
GLU HE2  H  N N 125 
GLU HXT  H  N N 126 
GLY N    N  N N 127 
GLY CA   C  N N 128 
GLY C    C  N N 129 
GLY O    O  N N 130 
GLY OXT  O  N N 131 
GLY H    H  N N 132 
GLY H2   H  N N 133 
GLY HA2  H  N N 134 
GLY HA3  H  N N 135 
GLY HXT  H  N N 136 
HIS N    N  N N 137 
HIS CA   C  N S 138 
HIS C    C  N N 139 
HIS O    O  N N 140 
HIS CB   C  N N 141 
HIS CG   C  Y N 142 
HIS ND1  N  Y N 143 
HIS CD2  C  Y N 144 
HIS CE1  C  Y N 145 
HIS NE2  N  Y N 146 
HIS OXT  O  N N 147 
HIS H    H  N N 148 
HIS H2   H  N N 149 
HIS HA   H  N N 150 
HIS HB2  H  N N 151 
HIS HB3  H  N N 152 
HIS HD1  H  N N 153 
HIS HD2  H  N N 154 
HIS HE1  H  N N 155 
HIS HE2  H  N N 156 
HIS HXT  H  N N 157 
HOH O    O  N N 158 
HOH H1   H  N N 159 
HOH H2   H  N N 160 
ILE N    N  N N 161 
ILE CA   C  N S 162 
ILE C    C  N N 163 
ILE O    O  N N 164 
ILE CB   C  N S 165 
ILE CG1  C  N N 166 
ILE CG2  C  N N 167 
ILE CD1  C  N N 168 
ILE OXT  O  N N 169 
ILE H    H  N N 170 
ILE H2   H  N N 171 
ILE HA   H  N N 172 
ILE HB   H  N N 173 
ILE HG12 H  N N 174 
ILE HG13 H  N N 175 
ILE HG21 H  N N 176 
ILE HG22 H  N N 177 
ILE HG23 H  N N 178 
ILE HD11 H  N N 179 
ILE HD12 H  N N 180 
ILE HD13 H  N N 181 
ILE HXT  H  N N 182 
LEU N    N  N N 183 
LEU CA   C  N S 184 
LEU C    C  N N 185 
LEU O    O  N N 186 
LEU CB   C  N N 187 
LEU CG   C  N N 188 
LEU CD1  C  N N 189 
LEU CD2  C  N N 190 
LEU OXT  O  N N 191 
LEU H    H  N N 192 
LEU H2   H  N N 193 
LEU HA   H  N N 194 
LEU HB2  H  N N 195 
LEU HB3  H  N N 196 
LEU HG   H  N N 197 
LEU HD11 H  N N 198 
LEU HD12 H  N N 199 
LEU HD13 H  N N 200 
LEU HD21 H  N N 201 
LEU HD22 H  N N 202 
LEU HD23 H  N N 203 
LEU HXT  H  N N 204 
LYS N    N  N N 205 
LYS CA   C  N S 206 
LYS C    C  N N 207 
LYS O    O  N N 208 
LYS CB   C  N N 209 
LYS CG   C  N N 210 
LYS CD   C  N N 211 
LYS CE   C  N N 212 
LYS NZ   N  N N 213 
LYS OXT  O  N N 214 
LYS H    H  N N 215 
LYS H2   H  N N 216 
LYS HA   H  N N 217 
LYS HB2  H  N N 218 
LYS HB3  H  N N 219 
LYS HG2  H  N N 220 
LYS HG3  H  N N 221 
LYS HD2  H  N N 222 
LYS HD3  H  N N 223 
LYS HE2  H  N N 224 
LYS HE3  H  N N 225 
LYS HZ1  H  N N 226 
LYS HZ2  H  N N 227 
LYS HZ3  H  N N 228 
LYS HXT  H  N N 229 
MET N    N  N N 230 
MET CA   C  N S 231 
MET C    C  N N 232 
MET O    O  N N 233 
MET CB   C  N N 234 
MET CG   C  N N 235 
MET SD   S  N N 236 
MET CE   C  N N 237 
MET OXT  O  N N 238 
MET H    H  N N 239 
MET H2   H  N N 240 
MET HA   H  N N 241 
MET HB2  H  N N 242 
MET HB3  H  N N 243 
MET HG2  H  N N 244 
MET HG3  H  N N 245 
MET HE1  H  N N 246 
MET HE2  H  N N 247 
MET HE3  H  N N 248 
MET HXT  H  N N 249 
MSE N    N  N N 250 
MSE CA   C  N S 251 
MSE C    C  N N 252 
MSE O    O  N N 253 
MSE OXT  O  N N 254 
MSE CB   C  N N 255 
MSE CG   C  N N 256 
MSE SE   SE N N 257 
MSE CE   C  N N 258 
MSE H    H  N N 259 
MSE H2   H  N N 260 
MSE HA   H  N N 261 
MSE HXT  H  N N 262 
MSE HB2  H  N N 263 
MSE HB3  H  N N 264 
MSE HG2  H  N N 265 
MSE HG3  H  N N 266 
MSE HE1  H  N N 267 
MSE HE2  H  N N 268 
MSE HE3  H  N N 269 
PHE N    N  N N 270 
PHE CA   C  N S 271 
PHE C    C  N N 272 
PHE O    O  N N 273 
PHE CB   C  N N 274 
PHE CG   C  Y N 275 
PHE CD1  C  Y N 276 
PHE CD2  C  Y N 277 
PHE CE1  C  Y N 278 
PHE CE2  C  Y N 279 
PHE CZ   C  Y N 280 
PHE OXT  O  N N 281 
PHE H    H  N N 282 
PHE H2   H  N N 283 
PHE HA   H  N N 284 
PHE HB2  H  N N 285 
PHE HB3  H  N N 286 
PHE HD1  H  N N 287 
PHE HD2  H  N N 288 
PHE HE1  H  N N 289 
PHE HE2  H  N N 290 
PHE HZ   H  N N 291 
PHE HXT  H  N N 292 
PRO N    N  N N 293 
PRO CA   C  N S 294 
PRO C    C  N N 295 
PRO O    O  N N 296 
PRO CB   C  N N 297 
PRO CG   C  N N 298 
PRO CD   C  N N 299 
PRO OXT  O  N N 300 
PRO H    H  N N 301 
PRO HA   H  N N 302 
PRO HB2  H  N N 303 
PRO HB3  H  N N 304 
PRO HG2  H  N N 305 
PRO HG3  H  N N 306 
PRO HD2  H  N N 307 
PRO HD3  H  N N 308 
PRO HXT  H  N N 309 
SER N    N  N N 310 
SER CA   C  N S 311 
SER C    C  N N 312 
SER O    O  N N 313 
SER CB   C  N N 314 
SER OG   O  N N 315 
SER OXT  O  N N 316 
SER H    H  N N 317 
SER H2   H  N N 318 
SER HA   H  N N 319 
SER HB2  H  N N 320 
SER HB3  H  N N 321 
SER HG   H  N N 322 
SER HXT  H  N N 323 
THR N    N  N N 324 
THR CA   C  N S 325 
THR C    C  N N 326 
THR O    O  N N 327 
THR CB   C  N R 328 
THR OG1  O  N N 329 
THR CG2  C  N N 330 
THR OXT  O  N N 331 
THR H    H  N N 332 
THR H2   H  N N 333 
THR HA   H  N N 334 
THR HB   H  N N 335 
THR HG1  H  N N 336 
THR HG21 H  N N 337 
THR HG22 H  N N 338 
THR HG23 H  N N 339 
THR HXT  H  N N 340 
TRP N    N  N N 341 
TRP CA   C  N S 342 
TRP C    C  N N 343 
TRP O    O  N N 344 
TRP CB   C  N N 345 
TRP CG   C  Y N 346 
TRP CD1  C  Y N 347 
TRP CD2  C  Y N 348 
TRP NE1  N  Y N 349 
TRP CE2  C  Y N 350 
TRP CE3  C  Y N 351 
TRP CZ2  C  Y N 352 
TRP CZ3  C  Y N 353 
TRP CH2  C  Y N 354 
TRP OXT  O  N N 355 
TRP H    H  N N 356 
TRP H2   H  N N 357 
TRP HA   H  N N 358 
TRP HB2  H  N N 359 
TRP HB3  H  N N 360 
TRP HD1  H  N N 361 
TRP HE1  H  N N 362 
TRP HE3  H  N N 363 
TRP HZ2  H  N N 364 
TRP HZ3  H  N N 365 
TRP HH2  H  N N 366 
TRP HXT  H  N N 367 
TYR N    N  N N 368 
TYR CA   C  N S 369 
TYR C    C  N N 370 
TYR O    O  N N 371 
TYR CB   C  N N 372 
TYR CG   C  Y N 373 
TYR CD1  C  Y N 374 
TYR CD2  C  Y N 375 
TYR CE1  C  Y N 376 
TYR CE2  C  Y N 377 
TYR CZ   C  Y N 378 
TYR OH   O  N N 379 
TYR OXT  O  N N 380 
TYR H    H  N N 381 
TYR H2   H  N N 382 
TYR HA   H  N N 383 
TYR HB2  H  N N 384 
TYR HB3  H  N N 385 
TYR HD1  H  N N 386 
TYR HD2  H  N N 387 
TYR HE1  H  N N 388 
TYR HE2  H  N N 389 
TYR HH   H  N N 390 
TYR HXT  H  N N 391 
VAL N    N  N N 392 
VAL CA   C  N S 393 
VAL C    C  N N 394 
VAL O    O  N N 395 
VAL CB   C  N N 396 
VAL CG1  C  N N 397 
VAL CG2  C  N N 398 
VAL OXT  O  N N 399 
VAL H    H  N N 400 
VAL H2   H  N N 401 
VAL HA   H  N N 402 
VAL HB   H  N N 403 
VAL HG11 H  N N 404 
VAL HG12 H  N N 405 
VAL HG13 H  N N 406 
VAL HG21 H  N N 407 
VAL HG22 H  N N 408 
VAL HG23 H  N N 409 
VAL HXT  H  N N 410 
# 
loop_
_chem_comp_bond.comp_id 
_chem_comp_bond.atom_id_1 
_chem_comp_bond.atom_id_2 
_chem_comp_bond.value_order 
_chem_comp_bond.pdbx_aromatic_flag 
_chem_comp_bond.pdbx_stereo_config 
_chem_comp_bond.pdbx_ordinal 
ALA N   CA   sing N N 1   
ALA N   H    sing N N 2   
ALA N   H2   sing N N 3   
ALA CA  C    sing N N 4   
ALA CA  CB   sing N N 5   
ALA CA  HA   sing N N 6   
ALA C   O    doub N N 7   
ALA C   OXT  sing N N 8   
ALA CB  HB1  sing N N 9   
ALA CB  HB2  sing N N 10  
ALA CB  HB3  sing N N 11  
ALA OXT HXT  sing N N 12  
ARG N   CA   sing N N 13  
ARG N   H    sing N N 14  
ARG N   H2   sing N N 15  
ARG CA  C    sing N N 16  
ARG CA  CB   sing N N 17  
ARG CA  HA   sing N N 18  
ARG C   O    doub N N 19  
ARG C   OXT  sing N N 20  
ARG CB  CG   sing N N 21  
ARG CB  HB2  sing N N 22  
ARG CB  HB3  sing N N 23  
ARG CG  CD   sing N N 24  
ARG CG  HG2  sing N N 25  
ARG CG  HG3  sing N N 26  
ARG CD  NE   sing N N 27  
ARG CD  HD2  sing N N 28  
ARG CD  HD3  sing N N 29  
ARG NE  CZ   sing N N 30  
ARG NE  HE   sing N N 31  
ARG CZ  NH1  sing N N 32  
ARG CZ  NH2  doub N N 33  
ARG NH1 HH11 sing N N 34  
ARG NH1 HH12 sing N N 35  
ARG NH2 HH21 sing N N 36  
ARG NH2 HH22 sing N N 37  
ARG OXT HXT  sing N N 38  
ASN N   CA   sing N N 39  
ASN N   H    sing N N 40  
ASN N   H2   sing N N 41  
ASN CA  C    sing N N 42  
ASN CA  CB   sing N N 43  
ASN CA  HA   sing N N 44  
ASN C   O    doub N N 45  
ASN C   OXT  sing N N 46  
ASN CB  CG   sing N N 47  
ASN CB  HB2  sing N N 48  
ASN CB  HB3  sing N N 49  
ASN CG  OD1  doub N N 50  
ASN CG  ND2  sing N N 51  
ASN ND2 HD21 sing N N 52  
ASN ND2 HD22 sing N N 53  
ASN OXT HXT  sing N N 54  
ASP N   CA   sing N N 55  
ASP N   H    sing N N 56  
ASP N   H2   sing N N 57  
ASP CA  C    sing N N 58  
ASP CA  CB   sing N N 59  
ASP CA  HA   sing N N 60  
ASP C   O    doub N N 61  
ASP C   OXT  sing N N 62  
ASP CB  CG   sing N N 63  
ASP CB  HB2  sing N N 64  
ASP CB  HB3  sing N N 65  
ASP CG  OD1  doub N N 66  
ASP CG  OD2  sing N N 67  
ASP OD2 HD2  sing N N 68  
ASP OXT HXT  sing N N 69  
CYS N   CA   sing N N 70  
CYS N   H    sing N N 71  
CYS N   H2   sing N N 72  
CYS CA  C    sing N N 73  
CYS CA  CB   sing N N 74  
CYS CA  HA   sing N N 75  
CYS C   O    doub N N 76  
CYS C   OXT  sing N N 77  
CYS CB  SG   sing N N 78  
CYS CB  HB2  sing N N 79  
CYS CB  HB3  sing N N 80  
CYS SG  HG   sing N N 81  
CYS OXT HXT  sing N N 82  
GLN N   CA   sing N N 83  
GLN N   H    sing N N 84  
GLN N   H2   sing N N 85  
GLN CA  C    sing N N 86  
GLN CA  CB   sing N N 87  
GLN CA  HA   sing N N 88  
GLN C   O    doub N N 89  
GLN C   OXT  sing N N 90  
GLN CB  CG   sing N N 91  
GLN CB  HB2  sing N N 92  
GLN CB  HB3  sing N N 93  
GLN CG  CD   sing N N 94  
GLN CG  HG2  sing N N 95  
GLN CG  HG3  sing N N 96  
GLN CD  OE1  doub N N 97  
GLN CD  NE2  sing N N 98  
GLN NE2 HE21 sing N N 99  
GLN NE2 HE22 sing N N 100 
GLN OXT HXT  sing N N 101 
GLU N   CA   sing N N 102 
GLU N   H    sing N N 103 
GLU N   H2   sing N N 104 
GLU CA  C    sing N N 105 
GLU CA  CB   sing N N 106 
GLU CA  HA   sing N N 107 
GLU C   O    doub N N 108 
GLU C   OXT  sing N N 109 
GLU CB  CG   sing N N 110 
GLU CB  HB2  sing N N 111 
GLU CB  HB3  sing N N 112 
GLU CG  CD   sing N N 113 
GLU CG  HG2  sing N N 114 
GLU CG  HG3  sing N N 115 
GLU CD  OE1  doub N N 116 
GLU CD  OE2  sing N N 117 
GLU OE2 HE2  sing N N 118 
GLU OXT HXT  sing N N 119 
GLY N   CA   sing N N 120 
GLY N   H    sing N N 121 
GLY N   H2   sing N N 122 
GLY CA  C    sing N N 123 
GLY CA  HA2  sing N N 124 
GLY CA  HA3  sing N N 125 
GLY C   O    doub N N 126 
GLY C   OXT  sing N N 127 
GLY OXT HXT  sing N N 128 
HIS N   CA   sing N N 129 
HIS N   H    sing N N 130 
HIS N   H2   sing N N 131 
HIS CA  C    sing N N 132 
HIS CA  CB   sing N N 133 
HIS CA  HA   sing N N 134 
HIS C   O    doub N N 135 
HIS C   OXT  sing N N 136 
HIS CB  CG   sing N N 137 
HIS CB  HB2  sing N N 138 
HIS CB  HB3  sing N N 139 
HIS CG  ND1  sing Y N 140 
HIS CG  CD2  doub Y N 141 
HIS ND1 CE1  doub Y N 142 
HIS ND1 HD1  sing N N 143 
HIS CD2 NE2  sing Y N 144 
HIS CD2 HD2  sing N N 145 
HIS CE1 NE2  sing Y N 146 
HIS CE1 HE1  sing N N 147 
HIS NE2 HE2  sing N N 148 
HIS OXT HXT  sing N N 149 
HOH O   H1   sing N N 150 
HOH O   H2   sing N N 151 
ILE N   CA   sing N N 152 
ILE N   H    sing N N 153 
ILE N   H2   sing N N 154 
ILE CA  C    sing N N 155 
ILE CA  CB   sing N N 156 
ILE CA  HA   sing N N 157 
ILE C   O    doub N N 158 
ILE C   OXT  sing N N 159 
ILE CB  CG1  sing N N 160 
ILE CB  CG2  sing N N 161 
ILE CB  HB   sing N N 162 
ILE CG1 CD1  sing N N 163 
ILE CG1 HG12 sing N N 164 
ILE CG1 HG13 sing N N 165 
ILE CG2 HG21 sing N N 166 
ILE CG2 HG22 sing N N 167 
ILE CG2 HG23 sing N N 168 
ILE CD1 HD11 sing N N 169 
ILE CD1 HD12 sing N N 170 
ILE CD1 HD13 sing N N 171 
ILE OXT HXT  sing N N 172 
LEU N   CA   sing N N 173 
LEU N   H    sing N N 174 
LEU N   H2   sing N N 175 
LEU CA  C    sing N N 176 
LEU CA  CB   sing N N 177 
LEU CA  HA   sing N N 178 
LEU C   O    doub N N 179 
LEU C   OXT  sing N N 180 
LEU CB  CG   sing N N 181 
LEU CB  HB2  sing N N 182 
LEU CB  HB3  sing N N 183 
LEU CG  CD1  sing N N 184 
LEU CG  CD2  sing N N 185 
LEU CG  HG   sing N N 186 
LEU CD1 HD11 sing N N 187 
LEU CD1 HD12 sing N N 188 
LEU CD1 HD13 sing N N 189 
LEU CD2 HD21 sing N N 190 
LEU CD2 HD22 sing N N 191 
LEU CD2 HD23 sing N N 192 
LEU OXT HXT  sing N N 193 
LYS N   CA   sing N N 194 
LYS N   H    sing N N 195 
LYS N   H2   sing N N 196 
LYS CA  C    sing N N 197 
LYS CA  CB   sing N N 198 
LYS CA  HA   sing N N 199 
LYS C   O    doub N N 200 
LYS C   OXT  sing N N 201 
LYS CB  CG   sing N N 202 
LYS CB  HB2  sing N N 203 
LYS CB  HB3  sing N N 204 
LYS CG  CD   sing N N 205 
LYS CG  HG2  sing N N 206 
LYS CG  HG3  sing N N 207 
LYS CD  CE   sing N N 208 
LYS CD  HD2  sing N N 209 
LYS CD  HD3  sing N N 210 
LYS CE  NZ   sing N N 211 
LYS CE  HE2  sing N N 212 
LYS CE  HE3  sing N N 213 
LYS NZ  HZ1  sing N N 214 
LYS NZ  HZ2  sing N N 215 
LYS NZ  HZ3  sing N N 216 
LYS OXT HXT  sing N N 217 
MET N   CA   sing N N 218 
MET N   H    sing N N 219 
MET N   H2   sing N N 220 
MET CA  C    sing N N 221 
MET CA  CB   sing N N 222 
MET CA  HA   sing N N 223 
MET C   O    doub N N 224 
MET C   OXT  sing N N 225 
MET CB  CG   sing N N 226 
MET CB  HB2  sing N N 227 
MET CB  HB3  sing N N 228 
MET CG  SD   sing N N 229 
MET CG  HG2  sing N N 230 
MET CG  HG3  sing N N 231 
MET SD  CE   sing N N 232 
MET CE  HE1  sing N N 233 
MET CE  HE2  sing N N 234 
MET CE  HE3  sing N N 235 
MET OXT HXT  sing N N 236 
MSE N   CA   sing N N 237 
MSE N   H    sing N N 238 
MSE N   H2   sing N N 239 
MSE CA  C    sing N N 240 
MSE CA  CB   sing N N 241 
MSE CA  HA   sing N N 242 
MSE C   O    doub N N 243 
MSE C   OXT  sing N N 244 
MSE OXT HXT  sing N N 245 
MSE CB  CG   sing N N 246 
MSE CB  HB2  sing N N 247 
MSE CB  HB3  sing N N 248 
MSE CG  SE   sing N N 249 
MSE CG  HG2  sing N N 250 
MSE CG  HG3  sing N N 251 
MSE SE  CE   sing N N 252 
MSE CE  HE1  sing N N 253 
MSE CE  HE2  sing N N 254 
MSE CE  HE3  sing N N 255 
PHE N   CA   sing N N 256 
PHE N   H    sing N N 257 
PHE N   H2   sing N N 258 
PHE CA  C    sing N N 259 
PHE CA  CB   sing N N 260 
PHE CA  HA   sing N N 261 
PHE C   O    doub N N 262 
PHE C   OXT  sing N N 263 
PHE CB  CG   sing N N 264 
PHE CB  HB2  sing N N 265 
PHE CB  HB3  sing N N 266 
PHE CG  CD1  doub Y N 267 
PHE CG  CD2  sing Y N 268 
PHE CD1 CE1  sing Y N 269 
PHE CD1 HD1  sing N N 270 
PHE CD2 CE2  doub Y N 271 
PHE CD2 HD2  sing N N 272 
PHE CE1 CZ   doub Y N 273 
PHE CE1 HE1  sing N N 274 
PHE CE2 CZ   sing Y N 275 
PHE CE2 HE2  sing N N 276 
PHE CZ  HZ   sing N N 277 
PHE OXT HXT  sing N N 278 
PRO N   CA   sing N N 279 
PRO N   CD   sing N N 280 
PRO N   H    sing N N 281 
PRO CA  C    sing N N 282 
PRO CA  CB   sing N N 283 
PRO CA  HA   sing N N 284 
PRO C   O    doub N N 285 
PRO C   OXT  sing N N 286 
PRO CB  CG   sing N N 287 
PRO CB  HB2  sing N N 288 
PRO CB  HB3  sing N N 289 
PRO CG  CD   sing N N 290 
PRO CG  HG2  sing N N 291 
PRO CG  HG3  sing N N 292 
PRO CD  HD2  sing N N 293 
PRO CD  HD3  sing N N 294 
PRO OXT HXT  sing N N 295 
SER N   CA   sing N N 296 
SER N   H    sing N N 297 
SER N   H2   sing N N 298 
SER CA  C    sing N N 299 
SER CA  CB   sing N N 300 
SER CA  HA   sing N N 301 
SER C   O    doub N N 302 
SER C   OXT  sing N N 303 
SER CB  OG   sing N N 304 
SER CB  HB2  sing N N 305 
SER CB  HB3  sing N N 306 
SER OG  HG   sing N N 307 
SER OXT HXT  sing N N 308 
THR N   CA   sing N N 309 
THR N   H    sing N N 310 
THR N   H2   sing N N 311 
THR CA  C    sing N N 312 
THR CA  CB   sing N N 313 
THR CA  HA   sing N N 314 
THR C   O    doub N N 315 
THR C   OXT  sing N N 316 
THR CB  OG1  sing N N 317 
THR CB  CG2  sing N N 318 
THR CB  HB   sing N N 319 
THR OG1 HG1  sing N N 320 
THR CG2 HG21 sing N N 321 
THR CG2 HG22 sing N N 322 
THR CG2 HG23 sing N N 323 
THR OXT HXT  sing N N 324 
TRP N   CA   sing N N 325 
TRP N   H    sing N N 326 
TRP N   H2   sing N N 327 
TRP CA  C    sing N N 328 
TRP CA  CB   sing N N 329 
TRP CA  HA   sing N N 330 
TRP C   O    doub N N 331 
TRP C   OXT  sing N N 332 
TRP CB  CG   sing N N 333 
TRP CB  HB2  sing N N 334 
TRP CB  HB3  sing N N 335 
TRP CG  CD1  doub Y N 336 
TRP CG  CD2  sing Y N 337 
TRP CD1 NE1  sing Y N 338 
TRP CD1 HD1  sing N N 339 
TRP CD2 CE2  doub Y N 340 
TRP CD2 CE3  sing Y N 341 
TRP NE1 CE2  sing Y N 342 
TRP NE1 HE1  sing N N 343 
TRP CE2 CZ2  sing Y N 344 
TRP CE3 CZ3  doub Y N 345 
TRP CE3 HE3  sing N N 346 
TRP CZ2 CH2  doub Y N 347 
TRP CZ2 HZ2  sing N N 348 
TRP CZ3 CH2  sing Y N 349 
TRP CZ3 HZ3  sing N N 350 
TRP CH2 HH2  sing N N 351 
TRP OXT HXT  sing N N 352 
TYR N   CA   sing N N 353 
TYR N   H    sing N N 354 
TYR N   H2   sing N N 355 
TYR CA  C    sing N N 356 
TYR CA  CB   sing N N 357 
TYR CA  HA   sing N N 358 
TYR C   O    doub N N 359 
TYR C   OXT  sing N N 360 
TYR CB  CG   sing N N 361 
TYR CB  HB2  sing N N 362 
TYR CB  HB3  sing N N 363 
TYR CG  CD1  doub Y N 364 
TYR CG  CD2  sing Y N 365 
TYR CD1 CE1  sing Y N 366 
TYR CD1 HD1  sing N N 367 
TYR CD2 CE2  doub Y N 368 
TYR CD2 HD2  sing N N 369 
TYR CE1 CZ   doub Y N 370 
TYR CE1 HE1  sing N N 371 
TYR CE2 CZ   sing Y N 372 
TYR CE2 HE2  sing N N 373 
TYR CZ  OH   sing N N 374 
TYR OH  HH   sing N N 375 
TYR OXT HXT  sing N N 376 
VAL N   CA   sing N N 377 
VAL N   H    sing N N 378 
VAL N   H2   sing N N 379 
VAL CA  C    sing N N 380 
VAL CA  CB   sing N N 381 
VAL CA  HA   sing N N 382 
VAL C   O    doub N N 383 
VAL C   OXT  sing N N 384 
VAL CB  CG1  sing N N 385 
VAL CB  CG2  sing N N 386 
VAL CB  HB   sing N N 387 
VAL CG1 HG11 sing N N 388 
VAL CG1 HG12 sing N N 389 
VAL CG1 HG13 sing N N 390 
VAL CG2 HG21 sing N N 391 
VAL CG2 HG22 sing N N 392 
VAL CG2 HG23 sing N N 393 
VAL OXT HXT  sing N N 394 
# 
_atom_sites.entry_id                    1IZM 
_atom_sites.fract_transf_matrix[1][1]   -0.01003671 
_atom_sites.fract_transf_matrix[1][2]   0.02138026 
_atom_sites.fract_transf_matrix[1][3]   -0.00119337 
_atom_sites.fract_transf_matrix[2][1]   0.01802841 
_atom_sites.fract_transf_matrix[2][2]   0.00772462 
_atom_sites.fract_transf_matrix[2][3]   -0.01321294 
_atom_sites.fract_transf_matrix[3][1]   -0.00246227 
_atom_sites.fract_transf_matrix[3][2]   -0.00138895 
_atom_sites.fract_transf_matrix[3][3]   -0.00417128 
_atom_sites.fract_transf_vector[1]      0.381033 
_atom_sites.fract_transf_vector[2]      1.190728 
_atom_sites.fract_transf_vector[3]      0.574233 
# 
loop_
_atom_type.symbol 
C  
N  
O  
S  
SE 
# 
loop_
_atom_site.group_PDB 
_atom_site.id 
_atom_site.type_symbol 
_atom_site.label_atom_id 
_atom_site.label_alt_id 
_atom_site.label_comp_id 
_atom_site.label_asym_id 
_atom_site.label_entity_id 
_atom_site.label_seq_id 
_atom_site.pdbx_PDB_ins_code 
_atom_site.Cartn_x 
_atom_site.Cartn_y 
_atom_site.Cartn_z 
_atom_site.occupancy 
_atom_site.B_iso_or_equiv 
_atom_site.pdbx_formal_charge 
_atom_site.auth_seq_id 
_atom_site.auth_comp_id 
_atom_site.auth_asym_id 
_atom_site.auth_atom_id 
_atom_site.pdbx_PDB_model_num 
ATOM   1    N  N   . LEU A 1 4   ? -14.623 9.592   3.556   1.00 55.26 ? 2   LEU A N   1 
ATOM   2    C  CA  . LEU A 1 4   ? -14.056 8.265   3.053   1.00 52.95 ? 2   LEU A CA  1 
ATOM   3    C  C   . LEU A 1 4   ? -14.733 7.006   3.648   1.00 47.73 ? 2   LEU A C   1 
ATOM   4    O  O   . LEU A 1 4   ? -14.858 6.882   4.855   1.00 45.06 ? 2   LEU A O   1 
ATOM   5    C  CB  . LEU A 1 4   ? -12.550 8.175   3.349   1.00 50.46 ? 2   LEU A CB  1 
ATOM   6    C  CG  . LEU A 1 4   ? -11.661 8.146   2.106   1.00 53.90 ? 2   LEU A CG  1 
ATOM   7    C  CD1 . LEU A 1 4   ? -11.810 9.465   1.372   1.00 43.17 ? 2   LEU A CD1 1 
ATOM   8    C  CD2 . LEU A 1 4   ? -10.228 7.897   2.497   1.00 49.16 ? 2   LEU A CD2 1 
ATOM   9    N  N   . ILE A 1 5   ? -15.147 6.076   2.791   1.00 43.15 ? 3   ILE A N   1 
ATOM   10   C  CA  . ILE A 1 5   ? -15.755 4.855   3.281   1.00 40.41 ? 3   ILE A CA  1 
ATOM   11   C  C   . ILE A 1 5   ? -14.714 4.070   4.069   1.00 39.11 ? 3   ILE A C   1 
ATOM   12   O  O   . ILE A 1 5   ? -13.490 4.285   3.940   1.00 40.71 ? 3   ILE A O   1 
ATOM   13   C  CB  . ILE A 1 5   ? -16.368 3.993   2.132   1.00 39.49 ? 3   ILE A CB  1 
ATOM   14   C  CG1 . ILE A 1 5   ? -15.283 3.420   1.206   1.00 31.24 ? 3   ILE A CG1 1 
ATOM   15   C  CG2 . ILE A 1 5   ? -17.276 4.878   1.284   1.00 36.08 ? 3   ILE A CG2 1 
ATOM   16   C  CD1 . ILE A 1 5   ? -15.872 2.394   0.175   1.00 30.93 ? 3   ILE A CD1 1 
ATOM   17   N  N   . SER A 1 6   ? -15.210 3.172   4.906   1.00 37.22 ? 4   SER A N   1 
ATOM   18   C  CA  . SER A 1 6   ? -14.395 2.385   5.805   1.00 35.35 ? 4   SER A CA  1 
ATOM   19   C  C   . SER A 1 6   ? -13.701 1.294   5.046   1.00 32.89 ? 4   SER A C   1 
ATOM   20   O  O   . SER A 1 6   ? -14.028 1.013   3.899   1.00 32.50 ? 4   SER A O   1 
ATOM   21   C  CB  . SER A 1 6   ? -15.270 1.759   6.914   1.00 34.64 ? 4   SER A CB  1 
ATOM   22   O  OG  . SER A 1 6   ? -16.089 0.724   6.381   1.00 39.36 ? 4   SER A OG  1 
ATOM   23   N  N   . HIS A 1 7   ? -12.760 0.658   5.719   1.00 35.92 ? 5   HIS A N   1 
ATOM   24   C  CA  . HIS A 1 7   ? -12.008 -0.417  5.114   1.00 37.49 ? 5   HIS A CA  1 
ATOM   25   C  C   . HIS A 1 7   ? -12.930 -1.584  4.789   1.00 35.59 ? 5   HIS A C   1 
ATOM   26   O  O   . HIS A 1 7   ? -12.882 -2.160  3.706   1.00 34.20 ? 5   HIS A O   1 
ATOM   27   C  CB  . HIS A 1 7   ? -10.895 -0.866  6.077   1.00 39.18 ? 5   HIS A CB  1 
ATOM   28   C  CG  . HIS A 1 7   ? -9.817  -1.669  5.419   1.00 39.39 ? 5   HIS A CG  1 
ATOM   29   N  ND1 . HIS A 1 7   ? -9.856  -3.042  5.342   1.00 43.29 ? 5   HIS A ND1 1 
ATOM   30   C  CD2 . HIS A 1 7   ? -8.648  -1.292  4.847   1.00 37.58 ? 5   HIS A CD2 1 
ATOM   31   C  CE1 . HIS A 1 7   ? -8.756  -3.486  4.763   1.00 30.87 ? 5   HIS A CE1 1 
ATOM   32   N  NE2 . HIS A 1 7   ? -8.008  -2.444  4.450   1.00 45.07 ? 5   HIS A NE2 1 
ATOM   33   N  N   . SER A 1 8   ? -13.779 -1.956  5.737   1.00 36.46 ? 6   SER A N   1 
ATOM   34   C  CA  . SER A 1 8   ? -14.659 -3.091  5.488   1.00 33.76 ? 6   SER A CA  1 
ATOM   35   C  C   . SER A 1 8   ? -15.587 -2.802  4.306   1.00 31.41 ? 6   SER A C   1 
ATOM   36   O  O   . SER A 1 8   ? -15.867 -3.673  3.502   1.00 34.07 ? 6   SER A O   1 
ATOM   37   C  CB  . SER A 1 8   ? -15.468 -3.383  6.761   1.00 43.56 ? 6   SER A CB  1 
ATOM   38   O  OG  . SER A 1 8   ? -15.987 -4.701  6.725   1.00 54.96 ? 6   SER A OG  1 
ATOM   39   N  N   . ASP A 1 9   ? -16.018 -1.545  4.192   1.00 36.65 ? 7   ASP A N   1 
ATOM   40   C  CA  . ASP A 1 9   ? -16.937 -1.087  3.128   1.00 36.18 ? 7   ASP A CA  1 
ATOM   41   C  C   . ASP A 1 9   ? -16.240 -1.218  1.764   1.00 33.55 ? 7   ASP A C   1 
ATOM   42   O  O   . ASP A 1 9   ? -16.783 -1.766  0.791   1.00 31.85 ? 7   ASP A O   1 
ATOM   43   C  CB  . ASP A 1 9   ? -17.275 0.375   3.411   1.00 39.31 ? 7   ASP A CB  1 
ATOM   44   C  CG  . ASP A 1 9   ? -18.545 0.847   2.721   1.00 53.98 ? 7   ASP A CG  1 
ATOM   45   O  OD1 . ASP A 1 9   ? -18.874 0.394   1.586   1.00 41.32 ? 7   ASP A OD1 1 
ATOM   46   O  OD2 . ASP A 1 9   ? -19.195 1.726   3.348   1.00 52.98 ? 7   ASP A OD2 1 
HETATM 47   N  N   . MSE A 1 10  ? -15.010 -0.735  1.707   1.00 32.35 ? 8   MSE A N   1 
HETATM 48   C  CA  . MSE A 1 10  ? -14.266 -0.815  0.461   1.00 28.91 ? 8   MSE A CA  1 
HETATM 49   C  C   . MSE A 1 10  ? -14.060 -2.305  0.143   1.00 31.45 ? 8   MSE A C   1 
HETATM 50   O  O   . MSE A 1 10  ? -14.278 -2.747  -0.993  1.00 29.73 ? 8   MSE A O   1 
HETATM 51   C  CB  . MSE A 1 10  ? -12.925 -0.087  0.631   1.00 29.42 ? 8   MSE A CB  1 
HETATM 52   C  CG  . MSE A 1 10  ? -11.986 -0.190  -0.571  1.00 29.89 ? 8   MSE A CG  1 
HETATM 53   SE SE  . MSE A 1 10  ? -12.701 0.743   -2.115  1.00 38.24 ? 8   MSE A SE  1 
HETATM 54   C  CE  . MSE A 1 10  ? -12.186 2.548   -1.619  1.00 29.08 ? 8   MSE A CE  1 
ATOM   55   N  N   . ASN A 1 11  ? -13.689 -3.104  1.148   1.00 30.31 ? 9   ASN A N   1 
ATOM   56   C  CA  . ASN A 1 11  ? -13.476 -4.515  0.845   1.00 30.14 ? 9   ASN A CA  1 
ATOM   57   C  C   . ASN A 1 11  ? -14.703 -5.097  0.184   1.00 32.88 ? 9   ASN A C   1 
ATOM   58   O  O   . ASN A 1 11  ? -14.622 -5.851  -0.788  1.00 33.85 ? 9   ASN A O   1 
ATOM   59   C  CB  . ASN A 1 11  ? -13.204 -5.346  2.090   1.00 36.38 ? 9   ASN A CB  1 
ATOM   60   C  CG  . ASN A 1 11  ? -11.723 -5.489  2.391   1.00 37.04 ? 9   ASN A CG  1 
ATOM   61   O  OD1 . ASN A 1 11  ? -10.899 -5.402  1.501   1.00 35.01 ? 9   ASN A OD1 1 
ATOM   62   N  ND2 . ASN A 1 11  ? -11.395 -5.749  3.654   1.00 41.23 ? 9   ASN A ND2 1 
ATOM   63   N  N   . GLN A 1 12  ? -15.864 -4.722  0.685   1.00 32.81 ? 10  GLN A N   1 
ATOM   64   C  CA  . GLN A 1 12  ? -17.022 -5.342  0.113   1.00 33.81 ? 10  GLN A CA  1 
ATOM   65   C  C   . GLN A 1 12  ? -17.392 -4.856  -1.276  1.00 32.99 ? 10  GLN A C   1 
ATOM   66   O  O   . GLN A 1 12  ? -17.787 -5.681  -2.128  1.00 36.24 ? 10  GLN A O   1 
ATOM   67   C  CB  . GLN A 1 12  ? -18.187 -5.285  1.095   1.00 38.12 ? 10  GLN A CB  1 
ATOM   68   C  CG  . GLN A 1 12  ? -19.409 -5.844  0.460   1.00 49.68 ? 10  GLN A CG  1 
ATOM   69   C  CD  . GLN A 1 12  ? -20.433 -4.808  0.443   1.00 58.14 ? 10  GLN A CD  1 
ATOM   70   O  OE1 . GLN A 1 12  ? -21.109 -4.610  1.468   1.00 69.57 ? 10  GLN A OE1 1 
ATOM   71   N  NE2 . GLN A 1 12  ? -20.556 -4.072  -0.690  1.00 55.40 ? 10  GLN A NE2 1 
ATOM   72   N  N   . GLN A 1 13  ? -17.212 -3.561  -1.550  1.00 34.80 ? 11  GLN A N   1 
ATOM   73   C  CA  . GLN A 1 13  ? -17.493 -3.057  -2.892  1.00 31.94 ? 11  GLN A CA  1 
ATOM   74   C  C   . GLN A 1 13  ? -16.508 -3.648  -3.866  1.00 33.56 ? 11  GLN A C   1 
ATOM   75   O  O   . GLN A 1 13  ? -16.898 -4.032  -4.960  1.00 35.27 ? 11  GLN A O   1 
ATOM   76   C  CB  . GLN A 1 13  ? -17.453 -1.508  -2.948  1.00 37.10 ? 11  GLN A CB  1 
ATOM   77   C  CG  . GLN A 1 13  ? -18.617 -0.890  -2.175  1.00 35.67 ? 11  GLN A CG  1 
ATOM   78   C  CD  . GLN A 1 13  ? -18.690 0.630   -2.239  1.00 35.76 ? 11  GLN A CD  1 
ATOM   79   O  OE1 . GLN A 1 13  ? -18.559 1.232   -3.292  1.00 43.65 ? 11  GLN A OE1 1 
ATOM   80   N  NE2 . GLN A 1 13  ? -18.937 1.239   -1.119  1.00 39.89 ? 11  GLN A NE2 1 
ATOM   81   N  N   . LEU A 1 14  ? -15.229 -3.739  -3.508  1.00 28.90 ? 12  LEU A N   1 
ATOM   82   C  CA  . LEU A 1 14  ? -14.300 -4.346  -4.455  1.00 34.59 ? 12  LEU A CA  1 
ATOM   83   C  C   . LEU A 1 14  ? -14.679 -5.812  -4.741  1.00 33.48 ? 12  LEU A C   1 
ATOM   84   O  O   . LEU A 1 14  ? -14.651 -6.273  -5.890  1.00 33.84 ? 12  LEU A O   1 
ATOM   85   C  CB  . LEU A 1 14  ? -12.859 -4.288  -3.920  1.00 29.90 ? 12  LEU A CB  1 
ATOM   86   C  CG  . LEU A 1 14  ? -12.243 -2.871  -3.852  1.00 31.31 ? 12  LEU A CG  1 
ATOM   87   C  CD1 . LEU A 1 14  ? -11.021 -2.843  -2.849  1.00 27.84 ? 12  LEU A CD1 1 
ATOM   88   C  CD2 . LEU A 1 14  ? -11.793 -2.455  -5.279  1.00 32.47 ? 12  LEU A CD2 1 
ATOM   89   N  N   . LYS A 1 15  ? -15.041 -6.538  -3.696  1.00 35.74 ? 13  LYS A N   1 
ATOM   90   C  CA  . LYS A 1 15  ? -15.380 -7.975  -3.868  1.00 38.60 ? 13  LYS A CA  1 
ATOM   91   C  C   . LYS A 1 15  ? -16.634 -8.163  -4.709  1.00 31.28 ? 13  LYS A C   1 
ATOM   92   O  O   . LYS A 1 15  ? -16.678 -8.958  -5.611  1.00 33.59 ? 13  LYS A O   1 
ATOM   93   C  CB  . LYS A 1 15  ? -15.540 -8.626  -2.481  1.00 44.72 ? 13  LYS A CB  1 
ATOM   94   C  CG  . LYS A 1 15  ? -16.332 -9.930  -2.421  1.00 50.07 ? 13  LYS A CG  1 
ATOM   95   C  CD  . LYS A 1 15  ? -15.595 -11.110 -3.069  1.00 54.14 ? 13  LYS A CD  1 
ATOM   96   C  CE  . LYS A 1 15  ? -16.261 -12.447 -2.656  1.00 57.28 ? 13  LYS A CE  1 
ATOM   97   N  NZ  . LYS A 1 15  ? -16.278 -12.635 -1.160  1.00 55.32 ? 13  LYS A NZ  1 
ATOM   98   N  N   . SER A 1 16  ? -17.657 -7.394  -4.464  1.00 37.10 ? 14  SER A N   1 
ATOM   99   C  CA  . SER A 1 16  ? -18.848 -7.574  -5.296  1.00 40.96 ? 14  SER A CA  1 
ATOM   100  C  C   . SER A 1 16  ? -18.649 -7.193  -6.789  1.00 40.78 ? 14  SER A C   1 
ATOM   101  O  O   . SER A 1 16  ? -19.388 -7.684  -7.672  1.00 36.64 ? 14  SER A O   1 
ATOM   102  C  CB  . SER A 1 16  ? -19.981 -6.775  -4.684  1.00 45.86 ? 14  SER A CB  1 
ATOM   103  O  OG  . SER A 1 16  ? -19.695 -5.419  -4.901  1.00 61.42 ? 14  SER A OG  1 
ATOM   104  N  N   . ALA A 1 17  ? -17.649 -6.345  -7.092  1.00 38.29 ? 15  ALA A N   1 
ATOM   105  C  CA  . ALA A 1 17  ? -17.383 -5.960  -8.485  1.00 34.71 ? 15  ALA A CA  1 
ATOM   106  C  C   . ALA A 1 17  ? -16.366 -6.905  -9.087  1.00 34.95 ? 15  ALA A C   1 
ATOM   107  O  O   . ALA A 1 17  ? -15.908 -6.686  -10.220 1.00 34.79 ? 15  ALA A O   1 
ATOM   108  C  CB  . ALA A 1 17  ? -16.845 -4.535  -8.554  1.00 37.05 ? 15  ALA A CB  1 
ATOM   109  N  N   . GLY A 1 18  ? -15.990 -7.947  -8.335  1.00 31.98 ? 16  GLY A N   1 
ATOM   110  C  CA  . GLY A 1 18  ? -15.019 -8.901  -8.839  1.00 32.54 ? 16  GLY A CA  1 
ATOM   111  C  C   . GLY A 1 18  ? -13.617 -8.359  -9.111  1.00 31.70 ? 16  GLY A C   1 
ATOM   112  O  O   . GLY A 1 18  ? -12.888 -8.897  -9.923  1.00 34.39 ? 16  GLY A O   1 
ATOM   113  N  N   . ILE A 1 19  ? -13.224 -7.292  -8.419  1.00 35.87 ? 17  ILE A N   1 
ATOM   114  C  CA  . ILE A 1 19  ? -11.891 -6.695  -8.598  1.00 29.22 ? 17  ILE A CA  1 
ATOM   115  C  C   . ILE A 1 19  ? -10.797 -7.599  -8.040  1.00 31.26 ? 17  ILE A C   1 
ATOM   116  O  O   . ILE A 1 19  ? -10.991 -8.242  -7.019  1.00 33.03 ? 17  ILE A O   1 
ATOM   117  C  CB  . ILE A 1 19  ? -11.796 -5.323  -7.851  1.00 30.66 ? 17  ILE A CB  1 
ATOM   118  C  CG1 . ILE A 1 19  ? -12.903 -4.375  -8.358  1.00 33.89 ? 17  ILE A CG1 1 
ATOM   119  C  CG2 . ILE A 1 19  ? -10.458 -4.684  -8.115  1.00 26.20 ? 17  ILE A CG2 1 
ATOM   120  C  CD1 . ILE A 1 19  ? -12.975 -4.331  -9.865  1.00 29.93 ? 17  ILE A CD1 1 
ATOM   121  N  N   . GLY A 1 20  ? -9.647  -7.644  -8.705  1.00 30.55 ? 18  GLY A N   1 
ATOM   122  C  CA  . GLY A 1 20  ? -8.555  -8.480  -8.235  1.00 26.17 ? 18  GLY A CA  1 
ATOM   123  C  C   . GLY A 1 20  ? -7.858  -8.036  -6.944  1.00 24.70 ? 18  GLY A C   1 
ATOM   124  O  O   . GLY A 1 20  ? -7.028  -8.778  -6.437  1.00 26.44 ? 18  GLY A O   1 
ATOM   125  N  N   . PHE A 1 21  ? -8.145  -6.833  -6.422  1.00 28.21 ? 19  PHE A N   1 
ATOM   126  C  CA  . PHE A 1 21  ? -7.504  -6.362  -5.171  1.00 22.08 ? 19  PHE A CA  1 
ATOM   127  C  C   . PHE A 1 21  ? -8.530  -6.278  -4.065  1.00 27.24 ? 19  PHE A C   1 
ATOM   128  O  O   . PHE A 1 21  ? -9.693  -5.966  -4.335  1.00 27.72 ? 19  PHE A O   1 
ATOM   129  C  CB  . PHE A 1 21  ? -7.012  -4.915  -5.276  1.00 27.55 ? 19  PHE A CB  1 
ATOM   130  C  CG  . PHE A 1 21  ? -5.779  -4.725  -6.074  1.00 30.00 ? 19  PHE A CG  1 
ATOM   131  C  CD1 . PHE A 1 21  ? -5.052  -5.784  -6.532  1.00 24.90 ? 19  PHE A CD1 1 
ATOM   132  C  CD2 . PHE A 1 21  ? -5.329  -3.440  -6.360  1.00 25.51 ? 19  PHE A CD2 1 
ATOM   133  C  CE1 . PHE A 1 21  ? -3.880  -5.565  -7.270  1.00 26.25 ? 19  PHE A CE1 1 
ATOM   134  C  CE2 . PHE A 1 21  ? -4.205  -3.221  -7.062  1.00 25.24 ? 19  PHE A CE2 1 
ATOM   135  C  CZ  . PHE A 1 21  ? -3.457  -4.270  -7.528  1.00 29.34 ? 19  PHE A CZ  1 
ATOM   136  N  N   . ASN A 1 22  ? -8.103  -6.509  -2.825  1.00 25.94 ? 20  ASN A N   1 
ATOM   137  C  CA  . ASN A 1 22  ? -8.994  -6.254  -1.691  1.00 29.87 ? 20  ASN A CA  1 
ATOM   138  C  C   . ASN A 1 22  ? -8.594  -4.775  -1.299  1.00 26.89 ? 20  ASN A C   1 
ATOM   139  O  O   . ASN A 1 22  ? -7.766  -4.134  -1.997  1.00 25.22 ? 20  ASN A O   1 
ATOM   140  C  CB  . ASN A 1 22  ? -8.765  -7.234  -0.542  1.00 28.50 ? 20  ASN A CB  1 
ATOM   141  C  CG  . ASN A 1 22  ? -7.311  -7.267  -0.063  1.00 29.61 ? 20  ASN A CG  1 
ATOM   142  O  OD1 . ASN A 1 22  ? -6.597  -6.278  -0.068  1.00 26.87 ? 20  ASN A OD1 1 
ATOM   143  N  ND2 . ASN A 1 22  ? -6.875  -8.442  0.346   1.00 31.43 ? 20  ASN A ND2 1 
ATOM   144  N  N   . ALA A 1 23  ? -9.138  -4.232  -0.231  1.00 23.00 ? 21  ALA A N   1 
ATOM   145  C  CA  . ALA A 1 23  ? -8.854  -2.834  0.114   1.00 30.20 ? 21  ALA A CA  1 
ATOM   146  C  C   . ALA A 1 23  ? -7.387  -2.539  0.522   1.00 28.97 ? 21  ALA A C   1 
ATOM   147  O  O   . ALA A 1 23  ? -6.852  -1.482  0.216   1.00 23.73 ? 21  ALA A O   1 
ATOM   148  C  CB  . ALA A 1 23  ? -9.772  -2.374  1.218   1.00 21.67 ? 21  ALA A CB  1 
ATOM   149  N  N   . THR A 1 24  ? -6.756  -3.493  1.211   1.00 21.96 ? 22  THR A N   1 
ATOM   150  C  CA  . THR A 1 24  ? -5.394  -3.311  1.643   1.00 20.89 ? 22  THR A CA  1 
ATOM   151  C  C   . THR A 1 24  ? -4.510  -3.232  0.391   1.00 22.29 ? 22  THR A C   1 
ATOM   152  O  O   . THR A 1 24  ? -3.639  -2.340  0.272   1.00 23.18 ? 22  THR A O   1 
ATOM   153  C  CB  . THR A 1 24  ? -4.942  -4.485  2.579   1.00 21.28 ? 22  THR A CB  1 
ATOM   154  O  OG1 . THR A 1 24  ? -5.673  -4.404  3.832   1.00 24.20 ? 22  THR A OG1 1 
ATOM   155  C  CG2 . THR A 1 24  ? -3.418  -4.390  2.851   1.00 20.94 ? 22  THR A CG2 1 
ATOM   156  N  N   . GLU A 1 25  ? -4.695  -4.175  -0.521  1.00 23.58 ? 23  GLU A N   1 
ATOM   157  C  CA  . GLU A 1 25  ? -3.921  -4.215  -1.761  1.00 20.60 ? 23  GLU A CA  1 
ATOM   158  C  C   . GLU A 1 25  ? -4.153  -2.925  -2.569  1.00 22.87 ? 23  GLU A C   1 
ATOM   159  O  O   . GLU A 1 25  ? -3.224  -2.402  -3.160  1.00 20.92 ? 23  GLU A O   1 
ATOM   160  C  CB  . GLU A 1 25  ? -4.326  -5.419  -2.618  1.00 20.59 ? 23  GLU A CB  1 
ATOM   161  C  CG  . GLU A 1 25  ? -3.688  -6.715  -2.047  1.00 22.65 ? 23  GLU A CG  1 
ATOM   162  C  CD  . GLU A 1 25  ? -4.512  -8.000  -2.348  1.00 27.64 ? 23  GLU A CD  1 
ATOM   163  O  OE1 . GLU A 1 25  ? -5.529  -7.953  -3.057  1.00 26.29 ? 23  GLU A OE1 1 
ATOM   164  O  OE2 . GLU A 1 25  ? -4.124  -9.077  -1.837  1.00 26.83 ? 23  GLU A OE2 1 
ATOM   165  N  N   . LEU A 1 26  ? -5.387  -2.473  -2.634  1.00 21.78 ? 24  LEU A N   1 
ATOM   166  C  CA  . LEU A 1 26  ? -5.658  -1.200  -3.370  1.00 22.11 ? 24  LEU A CA  1 
ATOM   167  C  C   . LEU A 1 26  ? -4.809  -0.072  -2.713  1.00 16.39 ? 24  LEU A C   1 
ATOM   168  O  O   . LEU A 1 26  ? -4.086  0.657   -3.404  1.00 20.74 ? 24  LEU A O   1 
ATOM   169  C  CB  . LEU A 1 26  ? -7.139  -0.845  -3.295  1.00 22.14 ? 24  LEU A CB  1 
ATOM   170  C  CG  . LEU A 1 26  ? -7.489  0.525   -3.894  1.00 22.31 ? 24  LEU A CG  1 
ATOM   171  C  CD1 . LEU A 1 26  ? -7.166  0.531   -5.472  1.00 22.38 ? 24  LEU A CD1 1 
ATOM   172  C  CD2 . LEU A 1 26  ? -9.021  0.729   -3.607  1.00 21.78 ? 24  LEU A CD2 1 
ATOM   173  N  N   . HIS A 1 27  ? -4.925  0.101   -1.402  1.00 18.17 ? 25  HIS A N   1 
ATOM   174  C  CA  . HIS A 1 27  ? -4.126  1.081   -0.675  1.00 21.70 ? 25  HIS A CA  1 
ATOM   175  C  C   . HIS A 1 27  ? -2.619  0.961   -0.985  1.00 26.43 ? 25  HIS A C   1 
ATOM   176  O  O   . HIS A 1 27  ? -1.961  1.949   -1.275  1.00 17.81 ? 25  HIS A O   1 
ATOM   177  C  CB  . HIS A 1 27  ? -4.303  0.973   0.835   1.00 27.01 ? 25  HIS A CB  1 
ATOM   178  C  CG  . HIS A 1 27  ? -3.800  2.162   1.571   1.00 39.19 ? 25  HIS A CG  1 
ATOM   179  N  ND1 . HIS A 1 27  ? -4.630  3.199   1.966   1.00 41.66 ? 25  HIS A ND1 1 
ATOM   180  C  CD2 . HIS A 1 27  ? -2.529  2.569   1.852   1.00 42.27 ? 25  HIS A CD2 1 
ATOM   181  C  CE1 . HIS A 1 27  ? -3.893  4.190   2.448   1.00 34.04 ? 25  HIS A CE1 1 
ATOM   182  N  NE2 . HIS A 1 27  ? -2.617  3.836   2.384   1.00 44.05 ? 25  HIS A NE2 1 
ATOM   183  N  N   . GLY A 1 28  ? -2.060  -0.268  -0.958  1.00 20.21 ? 26  GLY A N   1 
ATOM   184  C  CA  . GLY A 1 28  ? -0.665  -0.325  -1.279  1.00 22.01 ? 26  GLY A CA  1 
ATOM   185  C  C   . GLY A 1 28  ? -0.240  0.065   -2.679  1.00 18.17 ? 26  GLY A C   1 
ATOM   186  O  O   . GLY A 1 28  ? 0.797   0.750   -2.847  1.00 20.42 ? 26  GLY A O   1 
ATOM   187  N  N   . PHE A 1 29  ? -1.003  -0.394  -3.671  1.00 19.35 ? 27  PHE A N   1 
ATOM   188  C  CA  . PHE A 1 29  ? -0.719  -0.102  -5.069  1.00 17.84 ? 27  PHE A CA  1 
ATOM   189  C  C   . PHE A 1 29  ? -0.781  1.420   -5.279  1.00 19.71 ? 27  PHE A C   1 
ATOM   190  O  O   . PHE A 1 29  ? 0.148   2.008   -5.859  1.00 17.33 ? 27  PHE A O   1 
ATOM   191  C  CB  . PHE A 1 29  ? -1.783  -0.772  -6.011  1.00 17.19 ? 27  PHE A CB  1 
ATOM   192  C  CG  . PHE A 1 29  ? -1.530  -0.558  -7.465  1.00 24.13 ? 27  PHE A CG  1 
ATOM   193  C  CD1 . PHE A 1 29  ? -0.508  -1.278  -8.128  1.00 20.12 ? 27  PHE A CD1 1 
ATOM   194  C  CD2 . PHE A 1 29  ? -2.322  0.358   -8.222  1.00 20.36 ? 27  PHE A CD2 1 
ATOM   195  C  CE1 . PHE A 1 29  ? -0.266  -1.117  -9.517  1.00 23.31 ? 27  PHE A CE1 1 
ATOM   196  C  CE2 . PHE A 1 29  ? -2.095  0.530   -9.637  1.00 22.71 ? 27  PHE A CE2 1 
ATOM   197  C  CZ  . PHE A 1 29  ? -1.044  -0.230  -10.279 1.00 23.54 ? 27  PHE A CZ  1 
ATOM   198  N  N   . LEU A 1 30  ? -1.866  2.024   -4.853  1.00 20.52 ? 28  LEU A N   1 
ATOM   199  C  CA  . LEU A 1 30  ? -1.965  3.500   -5.053  1.00 23.85 ? 28  LEU A CA  1 
ATOM   200  C  C   . LEU A 1 30  ? -0.898  4.238   -4.272  1.00 23.55 ? 28  LEU A C   1 
ATOM   201  O  O   . LEU A 1 30  ? -0.317  5.176   -4.802  1.00 25.83 ? 28  LEU A O   1 
ATOM   202  C  CB  . LEU A 1 30  ? -3.354  4.021   -4.702  1.00 21.97 ? 28  LEU A CB  1 
ATOM   203  C  CG  . LEU A 1 30  ? -4.560  3.402   -5.420  1.00 19.11 ? 28  LEU A CG  1 
ATOM   204  C  CD1 . LEU A 1 30  ? -5.844  3.905   -4.717  1.00 24.70 ? 28  LEU A CD1 1 
ATOM   205  C  CD2 . LEU A 1 30  ? -4.509  3.758   -6.887  1.00 22.53 ? 28  LEU A CD2 1 
ATOM   206  N  N   . SER A 1 31  ? -0.590  3.823   -3.037  1.00 23.98 ? 29  SER A N   1 
ATOM   207  C  CA  . SER A 1 31  ? 0.484   4.513   -2.304  1.00 21.30 ? 29  SER A CA  1 
ATOM   208  C  C   . SER A 1 31  ? 1.796   4.329   -3.043  1.00 19.80 ? 29  SER A C   1 
ATOM   209  O  O   . SER A 1 31  ? 2.605   5.218   -3.050  1.00 24.45 ? 29  SER A O   1 
ATOM   210  C  CB  . SER A 1 31  ? 0.665   3.961   -0.892  1.00 19.99 ? 29  SER A CB  1 
ATOM   211  O  OG  . SER A 1 31  ? -0.527  3.975   -0.172  1.00 25.87 ? 29  SER A OG  1 
ATOM   212  N  N   . GLY A 1 32  ? 2.001   3.152   -3.654  1.00 24.28 ? 30  GLY A N   1 
ATOM   213  C  CA  . GLY A 1 32  ? 3.242   2.864   -4.383  1.00 20.27 ? 30  GLY A CA  1 
ATOM   214  C  C   . GLY A 1 32  ? 3.426   3.787   -5.614  1.00 24.40 ? 30  GLY A C   1 
ATOM   215  O  O   . GLY A 1 32  ? 4.544   4.306   -5.826  1.00 24.79 ? 30  GLY A O   1 
ATOM   216  N  N   . LEU A 1 33  ? 2.350   3.965   -6.397  1.00 22.73 ? 31  LEU A N   1 
ATOM   217  C  CA  . LEU A 1 33  ? 2.376   4.881   -7.530  1.00 26.18 ? 31  LEU A CA  1 
ATOM   218  C  C   . LEU A 1 33  ? 2.655   6.344   -7.039  1.00 21.83 ? 31  LEU A C   1 
ATOM   219  O  O   . LEU A 1 33  ? 3.511   7.080   -7.626  1.00 21.51 ? 31  LEU A O   1 
ATOM   220  C  CB  . LEU A 1 33  ? 1.032   4.859   -8.280  1.00 25.30 ? 31  LEU A CB  1 
ATOM   221  C  CG  . LEU A 1 33  ? 0.651   3.586   -9.021  1.00 27.05 ? 31  LEU A CG  1 
ATOM   222  C  CD1 . LEU A 1 33  ? -0.730  3.756   -9.618  1.00 21.35 ? 31  LEU A CD1 1 
ATOM   223  C  CD2 . LEU A 1 33  ? 1.733   3.275   -10.070 1.00 26.49 ? 31  LEU A CD2 1 
ATOM   224  N  N   . LEU A 1 34  ? 1.957   6.773   -5.991  1.00 21.13 ? 32  LEU A N   1 
ATOM   225  C  CA  . LEU A 1 34  ? 2.207   8.155   -5.513  1.00 24.41 ? 32  LEU A CA  1 
ATOM   226  C  C   . LEU A 1 34  ? 3.649   8.348   -4.925  1.00 26.85 ? 32  LEU A C   1 
ATOM   227  O  O   . LEU A 1 34  ? 4.329   9.357   -5.203  1.00 23.85 ? 32  LEU A O   1 
ATOM   228  C  CB  . LEU A 1 34  ? 1.112   8.547   -4.510  1.00 22.29 ? 32  LEU A CB  1 
ATOM   229  C  CG  . LEU A 1 34  ? -0.293  8.765   -5.175  1.00 22.70 ? 32  LEU A CG  1 
ATOM   230  C  CD1 . LEU A 1 34  ? -1.393  8.743   -4.075  1.00 23.08 ? 32  LEU A CD1 1 
ATOM   231  C  CD2 . LEU A 1 34  ? -0.322  10.139  -5.937  1.00 29.29 ? 32  LEU A CD2 1 
ATOM   232  N  N   . CYS A 1 35  ? 4.156   7.339   -4.202  1.00 22.32 ? 33  CYS A N   1 
ATOM   233  C  CA  . CYS A 1 35  ? 5.485   7.480   -3.615  1.00 27.27 ? 33  CYS A CA  1 
ATOM   234  C  C   . CYS A 1 35  ? 6.573   7.402   -4.661  1.00 22.60 ? 33  CYS A C   1 
ATOM   235  O  O   . CYS A 1 35  ? 7.680   7.847   -4.394  1.00 24.98 ? 33  CYS A O   1 
ATOM   236  C  CB  . CYS A 1 35  ? 5.742   6.471   -2.476  1.00 24.31 ? 33  CYS A CB  1 
ATOM   237  S  SG  . CYS A 1 35  ? 4.686   6.753   -1.038  1.00 24.23 ? 33  CYS A SG  1 
ATOM   238  N  N   . GLY A 1 36  ? 6.235   6.880   -5.847  1.00 24.32 ? 34  GLY A N   1 
ATOM   239  C  CA  . GLY A 1 36  ? 7.191   6.789   -6.913  1.00 21.39 ? 34  GLY A CA  1 
ATOM   240  C  C   . GLY A 1 36  ? 7.100   8.066   -7.732  1.00 26.91 ? 34  GLY A C   1 
ATOM   241  O  O   . GLY A 1 36  ? 7.783   8.177   -8.755  1.00 31.97 ? 34  GLY A O   1 
ATOM   242  N  N   . GLY A 1 37  ? 6.255   9.005   -7.291  1.00 27.03 ? 35  GLY A N   1 
ATOM   243  C  CA  . GLY A 1 37  ? 6.108   10.283  -7.974  1.00 28.58 ? 35  GLY A CA  1 
ATOM   244  C  C   . GLY A 1 37  ? 5.117   10.431  -9.126  1.00 32.70 ? 35  GLY A C   1 
ATOM   245  O  O   . GLY A 1 37  ? 5.180   11.432  -9.833  1.00 37.54 ? 35  GLY A O   1 
ATOM   246  N  N   . LEU A 1 38  ? 4.194   9.489   -9.330  1.00 34.90 ? 36  LEU A N   1 
ATOM   247  C  CA  . LEU A 1 38  ? 3.199   9.621   -10.428 1.00 32.67 ? 36  LEU A CA  1 
ATOM   248  C  C   . LEU A 1 38  ? 2.328   10.871  -10.206 1.00 35.38 ? 36  LEU A C   1 
ATOM   249  O  O   . LEU A 1 38  ? 1.817   11.128  -9.105  1.00 42.45 ? 36  LEU A O   1 
ATOM   250  C  CB  . LEU A 1 38  ? 2.313   8.387   -10.487 1.00 29.69 ? 36  LEU A CB  1 
ATOM   251  C  CG  . LEU A 1 38  ? 1.747   8.068   -11.876 1.00 36.92 ? 36  LEU A CG  1 
ATOM   252  C  CD1 . LEU A 1 38  ? 2.850   7.563   -12.829 1.00 37.43 ? 36  LEU A CD1 1 
ATOM   253  C  CD2 . LEU A 1 38  ? 0.707   6.971   -11.719 1.00 38.19 ? 36  LEU A CD2 1 
ATOM   254  N  N   . LYS A 1 39  ? 2.127   11.671  -11.230 1.00 37.49 ? 37  LYS A N   1 
ATOM   255  C  CA  . LYS A 1 39  ? 1.357   12.887  -10.993 1.00 37.17 ? 37  LYS A CA  1 
ATOM   256  C  C   . LYS A 1 39  ? 0.216   13.154  -11.946 1.00 37.27 ? 37  LYS A C   1 
ATOM   257  O  O   . LYS A 1 39  ? -0.499  14.172  -11.795 1.00 42.91 ? 37  LYS A O   1 
ATOM   258  C  CB  . LYS A 1 39  ? 2.314   14.111  -10.933 1.00 41.85 ? 37  LYS A CB  1 
ATOM   259  C  CG  . LYS A 1 39  ? 3.131   14.131  -9.627  1.00 47.76 ? 37  LYS A CG  1 
ATOM   260  C  CD  . LYS A 1 39  ? 3.978   15.382  -9.479  1.00 57.18 ? 37  LYS A CD  1 
ATOM   261  C  CE  . LYS A 1 39  ? 4.408   15.601  -8.009  1.00 58.73 ? 37  LYS A CE  1 
ATOM   262  N  NZ  . LYS A 1 39  ? 3.219   15.770  -7.088  1.00 57.91 ? 37  LYS A NZ  1 
ATOM   263  N  N   . ASP A 1 40  ? 0.026   12.291  -12.934 1.00 33.49 ? 38  ASP A N   1 
ATOM   264  C  CA  . ASP A 1 40  ? -1.090  12.512  -13.871 1.00 28.82 ? 38  ASP A CA  1 
ATOM   265  C  C   . ASP A 1 40  ? -2.215  11.490  -13.621 1.00 30.05 ? 38  ASP A C   1 
ATOM   266  O  O   . ASP A 1 40  ? -2.212  10.828  -12.594 1.00 30.07 ? 38  ASP A O   1 
ATOM   267  C  CB  . ASP A 1 40  ? -0.606  12.372  -15.266 1.00 27.25 ? 38  ASP A CB  1 
ATOM   268  C  CG  . ASP A 1 40  ? 0.100   11.045  -15.503 1.00 36.04 ? 38  ASP A CG  1 
ATOM   269  O  OD1 . ASP A 1 40  ? -0.161  10.064  -14.787 1.00 31.51 ? 38  ASP A OD1 1 
ATOM   270  O  OD2 . ASP A 1 40  ? 0.905   10.984  -16.454 1.00 33.20 ? 38  ASP A OD2 1 
ATOM   271  N  N   . GLN A 1 41  ? -3.098  11.291  -14.599 1.00 24.46 ? 39  GLN A N   1 
ATOM   272  C  CA  . GLN A 1 41  ? -4.200  10.402  -14.425 1.00 24.43 ? 39  GLN A CA  1 
ATOM   273  C  C   . GLN A 1 41  ? -3.943  8.999   -14.960 1.00 24.86 ? 39  GLN A C   1 
ATOM   274  O  O   . GLN A 1 41  ? -4.878  8.251   -15.171 1.00 21.68 ? 39  GLN A O   1 
ATOM   275  C  CB  . GLN A 1 41  ? -5.471  11.008  -15.065 1.00 26.08 ? 39  GLN A CB  1 
ATOM   276  C  CG  . GLN A 1 41  ? -5.812  12.402  -14.423 1.00 17.83 ? 39  GLN A CG  1 
ATOM   277  C  CD  . GLN A 1 41  ? -6.084  12.281  -12.972 1.00 26.29 ? 39  GLN A CD  1 
ATOM   278  O  OE1 . GLN A 1 41  ? -6.861  11.424  -12.552 1.00 30.24 ? 39  GLN A OE1 1 
ATOM   279  N  NE2 . GLN A 1 41  ? -5.438  13.112  -12.174 1.00 30.29 ? 39  GLN A NE2 1 
ATOM   280  N  N   . SER A 1 42  ? -2.673  8.700   -15.206 1.00 27.10 ? 40  SER A N   1 
ATOM   281  C  CA  . SER A 1 42  ? -2.295  7.365   -15.678 1.00 26.53 ? 40  SER A CA  1 
ATOM   282  C  C   . SER A 1 42  ? -2.457  6.330   -14.585 1.00 20.60 ? 40  SER A C   1 
ATOM   283  O  O   . SER A 1 42  ? -2.345  5.143   -14.876 1.00 23.97 ? 40  SER A O   1 
ATOM   284  C  CB  . SER A 1 42  ? -0.834  7.313   -16.162 1.00 23.25 ? 40  SER A CB  1 
ATOM   285  O  OG  . SER A 1 42  ? 0.080   7.573   -15.113 1.00 26.18 ? 40  SER A OG  1 
ATOM   286  N  N   . TRP A 1 43  ? -2.688  6.743   -13.348 1.00 22.43 ? 41  TRP A N   1 
ATOM   287  C  CA  . TRP A 1 43  ? -2.887  5.750   -12.281 1.00 23.00 ? 41  TRP A CA  1 
ATOM   288  C  C   . TRP A 1 43  ? -4.133  4.917   -12.574 1.00 25.78 ? 41  TRP A C   1 
ATOM   289  O  O   . TRP A 1 43  ? -4.248  3.762   -12.148 1.00 23.74 ? 41  TRP A O   1 
ATOM   290  C  CB  . TRP A 1 43  ? -3.009  6.428   -10.891 1.00 23.97 ? 41  TRP A CB  1 
ATOM   291  C  CG  . TRP A 1 43  ? -4.180  7.282   -10.745 1.00 21.78 ? 41  TRP A CG  1 
ATOM   292  C  CD1 . TRP A 1 43  ? -4.286  8.597   -11.146 1.00 21.36 ? 41  TRP A CD1 1 
ATOM   293  C  CD2 . TRP A 1 43  ? -5.443  6.931   -10.170 1.00 22.46 ? 41  TRP A CD2 1 
ATOM   294  N  NE1 . TRP A 1 43  ? -5.521  9.066   -10.836 1.00 24.92 ? 41  TRP A NE1 1 
ATOM   295  C  CE2 . TRP A 1 43  ? -6.261  8.082   -10.242 1.00 22.36 ? 41  TRP A CE2 1 
ATOM   296  C  CE3 . TRP A 1 43  ? -5.969  5.766   -9.611  1.00 18.77 ? 41  TRP A CE3 1 
ATOM   297  C  CZ2 . TRP A 1 43  ? -7.577  8.100   -9.776  1.00 21.90 ? 41  TRP A CZ2 1 
ATOM   298  C  CZ3 . TRP A 1 43  ? -7.266  5.771   -9.151  1.00 23.10 ? 41  TRP A CZ3 1 
ATOM   299  C  CH2 . TRP A 1 43  ? -8.069  6.947   -9.237  1.00 26.78 ? 41  TRP A CH2 1 
ATOM   300  N  N   . LEU A 1 44  ? -5.113  5.513   -13.261 1.00 21.25 ? 42  LEU A N   1 
ATOM   301  C  CA  . LEU A 1 44  ? -6.350  4.796   -13.574 1.00 22.65 ? 42  LEU A CA  1 
ATOM   302  C  C   . LEU A 1 44  ? -6.139  3.582   -14.525 1.00 25.13 ? 42  LEU A C   1 
ATOM   303  O  O   . LEU A 1 44  ? -6.501  2.446   -14.184 1.00 18.77 ? 42  LEU A O   1 
ATOM   304  C  CB  . LEU A 1 44  ? -7.391  5.751   -14.144 1.00 21.48 ? 42  LEU A CB  1 
ATOM   305  C  CG  . LEU A 1 44  ? -7.971  6.624   -13.031 1.00 24.39 ? 42  LEU A CG  1 
ATOM   306  C  CD1 . LEU A 1 44  ? -8.593  7.939   -13.696 1.00 18.93 ? 42  LEU A CD1 1 
ATOM   307  C  CD2 . LEU A 1 44  ? -9.114  5.853   -12.317 1.00 27.24 ? 42  LEU A CD2 1 
ATOM   308  N  N   . PRO A 1 45  ? -5.555  3.814   -15.728 1.00 22.76 ? 43  PRO A N   1 
ATOM   309  C  CA  . PRO A 1 45  ? -5.357  2.648   -16.584 1.00 21.25 ? 43  PRO A CA  1 
ATOM   310  C  C   . PRO A 1 45  ? -4.385  1.622   -15.913 1.00 20.35 ? 43  PRO A C   1 
ATOM   311  O  O   . PRO A 1 45  ? -4.563  0.438   -16.112 1.00 20.30 ? 43  PRO A O   1 
ATOM   312  C  CB  . PRO A 1 45  ? -4.806  3.239   -17.912 1.00 23.28 ? 43  PRO A CB  1 
ATOM   313  C  CG  . PRO A 1 45  ? -4.362  4.618   -17.539 1.00 25.39 ? 43  PRO A CG  1 
ATOM   314  C  CD  . PRO A 1 45  ? -5.377  5.054   -16.495 1.00 24.92 ? 43  PRO A CD  1 
ATOM   315  N  N   . LEU A 1 46  ? -3.436  2.075   -15.099 1.00 23.08 ? 44  LEU A N   1 
ATOM   316  C  CA  . LEU A 1 46  ? -2.508  1.138   -14.423 1.00 24.04 ? 44  LEU A CA  1 
ATOM   317  C  C   . LEU A 1 46  ? -3.289  0.333   -13.398 1.00 23.62 ? 44  LEU A C   1 
ATOM   318  O  O   . LEU A 1 46  ? -3.131  -0.881  -13.308 1.00 19.67 ? 44  LEU A O   1 
ATOM   319  C  CB  . LEU A 1 46  ? -1.324  1.856   -13.742 1.00 22.26 ? 44  LEU A CB  1 
ATOM   320  C  CG  . LEU A 1 46  ? -0.315  2.459   -14.753 1.00 21.21 ? 44  LEU A CG  1 
ATOM   321  C  CD1 . LEU A 1 46  ? 0.553   3.446   -14.017 1.00 26.18 ? 44  LEU A CD1 1 
ATOM   322  C  CD2 . LEU A 1 46  ? 0.520   1.362   -15.440 1.00 24.67 ? 44  LEU A CD2 1 
ATOM   323  N  N   . LEU A 1 47  ? -4.152  0.998   -12.647 1.00 18.56 ? 45  LEU A N   1 
ATOM   324  C  CA  . LEU A 1 47  ? -4.979  0.292   -11.658 1.00 20.94 ? 45  LEU A CA  1 
ATOM   325  C  C   . LEU A 1 47  ? -5.861  -0.759  -12.373 1.00 24.06 ? 45  LEU A C   1 
ATOM   326  O  O   . LEU A 1 47  ? -5.933  -1.985  -11.952 1.00 22.89 ? 45  LEU A O   1 
ATOM   327  C  CB  . LEU A 1 47  ? -5.873  1.283   -10.864 1.00 22.53 ? 45  LEU A CB  1 
ATOM   328  C  CG  . LEU A 1 47  ? -6.798  0.526   -9.881  1.00 24.53 ? 45  LEU A CG  1 
ATOM   329  C  CD1 . LEU A 1 47  ? -5.993  -0.230  -8.834  1.00 18.47 ? 45  LEU A CD1 1 
ATOM   330  C  CD2 . LEU A 1 47  ? -7.674  1.562   -9.143  1.00 22.99 ? 45  LEU A CD2 1 
ATOM   331  N  N   . TYR A 1 48  ? -6.497  -0.339  -13.462 1.00 18.41 ? 46  TYR A N   1 
ATOM   332  C  CA  . TYR A 1 48  ? -7.332  -1.267  -14.233 1.00 17.02 ? 46  TYR A CA  1 
ATOM   333  C  C   . TYR A 1 48  ? -6.535  -2.483  -14.797 1.00 20.05 ? 46  TYR A C   1 
ATOM   334  O  O   . TYR A 1 48  ? -7.043  -3.597  -14.740 1.00 24.20 ? 46  TYR A O   1 
ATOM   335  C  CB  . TYR A 1 48  ? -8.048  -0.570  -15.385 1.00 21.31 ? 46  TYR A CB  1 
ATOM   336  C  CG  . TYR A 1 48  ? -8.947  0.536   -14.849 1.00 22.46 ? 46  TYR A CG  1 
ATOM   337  C  CD1 . TYR A 1 48  ? -9.451  0.451   -13.558 1.00 23.71 ? 46  TYR A CD1 1 
ATOM   338  C  CD2 . TYR A 1 48  ? -9.340  1.620   -15.655 1.00 24.17 ? 46  TYR A CD2 1 
ATOM   339  C  CE1 . TYR A 1 48  ? -10.356 1.407   -13.043 1.00 22.82 ? 46  TYR A CE1 1 
ATOM   340  C  CE2 . TYR A 1 48  ? -10.246 2.563   -15.161 1.00 25.93 ? 46  TYR A CE2 1 
ATOM   341  C  CZ  . TYR A 1 48  ? -10.755 2.436   -13.851 1.00 27.59 ? 46  TYR A CZ  1 
ATOM   342  O  OH  . TYR A 1 48  ? -11.711 3.303   -13.354 1.00 19.52 ? 46  TYR A OH  1 
ATOM   343  N  N   . GLN A 1 49  ? -5.341  -2.246  -15.322 1.00 21.16 ? 47  GLN A N   1 
ATOM   344  C  CA  . GLN A 1 49  ? -4.477  -3.337  -15.852 1.00 26.00 ? 47  GLN A CA  1 
ATOM   345  C  C   . GLN A 1 49  ? -4.096  -4.348  -14.779 1.00 24.42 ? 47  GLN A C   1 
ATOM   346  O  O   . GLN A 1 49  ? -4.144  -5.592  -15.015 1.00 21.08 ? 47  GLN A O   1 
ATOM   347  C  CB  . GLN A 1 49  ? -3.164  -2.733  -16.425 1.00 25.32 ? 47  GLN A CB  1 
ATOM   348  C  CG  . GLN A 1 49  ? -2.058  -3.797  -16.898 1.00 27.31 ? 47  GLN A CG  1 
ATOM   349  C  CD  . GLN A 1 49  ? -0.817  -3.178  -17.585 1.00 31.81 ? 47  GLN A CD  1 
ATOM   350  O  OE1 . GLN A 1 49  ? -0.632  -1.969  -17.570 1.00 31.98 ? 47  GLN A OE1 1 
ATOM   351  N  NE2 . GLN A 1 49  ? 0.031   -4.021  -18.203 1.00 25.63 ? 47  GLN A NE2 1 
ATOM   352  N  N   . PHE A 1 50  ? -3.695  -3.836  -13.615 1.00 22.48 ? 48  PHE A N   1 
ATOM   353  C  CA  . PHE A 1 50  ? -3.180  -4.718  -12.567 1.00 25.54 ? 48  PHE A CA  1 
ATOM   354  C  C   . PHE A 1 50  ? -4.187  -5.215  -11.552 1.00 26.79 ? 48  PHE A C   1 
ATOM   355  O  O   . PHE A 1 50  ? -3.872  -6.097  -10.830 1.00 24.82 ? 48  PHE A O   1 
ATOM   356  C  CB  . PHE A 1 50  ? -1.977  -4.064  -11.885 1.00 24.22 ? 48  PHE A CB  1 
ATOM   357  C  CG  . PHE A 1 50  ? -0.783  -3.879  -12.855 1.00 27.64 ? 48  PHE A CG  1 
ATOM   358  C  CD1 . PHE A 1 50  ? -0.024  -4.982  -13.257 1.00 25.51 ? 48  PHE A CD1 1 
ATOM   359  C  CD2 . PHE A 1 50  ? -0.515  -2.655  -13.434 1.00 21.04 ? 48  PHE A CD2 1 
ATOM   360  C  CE1 . PHE A 1 50  ? 0.981   -4.865  -14.227 1.00 28.93 ? 48  PHE A CE1 1 
ATOM   361  C  CE2 . PHE A 1 50  ? 0.489   -2.520  -14.407 1.00 23.71 ? 48  PHE A CE2 1 
ATOM   362  C  CZ  . PHE A 1 50  ? 1.249   -3.655  -14.804 1.00 21.91 ? 48  PHE A CZ  1 
ATOM   363  N  N   . SER A 1 51  ? -5.417  -4.703  -11.554 1.00 22.29 ? 49  SER A N   1 
ATOM   364  C  CA  . SER A 1 51  ? -6.405  -5.210  -10.597 1.00 19.50 ? 49  SER A CA  1 
ATOM   365  C  C   . SER A 1 51  ? -7.707  -5.688  -11.192 1.00 18.22 ? 49  SER A C   1 
ATOM   366  O  O   . SER A 1 51  ? -8.573  -6.224  -10.461 1.00 26.43 ? 49  SER A O   1 
ATOM   367  C  CB  . SER A 1 51  ? -6.723  -4.161  -9.552  1.00 28.84 ? 49  SER A CB  1 
ATOM   368  O  OG  . SER A 1 51  ? -7.494  -3.099  -10.140 1.00 24.89 ? 49  SER A OG  1 
ATOM   369  N  N   . ASN A 1 52  ? -7.870  -5.523  -12.490 1.00 24.83 ? 50  ASN A N   1 
ATOM   370  C  CA  . ASN A 1 52  ? -9.131  -5.875  -13.140 1.00 27.39 ? 50  ASN A CA  1 
ATOM   371  C  C   . ASN A 1 52  ? -9.016  -6.322  -14.587 1.00 26.90 ? 50  ASN A C   1 
ATOM   372  O  O   . ASN A 1 52  ? -9.922  -6.124  -15.391 1.00 29.99 ? 50  ASN A O   1 
ATOM   373  C  CB  . ASN A 1 52  ? -10.102 -4.664  -13.001 1.00 28.57 ? 50  ASN A CB  1 
ATOM   374  C  CG  . ASN A 1 52  ? -11.532 -5.073  -13.014 1.00 33.90 ? 50  ASN A CG  1 
ATOM   375  O  OD1 . ASN A 1 52  ? -11.840 -6.204  -12.666 1.00 30.06 ? 50  ASN A OD1 1 
ATOM   376  N  ND2 . ASN A 1 52  ? -12.450 -4.141  -13.388 1.00 27.76 ? 50  ASN A ND2 1 
ATOM   377  N  N   . ASP A 1 53  ? -7.884  -6.916  -14.930 1.00 32.16 ? 51  ASP A N   1 
ATOM   378  C  CA  . ASP A 1 53  ? -7.675  -7.382  -16.277 1.00 29.86 ? 51  ASP A CA  1 
ATOM   379  C  C   . ASP A 1 53  ? -7.983  -6.308  -17.354 1.00 34.17 ? 51  ASP A C   1 
ATOM   380  O  O   . ASP A 1 53  ? -8.609  -6.615  -18.361 1.00 28.87 ? 51  ASP A O   1 
ATOM   381  C  CB  . ASP A 1 53  ? -8.555  -8.604  -16.531 1.00 28.35 ? 51  ASP A CB  1 
ATOM   382  C  CG  . ASP A 1 53  ? -7.918  -9.937  -16.014 1.00 43.10 ? 51  ASP A CG  1 
ATOM   383  O  OD1 . ASP A 1 53  ? -8.362  -10.988 -16.508 1.00 49.04 ? 51  ASP A OD1 1 
ATOM   384  O  OD2 . ASP A 1 53  ? -7.016  -9.937  -15.125 1.00 39.88 ? 51  ASP A OD2 1 
ATOM   385  N  N   . ASN A 1 54  ? -7.562  -5.063  -17.136 1.00 32.84 ? 52  ASN A N   1 
ATOM   386  C  CA  . ASN A 1 54  ? -7.808  -3.999  -18.105 1.00 28.65 ? 52  ASN A CA  1 
ATOM   387  C  C   . ASN A 1 54  ? -9.263  -3.504  -18.302 1.00 32.02 ? 52  ASN A C   1 
ATOM   388  O  O   . ASN A 1 54  ? -9.551  -2.875  -19.313 1.00 36.26 ? 52  ASN A O   1 
ATOM   389  C  CB  . ASN A 1 54  ? -7.202  -4.378  -19.455 1.00 35.25 ? 52  ASN A CB  1 
ATOM   390  C  CG  . ASN A 1 54  ? -5.756  -3.958  -19.543 1.00 39.92 ? 52  ASN A CG  1 
ATOM   391  O  OD1 . ASN A 1 54  ? -5.425  -2.885  -19.048 1.00 34.90 ? 52  ASN A OD1 1 
ATOM   392  N  ND2 . ASN A 1 54  ? -4.870  -4.811  -20.127 1.00 37.94 ? 52  ASN A ND2 1 
ATOM   393  N  N   . HIS A 1 55  ? -10.163 -3.822  -17.375 1.00 29.52 ? 53  HIS A N   1 
ATOM   394  C  CA  . HIS A 1 55  ? -11.550 -3.327  -17.377 1.00 29.26 ? 53  HIS A CA  1 
ATOM   395  C  C   . HIS A 1 55  ? -11.657 -2.226  -16.320 1.00 28.14 ? 53  HIS A C   1 
ATOM   396  O  O   . HIS A 1 55  ? -11.087 -2.360  -15.230 1.00 26.63 ? 53  HIS A O   1 
ATOM   397  C  CB  . HIS A 1 55  ? -12.528 -4.445  -17.067 1.00 33.17 ? 53  HIS A CB  1 
ATOM   398  C  CG  . HIS A 1 55  ? -12.552 -5.493  -18.130 1.00 43.76 ? 53  HIS A CG  1 
ATOM   399  N  ND1 . HIS A 1 55  ? -11.864 -6.693  -18.024 1.00 45.97 ? 53  HIS A ND1 1 
ATOM   400  C  CD2 . HIS A 1 55  ? -13.103 -5.482  -19.367 1.00 41.93 ? 53  HIS A CD2 1 
ATOM   401  C  CE1 . HIS A 1 55  ? -11.997 -7.372  -19.148 1.00 39.92 ? 53  HIS A CE1 1 
ATOM   402  N  NE2 . HIS A 1 55  ? -12.741 -6.660  -19.979 1.00 49.61 ? 53  HIS A NE2 1 
ATOM   403  N  N   . ALA A 1 56  ? -12.390 -1.147  -16.624 1.00 21.85 ? 54  ALA A N   1 
ATOM   404  C  CA  . ALA A 1 56  ? -12.501 -0.041  -15.713 1.00 15.59 ? 54  ALA A CA  1 
ATOM   405  C  C   . ALA A 1 56  ? -13.420 -0.476  -14.625 1.00 25.58 ? 54  ALA A C   1 
ATOM   406  O  O   . ALA A 1 56  ? -14.196 -1.406  -14.841 1.00 28.69 ? 54  ALA A O   1 
ATOM   407  C  CB  . ALA A 1 56  ? -13.107 1.157   -16.442 1.00 28.35 ? 54  ALA A CB  1 
ATOM   408  N  N   . TYR A 1 57  ? -13.319 0.178   -13.462 1.00 22.84 ? 55  TYR A N   1 
ATOM   409  C  CA  . TYR A 1 57  ? -14.151 -0.106  -12.298 1.00 24.77 ? 55  TYR A CA  1 
ATOM   410  C  C   . TYR A 1 57  ? -15.590 0.437   -12.591 1.00 28.55 ? 55  TYR A C   1 
ATOM   411  O  O   . TYR A 1 57  ? -15.765 1.383   -13.351 1.00 29.86 ? 55  TYR A O   1 
ATOM   412  C  CB  . TYR A 1 57  ? -13.523 0.618   -11.093 1.00 19.91 ? 55  TYR A CB  1 
ATOM   413  C  CG  . TYR A 1 57  ? -12.372 -0.046  -10.397 1.00 22.03 ? 55  TYR A CG  1 
ATOM   414  C  CD1 . TYR A 1 57  ? -11.606 -1.012  -11.012 1.00 20.33 ? 55  TYR A CD1 1 
ATOM   415  C  CD2 . TYR A 1 57  ? -12.005 0.363   -9.129  1.00 24.86 ? 55  TYR A CD2 1 
ATOM   416  C  CE1 . TYR A 1 57  ? -10.519 -1.539  -10.396 1.00 22.29 ? 55  TYR A CE1 1 
ATOM   417  C  CE2 . TYR A 1 57  ? -10.914 -0.180  -8.500  1.00 22.34 ? 55  TYR A CE2 1 
ATOM   418  C  CZ  . TYR A 1 57  ? -10.182 -1.118  -9.138  1.00 25.15 ? 55  TYR A CZ  1 
ATOM   419  O  OH  . TYR A 1 57  ? -9.106  -1.640  -8.499  1.00 23.21 ? 55  TYR A OH  1 
ATOM   420  N  N   . PRO A 1 58  ? -16.626 -0.140  -11.992 1.00 31.05 ? 56  PRO A N   1 
ATOM   421  C  CA  . PRO A 1 58  ? -17.996 0.356   -12.252 1.00 31.79 ? 56  PRO A CA  1 
ATOM   422  C  C   . PRO A 1 58  ? -18.290 1.672   -11.567 1.00 28.49 ? 56  PRO A C   1 
ATOM   423  O  O   . PRO A 1 58  ? -17.652 2.030   -10.553 1.00 23.73 ? 56  PRO A O   1 
ATOM   424  C  CB  . PRO A 1 58  ? -18.887 -0.734  -11.661 1.00 32.87 ? 56  PRO A CB  1 
ATOM   425  C  CG  . PRO A 1 58  ? -18.082 -1.213  -10.540 1.00 31.31 ? 56  PRO A CG  1 
ATOM   426  C  CD  . PRO A 1 58  ? -16.649 -1.297  -11.099 1.00 28.23 ? 56  PRO A CD  1 
ATOM   427  N  N   . THR A 1 59  ? -19.286 2.404   -12.071 1.00 26.32 ? 57  THR A N   1 
ATOM   428  C  CA  . THR A 1 59  ? -19.586 3.678   -11.401 1.00 24.25 ? 57  THR A CA  1 
ATOM   429  C  C   . THR A 1 59  ? -20.026 3.357   -9.949  1.00 32.45 ? 57  THR A C   1 
ATOM   430  O  O   . THR A 1 59  ? -20.579 2.276   -9.687  1.00 32.36 ? 57  THR A O   1 
ATOM   431  C  CB  . THR A 1 59  ? -20.700 4.466   -12.162 1.00 27.11 ? 57  THR A CB  1 
ATOM   432  O  OG1 . THR A 1 59  ? -20.854 5.771   -11.564 1.00 29.24 ? 57  THR A OG1 1 
ATOM   433  C  CG2 . THR A 1 59  ? -22.051 3.701   -12.079 1.00 31.09 ? 57  THR A CG2 1 
ATOM   434  N  N   . GLY A 1 60  ? -19.780 4.266   -9.003  1.00 32.12 ? 58  GLY A N   1 
ATOM   435  C  CA  . GLY A 1 60  ? -20.115 4.005   -7.607  1.00 33.13 ? 58  GLY A CA  1 
ATOM   436  C  C   . GLY A 1 60  ? -18.903 3.449   -6.826  1.00 35.95 ? 58  GLY A C   1 
ATOM   437  O  O   . GLY A 1 60  ? -18.799 3.663   -5.609  1.00 37.61 ? 58  GLY A O   1 
ATOM   438  N  N   . LEU A 1 61  ? -17.998 2.753   -7.520  1.00 28.92 ? 59  LEU A N   1 
ATOM   439  C  CA  . LEU A 1 61  ? -16.745 2.212   -6.930  1.00 27.97 ? 59  LEU A CA  1 
ATOM   440  C  C   . LEU A 1 61  ? -15.654 3.202   -7.359  1.00 26.29 ? 59  LEU A C   1 
ATOM   441  O  O   . LEU A 1 61  ? -14.775 3.603   -6.562  1.00 25.99 ? 59  LEU A O   1 
ATOM   442  C  CB  . LEU A 1 61  ? -16.437 0.793   -7.469  1.00 25.54 ? 59  LEU A CB  1 
ATOM   443  C  CG  . LEU A 1 61  ? -15.189 0.061   -6.911  1.00 28.05 ? 59  LEU A CG  1 
ATOM   444  C  CD1 . LEU A 1 61  ? -15.194 0.127   -5.392  1.00 32.07 ? 59  LEU A CD1 1 
ATOM   445  C  CD2 . LEU A 1 61  ? -15.192 -1.434  -7.367  1.00 24.48 ? 59  LEU A CD2 1 
ATOM   446  N  N   . VAL A 1 62  ? -15.753 3.660   -8.595  1.00 28.90 ? 60  VAL A N   1 
ATOM   447  C  CA  . VAL A 1 62  ? -14.783 4.627   -9.097  1.00 31.06 ? 60  VAL A CA  1 
ATOM   448  C  C   . VAL A 1 62  ? -14.664 5.840   -8.144  1.00 28.24 ? 60  VAL A C   1 
ATOM   449  O  O   . VAL A 1 62  ? -13.535 6.345   -7.887  1.00 26.57 ? 60  VAL A O   1 
ATOM   450  C  CB  . VAL A 1 62  ? -15.174 5.174   -10.482 1.00 33.17 ? 60  VAL A CB  1 
ATOM   451  C  CG1 . VAL A 1 62  ? -14.318 6.410   -10.830 1.00 39.95 ? 60  VAL A CG1 1 
ATOM   452  C  CG2 . VAL A 1 62  ? -14.959 4.095   -11.542 1.00 38.33 ? 60  VAL A CG2 1 
ATOM   453  N  N   . GLN A 1 63  ? -15.789 6.307   -7.604  1.00 24.67 ? 61  GLN A N   1 
ATOM   454  C  CA  . GLN A 1 63  ? -15.716 7.511   -6.760  1.00 28.11 ? 61  GLN A CA  1 
ATOM   455  C  C   . GLN A 1 63  ? -14.966 7.323   -5.410  1.00 26.82 ? 61  GLN A C   1 
ATOM   456  O  O   . GLN A 1 63  ? -14.037 8.088   -5.063  1.00 26.08 ? 61  GLN A O   1 
ATOM   457  C  CB  . GLN A 1 63  ? -17.112 8.097   -6.511  1.00 25.02 ? 61  GLN A CB  1 
ATOM   458  C  CG  . GLN A 1 63  ? -17.814 8.724   -7.755  1.00 28.39 ? 61  GLN A CG  1 
ATOM   459  C  CD  . GLN A 1 63  ? -18.004 7.729   -8.918  1.00 34.99 ? 61  GLN A CD  1 
ATOM   460  O  OE1 . GLN A 1 63  ? -18.342 6.563   -8.713  1.00 32.56 ? 61  GLN A OE1 1 
ATOM   461  N  NE2 . GLN A 1 63  ? -17.789 8.205   -10.151 1.00 34.40 ? 61  GLN A NE2 1 
ATOM   462  N  N   . PRO A 1 64  ? -15.336 6.297   -4.641  1.00 26.28 ? 62  PRO A N   1 
ATOM   463  C  CA  . PRO A 1 64  ? -14.605 6.153   -3.384  1.00 27.69 ? 62  PRO A CA  1 
ATOM   464  C  C   . PRO A 1 64  ? -13.117 5.813   -3.607  1.00 25.38 ? 62  PRO A C   1 
ATOM   465  O  O   . PRO A 1 64  ? -12.270 6.207   -2.800  1.00 24.16 ? 62  PRO A O   1 
ATOM   466  C  CB  . PRO A 1 64  ? -15.390 5.044   -2.652  1.00 23.78 ? 62  PRO A CB  1 
ATOM   467  C  CG  . PRO A 1 64  ? -16.090 4.309   -3.788  1.00 28.64 ? 62  PRO A CG  1 
ATOM   468  C  CD  . PRO A 1 64  ? -16.556 5.479   -4.621  1.00 25.76 ? 62  PRO A CD  1 
ATOM   469  N  N   . VAL A 1 65  ? -12.819 5.104   -4.700  1.00 23.11 ? 63  VAL A N   1 
ATOM   470  C  CA  . VAL A 1 65  ? -11.448 4.727   -5.006  1.00 24.33 ? 63  VAL A CA  1 
ATOM   471  C  C   . VAL A 1 65  ? -10.631 6.008   -5.304  1.00 22.42 ? 63  VAL A C   1 
ATOM   472  O  O   . VAL A 1 65  ? -9.505  6.142   -4.880  1.00 24.08 ? 63  VAL A O   1 
ATOM   473  C  CB  . VAL A 1 65  ? -11.359 3.752   -6.244  1.00 28.53 ? 63  VAL A CB  1 
ATOM   474  C  CG1 . VAL A 1 65  ? -9.894  3.651   -6.738  1.00 20.98 ? 63  VAL A CG1 1 
ATOM   475  C  CG2 . VAL A 1 65  ? -11.852 2.340   -5.837  1.00 18.62 ? 63  VAL A CG2 1 
ATOM   476  N  N   . THR A 1 66  ? -11.219 6.906   -6.079  1.00 21.15 ? 64  THR A N   1 
ATOM   477  C  CA  . THR A 1 66  ? -10.601 8.160   -6.425  1.00 24.04 ? 64  THR A CA  1 
ATOM   478  C  C   . THR A 1 66  ? -10.481 9.047   -5.181  1.00 21.37 ? 64  THR A C   1 
ATOM   479  O  O   . THR A 1 66  ? -9.492  9.726   -5.028  1.00 22.40 ? 64  THR A O   1 
ATOM   480  C  CB  . THR A 1 66  ? -11.374 8.861   -7.584  1.00 24.91 ? 64  THR A CB  1 
ATOM   481  O  OG1 . THR A 1 66  ? -11.567 7.876   -8.646  1.00 29.28 ? 64  THR A OG1 1 
ATOM   482  C  CG2 . THR A 1 66  ? -10.508 10.107  -8.157  1.00 23.37 ? 64  THR A CG2 1 
ATOM   483  N  N   . GLU A 1 67  ? -11.475 9.047   -4.302  1.00 23.12 ? 65  GLU A N   1 
ATOM   484  C  CA  . GLU A 1 67  ? -11.340 9.797   -3.048  1.00 24.33 ? 65  GLU A CA  1 
ATOM   485  C  C   . GLU A 1 67  ? -10.179 9.254   -2.208  1.00 23.91 ? 65  GLU A C   1 
ATOM   486  O  O   . GLU A 1 67  ? -9.471  10.003  -1.564  1.00 26.20 ? 65  GLU A O   1 
ATOM   487  C  CB  . GLU A 1 67  ? -12.661 9.709   -2.277  1.00 30.17 ? 65  GLU A CB  1 
ATOM   488  C  CG  . GLU A 1 67  ? -13.650 10.611  -2.984  1.00 36.33 ? 65  GLU A CG  1 
ATOM   489  C  CD  . GLU A 1 67  ? -15.056 10.352  -2.628  1.00 50.20 ? 65  GLU A CD  1 
ATOM   490  O  OE1 . GLU A 1 67  ? -15.319 9.364   -1.905  1.00 52.69 ? 65  GLU A OE1 1 
ATOM   491  O  OE2 . GLU A 1 67  ? -15.908 11.142  -3.088  1.00 48.58 ? 65  GLU A OE2 1 
ATOM   492  N  N   . LEU A 1 68  ? -9.972  7.937   -2.252  1.00 21.27 ? 66  LEU A N   1 
ATOM   493  C  CA  . LEU A 1 68  ? -8.897  7.319   -1.508  1.00 22.06 ? 66  LEU A CA  1 
ATOM   494  C  C   . LEU A 1 68  ? -7.576  7.777   -2.138  1.00 20.79 ? 66  LEU A C   1 
ATOM   495  O  O   . LEU A 1 68  ? -6.676  8.144   -1.447  1.00 23.68 ? 66  LEU A O   1 
ATOM   496  C  CB  . LEU A 1 68  ? -8.991  5.763   -1.567  1.00 18.02 ? 66  LEU A CB  1 
ATOM   497  C  CG  . LEU A 1 68  ? -7.806  5.005   -0.896  1.00 21.13 ? 66  LEU A CG  1 
ATOM   498  C  CD1 . LEU A 1 68  ? -7.631  5.428   0.596   1.00 25.76 ? 66  LEU A CD1 1 
ATOM   499  C  CD2 . LEU A 1 68  ? -8.052  3.494   -0.961  1.00 25.03 ? 66  LEU A CD2 1 
ATOM   500  N  N   . TYR A 1 69  ? -7.501  7.794   -3.460  1.00 17.71 ? 67  TYR A N   1 
ATOM   501  C  CA  . TYR A 1 69  ? -6.273  8.210   -4.111  1.00 18.26 ? 67  TYR A CA  1 
ATOM   502  C  C   . TYR A 1 69  ? -5.850  9.614   -3.661  1.00 23.79 ? 67  TYR A C   1 
ATOM   503  O  O   . TYR A 1 69  ? -4.670  9.849   -3.313  1.00 23.20 ? 67  TYR A O   1 
ATOM   504  C  CB  . TYR A 1 69  ? -6.492  8.181   -5.633  1.00 16.34 ? 67  TYR A CB  1 
ATOM   505  C  CG  . TYR A 1 69  ? -5.219  8.354   -6.384  1.00 22.77 ? 67  TYR A CG  1 
ATOM   506  C  CD1 . TYR A 1 69  ? -4.238  7.328   -6.374  1.00 26.58 ? 67  TYR A CD1 1 
ATOM   507  C  CD2 . TYR A 1 69  ? -4.987  9.494   -7.130  1.00 26.38 ? 67  TYR A CD2 1 
ATOM   508  C  CE1 . TYR A 1 69  ? -3.071  7.446   -7.104  1.00 25.71 ? 67  TYR A CE1 1 
ATOM   509  C  CE2 . TYR A 1 69  ? -3.793  9.627   -7.884  1.00 28.05 ? 67  TYR A CE2 1 
ATOM   510  C  CZ  . TYR A 1 69  ? -2.871  8.608   -7.853  1.00 25.46 ? 67  TYR A CZ  1 
ATOM   511  O  OH  . TYR A 1 69  ? -1.714  8.735   -8.549  1.00 33.82 ? 67  TYR A OH  1 
ATOM   512  N  N   . GLU A 1 70  ? -6.825  10.532  -3.651  1.00 21.22 ? 68  GLU A N   1 
ATOM   513  C  CA  . GLU A 1 70  ? -6.573  11.912  -3.272  1.00 26.98 ? 68  GLU A CA  1 
ATOM   514  C  C   . GLU A 1 70  ? -6.165  12.081  -1.813  1.00 28.07 ? 68  GLU A C   1 
ATOM   515  O  O   . GLU A 1 70  ? -5.300  12.896  -1.493  1.00 25.98 ? 68  GLU A O   1 
ATOM   516  C  CB  . GLU A 1 70  ? -7.809  12.789  -3.555  1.00 27.65 ? 68  GLU A CB  1 
ATOM   517  C  CG  . GLU A 1 70  ? -7.530  14.305  -3.336  1.00 32.76 ? 68  GLU A CG  1 
ATOM   518  C  CD  . GLU A 1 70  ? -7.360  14.780  -1.842  1.00 39.88 ? 68  GLU A CD  1 
ATOM   519  O  OE1 . GLU A 1 70  ? -8.036  14.257  -0.916  1.00 37.58 ? 68  GLU A OE1 1 
ATOM   520  O  OE2 . GLU A 1 70  ? -6.566  15.721  -1.610  1.00 36.05 ? 68  GLU A OE2 1 
ATOM   521  N  N   . GLN A 1 71  ? -6.789  11.267  -0.955  1.00 26.84 ? 69  GLN A N   1 
ATOM   522  C  CA  . GLN A 1 71  ? -6.526  11.267  0.464   1.00 29.42 ? 69  GLN A CA  1 
ATOM   523  C  C   . GLN A 1 71  ? -5.106  10.754  0.683   1.00 28.40 ? 69  GLN A C   1 
ATOM   524  O  O   . GLN A 1 71  ? -4.374  11.279  1.514   1.00 29.89 ? 69  GLN A O   1 
ATOM   525  C  CB  . GLN A 1 71  ? -7.563  10.394  1.182   1.00 30.86 ? 69  GLN A CB  1 
ATOM   526  C  CG  . GLN A 1 71  ? -7.709  10.653  2.666   1.00 47.73 ? 69  GLN A CG  1 
ATOM   527  C  CD  . GLN A 1 71  ? -6.860  9.751   3.540   1.00 56.60 ? 69  GLN A CD  1 
ATOM   528  O  OE1 . GLN A 1 71  ? -6.805  8.514   3.344   1.00 59.72 ? 69  GLN A OE1 1 
ATOM   529  N  NE2 . GLN A 1 71  ? -6.210  10.354  4.550   1.00 63.02 ? 69  GLN A NE2 1 
ATOM   530  N  N   . ILE A 1 72  ? -4.715  9.732   -0.064  1.00 26.47 ? 70  ILE A N   1 
ATOM   531  C  CA  . ILE A 1 72  ? -3.368  9.213   0.076   1.00 27.65 ? 70  ILE A CA  1 
ATOM   532  C  C   . ILE A 1 72  ? -2.336  10.272  -0.350  1.00 26.41 ? 70  ILE A C   1 
ATOM   533  O  O   . ILE A 1 72  ? -1.346  10.514  0.369   1.00 25.98 ? 70  ILE A O   1 
ATOM   534  C  CB  . ILE A 1 72  ? -3.142  7.935   -0.771  1.00 23.68 ? 70  ILE A CB  1 
ATOM   535  C  CG1 . ILE A 1 72  ? -3.761  6.724   -0.054  1.00 26.30 ? 70  ILE A CG1 1 
ATOM   536  C  CG2 . ILE A 1 72  ? -1.659  7.727   -0.954  1.00 26.50 ? 70  ILE A CG2 1 
ATOM   537  C  CD1 . ILE A 1 72  ? -3.864  5.421   -0.931  1.00 22.45 ? 70  ILE A CD1 1 
ATOM   538  N  N   . SER A 1 73  ? -2.600  10.889  -1.494  1.00 26.03 ? 71  SER A N   1 
ATOM   539  C  CA  . SER A 1 73  ? -1.738  11.934  -2.081  1.00 30.07 ? 71  SER A CA  1 
ATOM   540  C  C   . SER A 1 73  ? -1.541  13.143  -1.133  1.00 26.56 ? 71  SER A C   1 
ATOM   541  O  O   . SER A 1 73  ? -0.413  13.625  -0.943  1.00 27.65 ? 71  SER A O   1 
ATOM   542  C  CB  . SER A 1 73  ? -2.351  12.418  -3.428  1.00 30.67 ? 71  SER A CB  1 
ATOM   543  O  OG  . SER A 1 73  ? -1.633  13.540  -3.980  1.00 36.09 ? 71  SER A OG  1 
ATOM   544  N  N   . GLN A 1 74  ? -2.637  13.591  -0.524  1.00 29.92 ? 72  GLN A N   1 
ATOM   545  C  CA  . GLN A 1 74  ? -2.617  14.753  0.393   1.00 35.20 ? 72  GLN A CA  1 
ATOM   546  C  C   . GLN A 1 74  ? -1.868  14.441  1.703   1.00 33.86 ? 72  GLN A C   1 
ATOM   547  O  O   . GLN A 1 74  ? -1.037  15.230  2.173   1.00 31.22 ? 72  GLN A O   1 
ATOM   548  C  CB  . GLN A 1 74  ? -4.055  15.184  0.703   1.00 35.33 ? 72  GLN A CB  1 
ATOM   549  C  CG  . GLN A 1 74  ? -4.183  16.564  1.357   1.00 43.27 ? 72  GLN A CG  1 
ATOM   550  C  CD  . GLN A 1 74  ? -5.647  16.953  1.565   1.00 42.75 ? 72  GLN A CD  1 
ATOM   551  O  OE1 . GLN A 1 74  ? -6.036  17.483  2.626   1.00 47.94 ? 72  GLN A OE1 1 
ATOM   552  N  NE2 . GLN A 1 74  ? -6.459  16.682  0.567   1.00 34.91 ? 72  GLN A NE2 1 
ATOM   553  N  N   . THR A 1 75  ? -2.130  13.278  2.291   1.00 33.51 ? 73  THR A N   1 
ATOM   554  C  CA  . THR A 1 75  ? -1.400  12.937  3.505   1.00 38.19 ? 73  THR A CA  1 
ATOM   555  C  C   . THR A 1 75  ? 0.109   12.760  3.220   1.00 38.95 ? 73  THR A C   1 
ATOM   556  O  O   . THR A 1 75  ? 0.956   13.154  4.043   1.00 39.86 ? 73  THR A O   1 
ATOM   557  C  CB  . THR A 1 75  ? -2.001  11.706  4.235   1.00 32.17 ? 73  THR A CB  1 
ATOM   558  O  OG1 . THR A 1 75  ? -1.948  10.546  3.398   1.00 34.68 ? 73  THR A OG1 1 
ATOM   559  C  CG2 . THR A 1 75  ? -3.431  12.016  4.592   1.00 34.25 ? 73  THR A CG2 1 
ATOM   560  N  N   . LEU A 1 76  ? 0.457   12.243  2.052   1.00 39.84 ? 74  LEU A N   1 
ATOM   561  C  CA  . LEU A 1 76  ? 1.878   12.105  1.709   1.00 37.82 ? 74  LEU A CA  1 
ATOM   562  C  C   . LEU A 1 76  ? 2.527   13.441  1.379   1.00 40.81 ? 74  LEU A C   1 
ATOM   563  O  O   . LEU A 1 76  ? 3.748   13.547  1.439   1.00 40.99 ? 74  LEU A O   1 
ATOM   564  C  CB  . LEU A 1 76  ? 2.041   11.167  0.514   1.00 32.70 ? 74  LEU A CB  1 
ATOM   565  C  CG  . LEU A 1 76  ? 1.874   9.654   0.726   1.00 33.67 ? 74  LEU A CG  1 
ATOM   566  C  CD1 . LEU A 1 76  ? 1.741   8.925   -0.608  1.00 30.58 ? 74  LEU A CD1 1 
ATOM   567  C  CD2 . LEU A 1 76  ? 3.054   9.099   1.507   1.00 33.71 ? 74  LEU A CD2 1 
ATOM   568  N  N   . SER A 1 77  ? 1.765   14.502  0.977   1.00 43.85 ? 75  SER A N   1 
ATOM   569  C  CA  . SER A 1 77  ? 2.398   15.794  0.606   1.00 45.35 ? 75  SER A CA  1 
ATOM   570  C  C   . SER A 1 77  ? 2.654   16.516  1.913   1.00 50.21 ? 75  SER A C   1 
ATOM   571  O  O   . SER A 1 77  ? 3.087   17.661  2.013   1.00 53.03 ? 75  SER A O   1 
ATOM   572  C  CB  . SER A 1 77  ? 1.569   16.634  -0.353  1.00 42.40 ? 75  SER A CB  1 
ATOM   573  O  OG  . SER A 1 77  ? 0.205   16.677  0.032   1.00 42.74 ? 75  SER A OG  1 
ATOM   574  N  N   . ASP A 1 78  ? 2.366   15.695  2.865   1.00 54.99 ? 76  ASP A N   1 
ATOM   575  C  CA  . ASP A 1 78  ? 2.650   15.937  4.229   1.00 60.62 ? 76  ASP A CA  1 
ATOM   576  C  C   . ASP A 1 78  ? 1.744   16.761  5.086   1.00 65.31 ? 76  ASP A C   1 
ATOM   577  O  O   . ASP A 1 78  ? 2.190   17.711  5.745   1.00 74.40 ? 76  ASP A O   1 
ATOM   578  C  CB  . ASP A 1 78  ? 4.036   16.510  4.323   1.00 54.01 ? 76  ASP A CB  1 
ATOM   579  C  CG  . ASP A 1 78  ? 4.596   15.938  5.587   1.00 63.13 ? 76  ASP A CG  1 
ATOM   580  O  OD1 . ASP A 1 78  ? 3.855   15.242  6.318   1.00 62.62 ? 76  ASP A OD1 1 
ATOM   581  O  OD2 . ASP A 1 78  ? 5.796   16.189  5.869   1.00 70.35 ? 76  ASP A OD2 1 
ATOM   582  N  N   . VAL A 1 79  ? 0.477   16.427  5.112   1.00 67.82 ? 77  VAL A N   1 
ATOM   583  C  CA  . VAL A 1 79  ? -0.410  17.060  6.020   1.00 72.44 ? 77  VAL A CA  1 
ATOM   584  C  C   . VAL A 1 79  ? 0.314   17.040  7.384   1.00 71.52 ? 77  VAL A C   1 
ATOM   585  O  O   . VAL A 1 79  ? 0.084   16.204  8.253   1.00 74.03 ? 77  VAL A O   1 
ATOM   586  C  CB  . VAL A 1 79  ? -1.810  16.389  6.047   1.00 75.89 ? 77  VAL A CB  1 
ATOM   587  C  CG1 . VAL A 1 79  ? -2.670  17.008  7.137   1.00 74.81 ? 77  VAL A CG1 1 
ATOM   588  C  CG2 . VAL A 1 79  ? -2.481  16.523  4.697   1.00 75.06 ? 77  VAL A CG2 1 
ATOM   589  N  N   . GLU A 1 80  ? 1.211   18.041  7.513   1.00 73.32 ? 78  GLU A N   1 
ATOM   590  C  CA  . GLU A 1 80  ? 2.144   18.364  8.614   1.00 73.73 ? 78  GLU A CA  1 
ATOM   591  C  C   . GLU A 1 80  ? 2.910   17.167  9.166   1.00 69.77 ? 78  GLU A C   1 
ATOM   592  O  O   . GLU A 1 80  ? 2.594   16.661  10.235  1.00 70.10 ? 78  GLU A O   1 
ATOM   593  C  CB  . GLU A 1 80  ? 1.420   19.117  9.741   1.00 81.14 ? 78  GLU A CB  1 
ATOM   594  C  CG  . GLU A 1 80  ? 0.021   18.633  10.058  1.00 81.31 ? 78  GLU A CG  1 
ATOM   595  C  CD  . GLU A 1 80  ? -0.527  19.382  11.262  1.00 88.41 ? 78  GLU A CD  1 
ATOM   596  O  OE1 . GLU A 1 80  ? -0.082  20.513  11.536  1.00 90.44 ? 78  GLU A OE1 1 
ATOM   597  O  OE2 . GLU A 1 80  ? -1.417  18.815  11.949  1.00 90.26 ? 78  GLU A OE2 1 
ATOM   598  N  N   . GLY A 1 81  ? 3.900   16.724  8.416   1.00 58.02 ? 79  GLY A N   1 
ATOM   599  C  CA  . GLY A 1 81  ? 4.720   15.616  8.835   1.00 55.91 ? 79  GLY A CA  1 
ATOM   600  C  C   . GLY A 1 81  ? 4.015   14.379  9.370   1.00 50.39 ? 79  GLY A C   1 
ATOM   601  O  O   . GLY A 1 81  ? 3.287   14.403  10.362  1.00 43.76 ? 79  GLY A O   1 
ATOM   602  N  N   . PHE A 1 82  ? 4.174   13.278  8.658   1.00 47.88 ? 80  PHE A N   1 
ATOM   603  C  CA  . PHE A 1 82  ? 3.663   12.021  9.170   1.00 42.35 ? 80  PHE A CA  1 
ATOM   604  C  C   . PHE A 1 82  ? 2.203   11.753  9.466   1.00 40.88 ? 80  PHE A C   1 
ATOM   605  O  O   . PHE A 1 82  ? 1.883   11.267  10.544  1.00 38.30 ? 80  PHE A O   1 
ATOM   606  C  CB  . PHE A 1 82  ? 4.459   11.671  10.423  1.00 46.18 ? 80  PHE A CB  1 
ATOM   607  C  CG  . PHE A 1 82  ? 5.118   10.332  10.359  1.00 39.25 ? 80  PHE A CG  1 
ATOM   608  C  CD1 . PHE A 1 82  ? 4.673   9.287   11.162  1.00 44.25 ? 80  PHE A CD1 1 
ATOM   609  C  CD2 . PHE A 1 82  ? 6.122   10.096  9.456   1.00 40.53 ? 80  PHE A CD2 1 
ATOM   610  C  CE1 . PHE A 1 82  ? 5.237   8.017   11.050  1.00 40.45 ? 80  PHE A CE1 1 
ATOM   611  C  CE2 . PHE A 1 82  ? 6.693   8.815   9.341   1.00 47.72 ? 80  PHE A CE2 1 
ATOM   612  C  CZ  . PHE A 1 82  ? 6.245   7.795   10.136  1.00 38.31 ? 80  PHE A CZ  1 
ATOM   613  N  N   . THR A 1 83  ? 1.322   12.030  8.514   1.00 36.57 ? 81  THR A N   1 
ATOM   614  C  CA  . THR A 1 83  ? -0.073  11.709  8.716   1.00 37.66 ? 81  THR A CA  1 
ATOM   615  C  C   . THR A 1 83  ? -0.478  10.489  7.837   1.00 32.50 ? 81  THR A C   1 
ATOM   616  O  O   . THR A 1 83  ? -1.560  9.953   7.936   1.00 29.66 ? 81  THR A O   1 
ATOM   617  C  CB  . THR A 1 83  ? -0.920  12.860  8.317   1.00 36.87 ? 81  THR A CB  1 
ATOM   618  O  OG1 . THR A 1 83  ? -2.275  12.436  8.347   1.00 47.00 ? 81  THR A OG1 1 
ATOM   619  C  CG2 . THR A 1 83  ? -0.553  13.315  6.951   1.00 28.77 ? 81  THR A CG2 1 
ATOM   620  N  N   . PHE A 1 84  ? 0.420   10.069  6.965   1.00 35.30 ? 82  PHE A N   1 
ATOM   621  C  CA  . PHE A 1 84  ? 0.152   8.924   6.083   1.00 34.76 ? 82  PHE A CA  1 
ATOM   622  C  C   . PHE A 1 84  ? 0.012   7.625   6.851   1.00 33.80 ? 82  PHE A C   1 
ATOM   623  O  O   . PHE A 1 84  ? 0.853   7.317   7.690   1.00 38.98 ? 82  PHE A O   1 
ATOM   624  C  CB  . PHE A 1 84  ? 1.279   8.804   5.079   1.00 27.80 ? 82  PHE A CB  1 
ATOM   625  C  CG  . PHE A 1 84  ? 1.207   7.587   4.252   1.00 25.63 ? 82  PHE A CG  1 
ATOM   626  C  CD1 . PHE A 1 84  ? 0.237   7.476   3.258   1.00 30.62 ? 82  PHE A CD1 1 
ATOM   627  C  CD2 . PHE A 1 84  ? 2.090   6.529   4.471   1.00 29.08 ? 82  PHE A CD2 1 
ATOM   628  C  CE1 . PHE A 1 84  ? 0.139   6.297   2.465   1.00 22.91 ? 82  PHE A CE1 1 
ATOM   629  C  CE2 . PHE A 1 84  ? 2.007   5.340   3.688   1.00 26.95 ? 82  PHE A CE2 1 
ATOM   630  C  CZ  . PHE A 1 84  ? 1.034   5.232   2.692   1.00 25.57 ? 82  PHE A CZ  1 
ATOM   631  N  N   . GLU A 1 85  ? -1.069  6.896   6.587   1.00 35.37 ? 83  GLU A N   1 
ATOM   632  C  CA  . GLU A 1 85  ? -1.388  5.613   7.206   1.00 33.11 ? 83  GLU A CA  1 
ATOM   633  C  C   . GLU A 1 85  ? -1.424  4.513   6.152   1.00 34.56 ? 83  GLU A C   1 
ATOM   634  O  O   . GLU A 1 85  ? -1.797  4.778   4.992   1.00 26.90 ? 83  GLU A O   1 
ATOM   635  C  CB  . GLU A 1 85  ? -2.750  5.683   7.897   1.00 39.99 ? 83  GLU A CB  1 
ATOM   636  C  CG  . GLU A 1 85  ? -2.847  6.788   8.942   1.00 40.99 ? 83  GLU A CG  1 
ATOM   637  C  CD  . GLU A 1 85  ? -1.957  6.538   10.162  1.00 47.54 ? 83  GLU A CD  1 
ATOM   638  O  OE1 . GLU A 1 85  ? -1.456  5.404   10.306  1.00 42.17 ? 83  GLU A OE1 1 
ATOM   639  O  OE2 . GLU A 1 85  ? -1.772  7.479   10.979  1.00 44.53 ? 83  GLU A OE2 1 
ATOM   640  N  N   . LEU A 1 86  ? -1.074  3.277   6.554   1.00 26.20 ? 84  LEU A N   1 
ATOM   641  C  CA  . LEU A 1 86  ? -1.044  2.181   5.613   1.00 28.83 ? 84  LEU A CA  1 
ATOM   642  C  C   . LEU A 1 86  ? -2.377  1.618   5.214   1.00 34.26 ? 84  LEU A C   1 
ATOM   643  O  O   . LEU A 1 86  ? -2.523  1.074   4.124   1.00 34.61 ? 84  LEU A O   1 
ATOM   644  C  CB  . LEU A 1 86  ? -0.165  1.021   6.137   1.00 27.70 ? 84  LEU A CB  1 
ATOM   645  C  CG  . LEU A 1 86  ? 1.282   1.321   6.551   1.00 27.87 ? 84  LEU A CG  1 
ATOM   646  C  CD1 . LEU A 1 86  ? 1.982   -0.030  6.843   1.00 28.58 ? 84  LEU A CD1 1 
ATOM   647  C  CD2 . LEU A 1 86  ? 2.038   2.080   5.438   1.00 26.19 ? 84  LEU A CD2 1 
ATOM   648  N  N   . GLY A 1 87  ? -3.389  1.643   6.060   1.00 33.41 ? 85  GLY A N   1 
ATOM   649  C  CA  . GLY A 1 87  ? -4.604  1.041   5.478   1.00 33.51 ? 85  GLY A CA  1 
ATOM   650  C  C   . GLY A 1 87  ? -4.613  -0.489  5.421   1.00 31.69 ? 85  GLY A C   1 
ATOM   651  O  O   . GLY A 1 87  ? -5.001  -1.106  4.425   1.00 34.38 ? 85  GLY A O   1 
ATOM   652  N  N   . LEU A 1 88  ? -4.152  -1.104  6.491   1.00 24.31 ? 86  LEU A N   1 
ATOM   653  C  CA  . LEU A 1 88  ? -4.133  -2.549  6.630   1.00 24.32 ? 86  LEU A CA  1 
ATOM   654  C  C   . LEU A 1 88  ? -5.503  -3.035  7.172   1.00 29.72 ? 86  LEU A C   1 
ATOM   655  O  O   . LEU A 1 88  ? -6.407  -2.216  7.411   1.00 25.57 ? 86  LEU A O   1 
ATOM   656  C  CB  . LEU A 1 88  ? -3.028  -2.956  7.605   1.00 25.88 ? 86  LEU A CB  1 
ATOM   657  C  CG  . LEU A 1 88  ? -1.616  -2.455  7.294   1.00 24.64 ? 86  LEU A CG  1 
ATOM   658  C  CD1 . LEU A 1 88  ? -0.664  -2.972  8.395   1.00 30.28 ? 86  LEU A CD1 1 
ATOM   659  C  CD2 . LEU A 1 88  ? -1.153  -2.974  5.865   1.00 20.15 ? 86  LEU A CD2 1 
ATOM   660  N  N   . THR A 1 89  ? -5.633  -4.358  7.297   1.00 27.81 ? 87  THR A N   1 
ATOM   661  C  CA  . THR A 1 89  ? -6.816  -5.075  7.818   1.00 33.27 ? 87  THR A CA  1 
ATOM   662  C  C   . THR A 1 89  ? -7.092  -4.636  9.266   1.00 38.17 ? 87  THR A C   1 
ATOM   663  O  O   . THR A 1 89  ? -6.185  -4.271  9.994   1.00 35.43 ? 87  THR A O   1 
ATOM   664  C  CB  . THR A 1 89  ? -6.507  -6.598  7.883   1.00 38.60 ? 87  THR A CB  1 
ATOM   665  O  OG1 . THR A 1 89  ? -7.618  -7.318  8.446   1.00 38.57 ? 87  THR A OG1 1 
ATOM   666  C  CG2 . THR A 1 89  ? -5.305  -6.832  8.798   1.00 34.29 ? 87  THR A CG2 1 
ATOM   667  N  N   . GLU A 1 90  ? -8.339  -4.692  9.710   1.00 47.35 ? 88  GLU A N   1 
ATOM   668  C  CA  . GLU A 1 90  ? -8.633  -4.301  11.094  1.00 49.53 ? 88  GLU A CA  1 
ATOM   669  C  C   . GLU A 1 90  ? -8.759  -5.571  11.950  1.00 50.64 ? 88  GLU A C   1 
ATOM   670  O  O   . GLU A 1 90  ? -9.103  -5.523  13.127  1.00 56.96 ? 88  GLU A O   1 
ATOM   671  C  CB  . GLU A 1 90  ? -9.923  -3.487  11.138  1.00 48.76 ? 88  GLU A CB  1 
ATOM   672  C  CG  . GLU A 1 90  ? -10.021 -2.528  9.978   1.00 59.21 ? 88  GLU A CG  1 
ATOM   673  C  CD  . GLU A 1 90  ? -10.747 -1.227  10.336  1.00 66.17 ? 88  GLU A CD  1 
ATOM   674  O  OE1 . GLU A 1 90  ? -10.192 -0.406  11.119  1.00 70.71 ? 88  GLU A OE1 1 
ATOM   675  O  OE2 . GLU A 1 90  ? -11.873 -1.027  9.837   1.00 63.45 ? 88  GLU A OE2 1 
ATOM   676  N  N   . ASP A 1 91  ? -8.458  -6.709  11.347  1.00 46.56 ? 89  ASP A N   1 
ATOM   677  C  CA  . ASP A 1 91  ? -8.506  -7.992  12.033  1.00 47.87 ? 89  ASP A CA  1 
ATOM   678  C  C   . ASP A 1 91  ? -7.554  -7.970  13.252  1.00 48.62 ? 89  ASP A C   1 
ATOM   679  O  O   . ASP A 1 91  ? -6.361  -7.579  13.154  1.00 43.80 ? 89  ASP A O   1 
ATOM   680  C  CB  . ASP A 1 91  ? -8.075  -9.082  11.050  1.00 52.55 ? 89  ASP A CB  1 
ATOM   681  C  CG  . ASP A 1 91  ? -8.614  -10.444 11.402  1.00 54.38 ? 89  ASP A CG  1 
ATOM   682  O  OD1 . ASP A 1 91  ? -8.123  -11.069 12.375  1.00 50.53 ? 89  ASP A OD1 1 
ATOM   683  O  OD2 . ASP A 1 91  ? -9.539  -10.881 10.687  1.00 53.64 ? 89  ASP A OD2 1 
ATOM   684  N  N   . GLU A 1 92  ? -8.053  -8.425  14.391  1.00 41.01 ? 90  GLU A N   1 
ATOM   685  C  CA  . GLU A 1 92  ? -7.232  -8.427  15.593  1.00 44.87 ? 90  GLU A CA  1 
ATOM   686  C  C   . GLU A 1 92  ? -6.132  -9.495  15.612  1.00 43.11 ? 90  GLU A C   1 
ATOM   687  O  O   . GLU A 1 92  ? -5.108  -9.289  16.249  1.00 47.64 ? 90  GLU A O   1 
ATOM   688  C  CB  . GLU A 1 92  ? -8.143  -8.528  16.825  1.00 46.43 ? 90  GLU A CB  1 
ATOM   689  C  CG  . GLU A 1 92  ? -8.917  -7.237  17.092  1.00 54.34 ? 90  GLU A CG  1 
ATOM   690  C  CD  . GLU A 1 92  ? -10.251 -7.482  17.810  1.00 60.41 ? 90  GLU A CD  1 
ATOM   691  O  OE1 . GLU A 1 92  ? -10.336 -8.423  18.640  1.00 63.58 ? 90  GLU A OE1 1 
ATOM   692  O  OE2 . GLU A 1 92  ? -11.205 -6.718  17.544  1.00 61.81 ? 90  GLU A OE2 1 
ATOM   693  N  N   . ASN A 1 93  ? -6.318  -10.624 14.928  1.00 37.87 ? 91  ASN A N   1 
ATOM   694  C  CA  . ASN A 1 93  ? -5.289  -11.660 14.917  1.00 36.61 ? 91  ASN A CA  1 
ATOM   695  C  C   . ASN A 1 93  ? -3.964  -11.042 14.392  1.00 42.70 ? 91  ASN A C   1 
ATOM   696  O  O   . ASN A 1 93  ? -3.890  -10.527 13.266  1.00 42.88 ? 91  ASN A O   1 
ATOM   697  C  CB  . ASN A 1 93  ? -5.723  -12.801 14.034  1.00 40.43 ? 91  ASN A CB  1 
ATOM   698  C  CG  . ASN A 1 93  ? -4.690  -13.889 13.942  1.00 47.90 ? 91  ASN A CG  1 
ATOM   699  O  OD1 . ASN A 1 93  ? -3.482  -13.635 13.747  1.00 44.55 ? 91  ASN A OD1 1 
ATOM   700  N  ND2 . ASN A 1 93  ? -5.151  -15.123 14.054  1.00 46.02 ? 91  ASN A ND2 1 
ATOM   701  N  N   . VAL A 1 94  ? -2.935  -11.089 15.222  1.00 41.11 ? 92  VAL A N   1 
ATOM   702  C  CA  . VAL A 1 94  ? -1.668  -10.498 14.864  1.00 42.90 ? 92  VAL A CA  1 
ATOM   703  C  C   . VAL A 1 94  ? -1.092  -11.187 13.663  1.00 44.47 ? 92  VAL A C   1 
ATOM   704  O  O   . VAL A 1 94  ? -0.413  -10.555 12.847  1.00 43.63 ? 92  VAL A O   1 
ATOM   705  C  CB  . VAL A 1 94  ? -0.677  -10.552 16.069  1.00 47.93 ? 92  VAL A CB  1 
ATOM   706  C  CG1 . VAL A 1 94  ? -0.270  -12.021 16.361  1.00 47.99 ? 92  VAL A CG1 1 
ATOM   707  C  CG2 . VAL A 1 94  ? 0.567   -9.681  15.787  1.00 44.09 ? 92  VAL A CG2 1 
ATOM   708  N  N   . PHE A 1 95  ? -1.343  -12.486 13.528  1.00 42.91 ? 93  PHE A N   1 
ATOM   709  C  CA  . PHE A 1 95  ? -0.814  -13.201 12.367  1.00 44.12 ? 93  PHE A CA  1 
ATOM   710  C  C   . PHE A 1 95  ? -1.526  -12.734 11.109  1.00 42.60 ? 93  PHE A C   1 
ATOM   711  O  O   . PHE A 1 95  ? -0.973  -12.775 10.003  1.00 32.73 ? 93  PHE A O   1 
ATOM   712  C  CB  . PHE A 1 95  ? -0.982  -14.716 12.545  1.00 51.34 ? 93  PHE A CB  1 
ATOM   713  C  CG  . PHE A 1 95  ? -0.249  -15.243 13.735  1.00 58.27 ? 93  PHE A CG  1 
ATOM   714  C  CD1 . PHE A 1 95  ? 1.131   -15.064 13.837  1.00 56.71 ? 93  PHE A CD1 1 
ATOM   715  C  CD2 . PHE A 1 95  ? -0.929  -15.887 14.772  1.00 58.62 ? 93  PHE A CD2 1 
ATOM   716  C  CE1 . PHE A 1 95  ? 1.823   -15.510 14.943  1.00 59.38 ? 93  PHE A CE1 1 
ATOM   717  C  CE2 . PHE A 1 95  ? -0.236  -16.341 15.892  1.00 60.40 ? 93  PHE A CE2 1 
ATOM   718  C  CZ  . PHE A 1 95  ? 1.141   -16.153 15.978  1.00 56.50 ? 93  PHE A CZ  1 
ATOM   719  N  N   . THR A 1 96  ? -2.748  -12.250 11.285  1.00 37.84 ? 94  THR A N   1 
ATOM   720  C  CA  . THR A 1 96  ? -3.484  -11.795 10.137  1.00 40.95 ? 94  THR A CA  1 
ATOM   721  C  C   . THR A 1 96  ? -3.020  -10.368 9.812   1.00 40.55 ? 94  THR A C   1 
ATOM   722  O  O   . THR A 1 96  ? -3.082  -9.948  8.661   1.00 31.70 ? 94  THR A O   1 
ATOM   723  C  CB  . THR A 1 96  ? -4.990  -11.894 10.403  1.00 43.97 ? 94  THR A CB  1 
ATOM   724  O  OG1 . THR A 1 96  ? -5.318  -13.282 10.663  1.00 42.12 ? 94  THR A OG1 1 
ATOM   725  C  CG2 . THR A 1 96  ? -5.782  -11.395 9.230   1.00 33.27 ? 94  THR A CG2 1 
ATOM   726  N  N   . GLN A 1 97  ? -2.511  -9.644  10.807  1.00 40.11 ? 95  GLN A N   1 
ATOM   727  C  CA  . GLN A 1 97  ? -2.030  -8.273  10.527  1.00 40.64 ? 95  GLN A CA  1 
ATOM   728  C  C   . GLN A 1 97  ? -0.694  -8.410  9.777   1.00 37.07 ? 95  GLN A C   1 
ATOM   729  O  O   . GLN A 1 97  ? -0.379  -7.654  8.846   1.00 37.12 ? 95  GLN A O   1 
ATOM   730  C  CB  . GLN A 1 97  ? -1.837  -7.483  11.822  1.00 35.59 ? 95  GLN A CB  1 
ATOM   731  C  CG  . GLN A 1 97  ? -3.123  -7.004  12.509  1.00 48.18 ? 95  GLN A CG  1 
ATOM   732  C  CD  . GLN A 1 97  ? -3.596  -5.606  11.992  1.00 60.40 ? 95  GLN A CD  1 
ATOM   733  O  OE1 . GLN A 1 97  ? -2.771  -4.761  11.591  1.00 56.32 ? 95  GLN A OE1 1 
ATOM   734  N  NE2 . GLN A 1 97  ? -4.924  -5.362  12.022  1.00 61.46 ? 95  GLN A NE2 1 
ATOM   735  N  N   . ALA A 1 98  ? 0.068   -9.414  10.173  1.00 36.11 ? 96  ALA A N   1 
ATOM   736  C  CA  . ALA A 1 98  ? 1.344   -9.705  9.559   1.00 35.31 ? 96  ALA A CA  1 
ATOM   737  C  C   . ALA A 1 98  ? 1.143   -9.959  8.095   1.00 33.92 ? 96  ALA A C   1 
ATOM   738  O  O   . ALA A 1 98  ? 1.832   -9.352  7.257   1.00 32.36 ? 96  ALA A O   1 
ATOM   739  C  CB  . ALA A 1 98  ? 2.028   -10.964 10.231  1.00 36.30 ? 96  ALA A CB  1 
ATOM   740  N  N   . ASP A 1 99  ? 0.193   -10.849 7.784   1.00 32.04 ? 97  ASP A N   1 
ATOM   741  C  CA  . ASP A 1 99  ? -0.138  -11.239 6.411   1.00 32.88 ? 97  ASP A CA  1 
ATOM   742  C  C   . ASP A 1 99  ? -0.573  -10.021 5.566   1.00 31.48 ? 97  ASP A C   1 
ATOM   743  O  O   . ASP A 1 99  ? -0.232  -9.894  4.372   1.00 28.18 ? 97  ASP A O   1 
ATOM   744  C  CB  . ASP A 1 99  ? -1.322  -12.238 6.412   1.00 43.66 ? 97  ASP A CB  1 
ATOM   745  C  CG  . ASP A 1 99  ? -0.898  -13.688 6.755   1.00 51.47 ? 97  ASP A CG  1 
ATOM   746  O  OD1 . ASP A 1 99  ? 0.289   -13.907 7.134   1.00 52.98 ? 97  ASP A OD1 1 
ATOM   747  O  OD2 . ASP A 1 99  ? -1.769  -14.593 6.636   1.00 49.87 ? 97  ASP A OD2 1 
ATOM   748  N  N   . SER A 1 100 ? -1.349  -9.165  6.221   1.00 26.89 ? 98  SER A N   1 
ATOM   749  C  CA  . SER A 1 100 ? -1.875  -7.973  5.590   1.00 28.00 ? 98  SER A CA  1 
ATOM   750  C  C   . SER A 1 100 ? -0.769  -6.966  5.240   1.00 26.93 ? 98  SER A C   1 
ATOM   751  O  O   . SER A 1 100 ? -0.812  -6.311  4.172   1.00 25.50 ? 98  SER A O   1 
ATOM   752  C  CB  . SER A 1 100 ? -2.936  -7.380  6.508   1.00 24.03 ? 98  SER A CB  1 
ATOM   753  O  OG  . SER A 1 100 ? -3.559  -6.263  5.924   1.00 27.50 ? 98  SER A OG  1 
ATOM   754  N  N   . LEU A 1 101 ? 0.206   -6.834  6.142   1.00 29.58 ? 99  LEU A N   1 
ATOM   755  C  CA  . LEU A 1 101 ? 1.301   -5.912  5.916   1.00 23.37 ? 99  LEU A CA  1 
ATOM   756  C  C   . LEU A 1 101 ? 2.038   -6.434  4.725   1.00 24.79 ? 99  LEU A C   1 
ATOM   757  O  O   . LEU A 1 101 ? 2.430   -5.675  3.863   1.00 23.17 ? 99  LEU A O   1 
ATOM   758  C  CB  . LEU A 1 101 ? 2.225   -5.828  7.121   1.00 24.24 ? 99  LEU A CB  1 
ATOM   759  C  CG  . LEU A 1 101 ? 3.520   -5.031  6.813   1.00 23.69 ? 99  LEU A CG  1 
ATOM   760  C  CD1 . LEU A 1 101 ? 3.163   -3.516  6.507   1.00 21.64 ? 99  LEU A CD1 1 
ATOM   761  C  CD2 . LEU A 1 101 ? 4.398   -5.097  8.112   1.00 29.23 ? 99  LEU A CD2 1 
ATOM   762  N  N   . SER A 1 102 ? 2.237   -7.754  4.658   1.00 26.20 ? 100 SER A N   1 
ATOM   763  C  CA  . SER A 1 102 ? 2.939   -8.342  3.536   1.00 24.59 ? 100 SER A CA  1 
ATOM   764  C  C   . SER A 1 102 ? 2.162   -8.127  2.229   1.00 23.33 ? 100 SER A C   1 
ATOM   765  O  O   . SER A 1 102 ? 2.723   -7.863  1.146   1.00 22.68 ? 100 SER A O   1 
ATOM   766  C  CB  . SER A 1 102 ? 3.126   -9.879  3.776   1.00 25.34 ? 100 SER A CB  1 
ATOM   767  O  OG  . SER A 1 102 ? 4.078   -10.071 4.796   1.00 31.10 ? 100 SER A OG  1 
ATOM   768  N  N   . ASP A 1 103 ? 0.857   -8.287  2.336   1.00 22.42 ? 101 ASP A N   1 
ATOM   769  C  CA  . ASP A 1 103 ? -0.083  -8.119  1.231   1.00 26.76 ? 101 ASP A CA  1 
ATOM   770  C  C   . ASP A 1 103 ? 0.050   -6.672  0.722   1.00 26.69 ? 101 ASP A C   1 
ATOM   771  O  O   . ASP A 1 103 ? 0.136   -6.412  -0.512  1.00 25.32 ? 101 ASP A O   1 
ATOM   772  C  CB  . ASP A 1 103 ? -1.480  -8.345  1.836   1.00 28.23 ? 101 ASP A CB  1 
ATOM   773  C  CG  . ASP A 1 103 ? -2.562  -8.491  0.812   1.00 36.42 ? 101 ASP A CG  1 
ATOM   774  O  OD1 . ASP A 1 103 ? -2.272  -8.965  -0.309  1.00 36.03 ? 101 ASP A OD1 1 
ATOM   775  O  OD2 . ASP A 1 103 ? -3.738  -8.155  1.149   1.00 40.11 ? 101 ASP A OD2 1 
ATOM   776  N  N   . TRP A 1 104 ? 0.064   -5.755  1.675   1.00 22.60 ? 102 TRP A N   1 
ATOM   777  C  CA  . TRP A 1 104 ? 0.181   -4.321  1.343   1.00 21.17 ? 102 TRP A CA  1 
ATOM   778  C  C   . TRP A 1 104 ? 1.505   -4.057  0.607   1.00 24.41 ? 102 TRP A C   1 
ATOM   779  O  O   . TRP A 1 104 ? 1.549   -3.405  -0.461  1.00 19.66 ? 102 TRP A O   1 
ATOM   780  C  CB  . TRP A 1 104 ? 0.186   -3.500  2.621   1.00 21.64 ? 102 TRP A CB  1 
ATOM   781  C  CG  . TRP A 1 104 ? 0.146   -1.991  2.361   1.00 17.70 ? 102 TRP A CG  1 
ATOM   782  C  CD1 . TRP A 1 104 ? -0.964  -1.209  2.250   1.00 21.31 ? 102 TRP A CD1 1 
ATOM   783  C  CD2 . TRP A 1 104 ? 1.273   -1.123  2.221   1.00 22.82 ? 102 TRP A CD2 1 
ATOM   784  N  NE1 . TRP A 1 104 ? -0.610  0.121   2.059   1.00 23.16 ? 102 TRP A NE1 1 
ATOM   785  C  CE2 . TRP A 1 104 ? 0.756   0.208   2.032   1.00 23.03 ? 102 TRP A CE2 1 
ATOM   786  C  CE3 . TRP A 1 104 ? 2.675   -1.323  2.240   1.00 19.57 ? 102 TRP A CE3 1 
ATOM   787  C  CZ2 . TRP A 1 104 ? 1.605   1.331   1.856   1.00 22.00 ? 102 TRP A CZ2 1 
ATOM   788  C  CZ3 . TRP A 1 104 ? 3.521   -0.226  2.060   1.00 17.32 ? 102 TRP A CZ3 1 
ATOM   789  C  CH2 . TRP A 1 104 ? 2.961   1.111   1.867   1.00 18.69 ? 102 TRP A CH2 1 
ATOM   790  N  N   . ALA A 1 105 ? 2.571   -4.630  1.166   1.00 23.12 ? 103 ALA A N   1 
ATOM   791  C  CA  . ALA A 1 105 ? 3.918   -4.427  0.648   1.00 20.86 ? 103 ALA A CA  1 
ATOM   792  C  C   . ALA A 1 105 ? 4.115   -4.933  -0.783  1.00 22.53 ? 103 ALA A C   1 
ATOM   793  O  O   . ALA A 1 105 ? 4.771   -4.272  -1.557  1.00 21.76 ? 103 ALA A O   1 
ATOM   794  C  CB  . ALA A 1 105 ? 4.917   -5.062  1.584   1.00 18.74 ? 103 ALA A CB  1 
ATOM   795  N  N   . ASN A 1 106 ? 3.582   -6.117  -1.142  1.00 24.38 ? 104 ASN A N   1 
ATOM   796  C  CA  . ASN A 1 106 ? 3.675   -6.559  -2.525  1.00 23.47 ? 104 ASN A CA  1 
ATOM   797  C  C   . ASN A 1 106 ? 3.102   -5.500  -3.506  1.00 24.60 ? 104 ASN A C   1 
ATOM   798  O  O   . ASN A 1 106 ? 3.682   -5.197  -4.564  1.00 21.36 ? 104 ASN A O   1 
ATOM   799  C  CB  . ASN A 1 106 ? 2.874   -7.807  -2.748  1.00 20.81 ? 104 ASN A CB  1 
ATOM   800  C  CG  . ASN A 1 106 ? 3.651   -9.050  -2.276  1.00 26.25 ? 104 ASN A CG  1 
ATOM   801  O  OD1 . ASN A 1 106 ? 4.830   -9.100  -2.432  1.00 23.66 ? 104 ASN A OD1 1 
ATOM   802  N  ND2 . ASN A 1 106 ? 2.968   -10.002 -1.686  1.00 24.60 ? 104 ASN A ND2 1 
ATOM   803  N  N   . GLN A 1 107 ? 1.936   -4.986  -3.191  1.00 21.50 ? 105 GLN A N   1 
ATOM   804  C  CA  . GLN A 1 107 ? 1.341   -3.989  -4.128  1.00 23.03 ? 105 GLN A CA  1 
ATOM   805  C  C   . GLN A 1 107 ? 2.046   -2.626  -4.095  1.00 25.43 ? 105 GLN A C   1 
ATOM   806  O  O   . GLN A 1 107 ? 2.137   -1.941  -5.119  1.00 22.16 ? 105 GLN A O   1 
ATOM   807  C  CB  . GLN A 1 107 ? -0.155  -3.881  -3.877  1.00 18.88 ? 105 GLN A CB  1 
ATOM   808  C  CG  . GLN A 1 107 ? -0.854  -5.245  -3.934  1.00 28.71 ? 105 GLN A CG  1 
ATOM   809  C  CD  . GLN A 1 107 ? -0.532  -6.089  -5.230  1.00 27.68 ? 105 GLN A CD  1 
ATOM   810  O  OE1 . GLN A 1 107 ? -0.475  -5.557  -6.344  1.00 28.80 ? 105 GLN A OE1 1 
ATOM   811  N  NE2 . GLN A 1 107 ? -0.351  -7.393  -5.055  1.00 33.91 ? 105 GLN A NE2 1 
ATOM   812  N  N   . PHE A 1 108 ? 2.573   -2.236  -2.938  1.00 23.32 ? 106 PHE A N   1 
ATOM   813  C  CA  . PHE A 1 108 ? 3.309   -1.001  -2.891  1.00 23.45 ? 106 PHE A CA  1 
ATOM   814  C  C   . PHE A 1 108 ? 4.559   -1.162  -3.784  1.00 24.39 ? 106 PHE A C   1 
ATOM   815  O  O   . PHE A 1 108 ? 4.918   -0.285  -4.601  1.00 21.20 ? 106 PHE A O   1 
ATOM   816  C  CB  . PHE A 1 108 ? 3.729   -0.674  -1.448  1.00 19.92 ? 106 PHE A CB  1 
ATOM   817  C  CG  . PHE A 1 108 ? 4.516   0.582   -1.345  1.00 22.24 ? 106 PHE A CG  1 
ATOM   818  C  CD1 . PHE A 1 108 ? 3.871   1.812   -1.138  1.00 20.31 ? 106 PHE A CD1 1 
ATOM   819  C  CD2 . PHE A 1 108 ? 5.896   0.558   -1.470  1.00 20.18 ? 106 PHE A CD2 1 
ATOM   820  C  CE1 . PHE A 1 108 ? 4.619   2.997   -1.031  1.00 27.68 ? 106 PHE A CE1 1 
ATOM   821  C  CE2 . PHE A 1 108 ? 6.638   1.717   -1.377  1.00 24.75 ? 106 PHE A CE2 1 
ATOM   822  C  CZ  . PHE A 1 108 ? 5.992   2.953   -1.147  1.00 24.24 ? 106 PHE A CZ  1 
ATOM   823  N  N   . LEU A 1 109 ? 5.257   -2.294  -3.650  1.00 20.33 ? 107 LEU A N   1 
ATOM   824  C  CA  . LEU A 1 109 ? 6.433   -2.501  -4.475  1.00 18.89 ? 107 LEU A CA  1 
ATOM   825  C  C   . LEU A 1 109 ? 6.122   -2.528  -5.974  1.00 20.10 ? 107 LEU A C   1 
ATOM   826  O  O   . LEU A 1 109 ? 6.945   -2.047  -6.784  1.00 22.43 ? 107 LEU A O   1 
ATOM   827  C  CB  . LEU A 1 109 ? 7.145   -3.838  -4.062  1.00 18.35 ? 107 LEU A CB  1 
ATOM   828  C  CG  . LEU A 1 109 ? 7.967   -3.629  -2.796  1.00 19.77 ? 107 LEU A CG  1 
ATOM   829  C  CD1 . LEU A 1 109 ? 8.288   -5.079  -2.258  1.00 25.22 ? 107 LEU A CD1 1 
ATOM   830  C  CD2 . LEU A 1 109 ? 9.277   -2.786  -3.059  1.00 23.29 ? 107 LEU A CD2 1 
ATOM   831  N  N   . LEU A 1 110 ? 4.987   -3.111  -6.350  1.00 18.89 ? 108 LEU A N   1 
ATOM   832  C  CA  . LEU A 1 110 ? 4.547   -3.185  -7.759  1.00 18.39 ? 108 LEU A CA  1 
ATOM   833  C  C   . LEU A 1 110 ? 4.349   -1.718  -8.231  1.00 24.14 ? 108 LEU A C   1 
ATOM   834  O  O   . LEU A 1 110 ? 4.926   -1.293  -9.264  1.00 21.98 ? 108 LEU A O   1 
ATOM   835  C  CB  . LEU A 1 110 ? 3.183   -3.915  -7.904  1.00 17.65 ? 108 LEU A CB  1 
ATOM   836  C  CG  . LEU A 1 110 ? 2.548   -3.787  -9.295  1.00 16.70 ? 108 LEU A CG  1 
ATOM   837  C  CD1 . LEU A 1 110 ? 3.526   -4.421  -10.363 1.00 22.08 ? 108 LEU A CD1 1 
ATOM   838  C  CD2 . LEU A 1 110 ? 1.197   -4.445  -9.416  1.00 19.06 ? 108 LEU A CD2 1 
ATOM   839  N  N   . GLY A 1 111 ? 3.526   -0.993  -7.491  1.00 19.82 ? 109 GLY A N   1 
ATOM   840  C  CA  . GLY A 1 111 ? 3.269   0.425   -7.857  1.00 22.93 ? 109 GLY A CA  1 
ATOM   841  C  C   . GLY A 1 111 ? 4.504   1.307   -7.996  1.00 27.03 ? 109 GLY A C   1 
ATOM   842  O  O   . GLY A 1 111 ? 4.759   1.966   -9.050  1.00 24.24 ? 109 GLY A O   1 
ATOM   843  N  N   . ILE A 1 112 ? 5.309   1.358   -6.927  1.00 27.27 ? 110 ILE A N   1 
ATOM   844  C  CA  . ILE A 1 112 ? 6.470   2.206   -6.974  1.00 23.22 ? 110 ILE A CA  1 
ATOM   845  C  C   . ILE A 1 112 ? 7.407   1.775   -8.096  1.00 25.93 ? 110 ILE A C   1 
ATOM   846  O  O   . ILE A 1 112 ? 8.029   2.636   -8.715  1.00 28.94 ? 110 ILE A O   1 
ATOM   847  C  CB  . ILE A 1 112 ? 7.188   2.275   -5.595  1.00 26.68 ? 110 ILE A CB  1 
ATOM   848  C  CG1 . ILE A 1 112 ? 8.080   3.491   -5.592  1.00 27.22 ? 110 ILE A CG1 1 
ATOM   849  C  CG2 . ILE A 1 112 ? 8.016   0.999   -5.302  1.00 28.22 ? 110 ILE A CG2 1 
ATOM   850  C  CD1 . ILE A 1 112 ? 8.449   3.962   -4.240  1.00 39.08 ? 110 ILE A CD1 1 
ATOM   851  N  N   . GLY A 1 113 ? 7.540   0.460   -8.342  1.00 23.56 ? 111 GLY A N   1 
ATOM   852  C  CA  . GLY A 1 113 ? 8.376   -0.022  -9.437  1.00 24.08 ? 111 GLY A CA  1 
ATOM   853  C  C   . GLY A 1 113 ? 7.849   0.360   -10.828 1.00 29.52 ? 111 GLY A C   1 
ATOM   854  O  O   . GLY A 1 113 ? 8.640   0.605   -11.748 1.00 29.51 ? 111 GLY A O   1 
ATOM   855  N  N   . LEU A 1 114 ? 6.526   0.410   -11.000 1.00 28.03 ? 112 LEU A N   1 
ATOM   856  C  CA  . LEU A 1 114 ? 5.942   0.844   -12.280 1.00 29.26 ? 112 LEU A CA  1 
ATOM   857  C  C   . LEU A 1 114 ? 6.243   2.345   -12.438 1.00 32.01 ? 112 LEU A C   1 
ATOM   858  O  O   . LEU A 1 114 ? 6.527   2.821   -13.538 1.00 30.43 ? 112 LEU A O   1 
ATOM   859  C  CB  . LEU A 1 114 ? 4.415   0.700   -12.273 1.00 29.53 ? 112 LEU A CB  1 
ATOM   860  C  CG  . LEU A 1 114 ? 3.858   -0.722  -12.283 1.00 30.25 ? 112 LEU A CG  1 
ATOM   861  C  CD1 . LEU A 1 114 ? 2.377   -0.735  -11.965 1.00 26.85 ? 112 LEU A CD1 1 
ATOM   862  C  CD2 . LEU A 1 114 ? 4.123   -1.355  -13.653 1.00 28.12 ? 112 LEU A CD2 1 
ATOM   863  N  N   . ALA A 1 115 ? 6.131   3.097   -11.342 1.00 28.58 ? 113 ALA A N   1 
ATOM   864  C  CA  . ALA A 1 115 ? 6.408   4.548   -11.371 1.00 31.29 ? 113 ALA A CA  1 
ATOM   865  C  C   . ALA A 1 115 ? 7.908   4.885   -11.553 1.00 32.88 ? 113 ALA A C   1 
ATOM   866  O  O   . ALA A 1 115 ? 8.237   5.944   -12.083 1.00 30.68 ? 113 ALA A O   1 
ATOM   867  C  CB  . ALA A 1 115 ? 5.911   5.212   -10.081 1.00 29.20 ? 113 ALA A CB  1 
ATOM   868  N  N   . GLN A 1 116 ? 8.793   3.974   -11.090 1.00 31.48 ? 114 GLN A N   1 
ATOM   869  C  CA  . GLN A 1 116 ? 10.260  4.119   -11.131 1.00 31.77 ? 114 GLN A CA  1 
ATOM   870  C  C   . GLN A 1 116 ? 10.830  2.847   -11.735 1.00 31.64 ? 114 GLN A C   1 
ATOM   871  O  O   . GLN A 1 116 ? 11.307  1.957   -11.048 1.00 28.23 ? 114 GLN A O   1 
ATOM   872  C  CB  . GLN A 1 116 ? 10.818  4.349   -9.698  1.00 30.15 ? 114 GLN A CB  1 
ATOM   873  C  CG  . GLN A 1 116 ? 10.388  5.694   -9.067  1.00 25.10 ? 114 GLN A CG  1 
ATOM   874  C  CD  . GLN A 1 116 ? 11.049  6.877   -9.810  1.00 30.56 ? 114 GLN A CD  1 
ATOM   875  O  OE1 . GLN A 1 116 ? 12.132  6.707   -10.326 1.00 28.22 ? 114 GLN A OE1 1 
ATOM   876  N  NE2 . GLN A 1 116 ? 10.385  8.047   -9.874  1.00 25.30 ? 114 GLN A NE2 1 
ATOM   877  N  N   . PRO A 1 117 ? 10.769  2.755   -13.067 1.00 37.25 ? 115 PRO A N   1 
ATOM   878  C  CA  . PRO A 1 117 ? 11.259  1.591   -13.790 1.00 37.08 ? 115 PRO A CA  1 
ATOM   879  C  C   . PRO A 1 117 ? 12.721  1.295   -13.596 1.00 35.34 ? 115 PRO A C   1 
ATOM   880  O  O   . PRO A 1 117 ? 13.149  0.203   -13.899 1.00 42.56 ? 115 PRO A O   1 
ATOM   881  C  CB  . PRO A 1 117 ? 10.866  1.898   -15.252 1.00 34.92 ? 115 PRO A CB  1 
ATOM   882  C  CG  . PRO A 1 117 ? 10.883  3.400   -15.297 1.00 36.71 ? 115 PRO A CG  1 
ATOM   883  C  CD  . PRO A 1 117 ? 10.212  3.766   -13.987 1.00 32.78 ? 115 PRO A CD  1 
ATOM   884  N  N   . GLU A 1 118 ? 13.502  2.254   -13.101 1.00 35.57 ? 116 GLU A N   1 
ATOM   885  C  CA  . GLU A 1 118 ? 14.925  2.033   -12.843 1.00 34.09 ? 116 GLU A CA  1 
ATOM   886  C  C   . GLU A 1 118 ? 15.224  1.981   -11.328 1.00 33.42 ? 116 GLU A C   1 
ATOM   887  O  O   . GLU A 1 118 ? 16.328  2.223   -10.912 1.00 32.10 ? 116 GLU A O   1 
ATOM   888  C  CB  . GLU A 1 118 ? 15.766  3.171   -13.435 1.00 43.72 ? 116 GLU A CB  1 
ATOM   889  C  CG  . GLU A 1 118 ? 15.632  3.346   -14.950 1.00 55.90 ? 116 GLU A CG  1 
ATOM   890  C  CD  . GLU A 1 118 ? 16.420  2.288   -15.688 1.00 58.20 ? 116 GLU A CD  1 
ATOM   891  O  OE1 . GLU A 1 118 ? 17.640  2.200   -15.434 1.00 62.45 ? 116 GLU A OE1 1 
ATOM   892  O  OE2 . GLU A 1 118 ? 15.838  1.546   -16.506 1.00 61.62 ? 116 GLU A OE2 1 
ATOM   893  N  N   . LEU A 1 119 ? 14.235  1.658   -10.502 1.00 34.40 ? 117 LEU A N   1 
ATOM   894  C  CA  . LEU A 1 119 ? 14.450  1.597   -9.059  1.00 26.00 ? 117 LEU A CA  1 
ATOM   895  C  C   . LEU A 1 119 ? 15.568  0.661   -8.663  1.00 27.66 ? 117 LEU A C   1 
ATOM   896  O  O   . LEU A 1 119 ? 16.281  0.891   -7.638  1.00 29.18 ? 117 LEU A O   1 
ATOM   897  C  CB  . LEU A 1 119 ? 13.137  1.160   -8.381  1.00 24.67 ? 117 LEU A CB  1 
ATOM   898  C  CG  . LEU A 1 119 ? 13.012  1.275   -6.861  1.00 25.58 ? 117 LEU A CG  1 
ATOM   899  C  CD1 . LEU A 1 119 ? 13.192  2.722   -6.406  1.00 24.62 ? 117 LEU A CD1 1 
ATOM   900  C  CD2 . LEU A 1 119 ? 11.591  0.829   -6.488  1.00 29.30 ? 117 LEU A CD2 1 
ATOM   901  N  N   . ALA A 1 120 ? 15.754  -0.416  -9.439  1.00 27.52 ? 118 ALA A N   1 
ATOM   902  C  CA  . ALA A 1 120 ? 16.805  -1.391  -9.105  1.00 22.80 ? 118 ALA A CA  1 
ATOM   903  C  C   . ALA A 1 120 ? 18.189  -0.742  -9.014  1.00 31.21 ? 118 ALA A C   1 
ATOM   904  O  O   . ALA A 1 120 ? 19.067  -1.259  -8.334  1.00 28.86 ? 118 ALA A O   1 
ATOM   905  C  CB  . ALA A 1 120 ? 16.859  -2.538  -10.158 1.00 24.32 ? 118 ALA A CB  1 
ATOM   906  N  N   . LYS A 1 121 ? 18.360  0.413   -9.642  1.00 28.08 ? 119 LYS A N   1 
ATOM   907  C  CA  . LYS A 1 121 ? 19.648  1.063   -9.610  1.00 30.87 ? 119 LYS A CA  1 
ATOM   908  C  C   . LYS A 1 121 ? 19.863  1.910   -8.382  1.00 33.55 ? 119 LYS A C   1 
ATOM   909  O  O   . LYS A 1 121 ? 20.988  2.323   -8.117  1.00 30.20 ? 119 LYS A O   1 
ATOM   910  C  CB  . LYS A 1 121 ? 19.810  1.916   -10.859 1.00 32.76 ? 119 LYS A CB  1 
ATOM   911  C  CG  . LYS A 1 121 ? 19.960  1.080   -12.134 1.00 39.05 ? 119 LYS A CG  1 
ATOM   912  C  CD  . LYS A 1 121 ? 19.910  2.014   -13.343 1.00 42.60 ? 119 LYS A CD  1 
ATOM   913  C  CE  . LYS A 1 121 ? 19.948  1.244   -14.637 1.00 46.18 ? 119 LYS A CE  1 
ATOM   914  N  NZ  . LYS A 1 121 ? 20.186  2.256   -15.704 1.00 44.10 ? 119 LYS A NZ  1 
ATOM   915  N  N   . GLU A 1 122 ? 18.811  2.143   -7.591  1.00 27.83 ? 120 GLU A N   1 
ATOM   916  C  CA  . GLU A 1 122 ? 19.032  2.982   -6.434  1.00 30.52 ? 120 GLU A CA  1 
ATOM   917  C  C   . GLU A 1 122 ? 19.893  2.314   -5.392  1.00 31.49 ? 120 GLU A C   1 
ATOM   918  O  O   . GLU A 1 122 ? 19.791  1.106   -5.153  1.00 30.37 ? 120 GLU A O   1 
ATOM   919  C  CB  . GLU A 1 122 ? 17.718  3.377   -5.837  1.00 32.06 ? 120 GLU A CB  1 
ATOM   920  C  CG  . GLU A 1 122 ? 16.852  4.068   -6.814  1.00 30.67 ? 120 GLU A CG  1 
ATOM   921  C  CD  . GLU A 1 122 ? 17.058  5.549   -6.735  1.00 38.90 ? 120 GLU A CD  1 
ATOM   922  O  OE1 . GLU A 1 122 ? 17.898  6.005   -5.919  1.00 44.40 ? 120 GLU A OE1 1 
ATOM   923  O  OE2 . GLU A 1 122 ? 16.387  6.263   -7.478  1.00 44.21 ? 120 GLU A OE2 1 
ATOM   924  N  N   . LYS A 1 123 ? 20.789  3.095   -4.792  1.00 33.02 ? 121 LYS A N   1 
ATOM   925  C  CA  . LYS A 1 123 ? 21.648  2.573   -3.727  1.00 31.42 ? 121 LYS A CA  1 
ATOM   926  C  C   . LYS A 1 123 ? 21.405  3.337   -2.442  1.00 27.09 ? 121 LYS A C   1 
ATOM   927  O  O   . LYS A 1 123 ? 20.392  3.966   -2.292  1.00 26.76 ? 121 LYS A O   1 
ATOM   928  C  CB  . LYS A 1 123 ? 23.107  2.681   -4.127  1.00 36.10 ? 121 LYS A CB  1 
ATOM   929  C  CG  . LYS A 1 123 ? 23.494  1.754   -5.293  1.00 42.37 ? 121 LYS A CG  1 
ATOM   930  C  CD  . LYS A 1 123 ? 23.291  0.281   -4.948  1.00 48.72 ? 121 LYS A CD  1 
ATOM   931  C  CE  . LYS A 1 123 ? 24.179  -0.580  -5.868  1.00 52.86 ? 121 LYS A CE  1 
ATOM   932  N  NZ  . LYS A 1 123 ? 25.625  -0.277  -5.526  1.00 57.05 ? 121 LYS A NZ  1 
ATOM   933  N  N   . GLY A 1 124 ? 22.355  3.285   -1.521  1.00 33.17 ? 122 GLY A N   1 
ATOM   934  C  CA  . GLY A 1 124 ? 22.215  4.008   -0.271  1.00 28.96 ? 122 GLY A CA  1 
ATOM   935  C  C   . GLY A 1 124 ? 20.963  3.618   0.516   1.00 30.78 ? 122 GLY A C   1 
ATOM   936  O  O   . GLY A 1 124 ? 20.539  2.443   0.526   1.00 25.42 ? 122 GLY A O   1 
ATOM   937  N  N   . GLU A 1 125 ? 20.327  4.611   1.118   1.00 25.89 ? 123 GLU A N   1 
ATOM   938  C  CA  . GLU A 1 125 ? 19.165  4.305   1.960   1.00 28.96 ? 123 GLU A CA  1 
ATOM   939  C  C   . GLU A 1 125 ? 17.960  3.901   1.133   1.00 25.47 ? 123 GLU A C   1 
ATOM   940  O  O   . GLU A 1 125 ? 17.123  3.118   1.578   1.00 25.94 ? 123 GLU A O   1 
ATOM   941  C  CB  . GLU A 1 125 ? 18.806  5.506   2.868   1.00 26.91 ? 123 GLU A CB  1 
ATOM   942  C  CG  . GLU A 1 125 ? 17.628  5.219   3.854   1.00 30.14 ? 123 GLU A CG  1 
ATOM   943  C  CD  . GLU A 1 125 ? 16.234  5.241   3.201   1.00 32.82 ? 123 GLU A CD  1 
ATOM   944  O  OE1 . GLU A 1 125 ? 15.979  6.065   2.290   1.00 30.53 ? 123 GLU A OE1 1 
ATOM   945  O  OE2 . GLU A 1 125 ? 15.345  4.471   3.638   1.00 29.30 ? 123 GLU A OE2 1 
ATOM   946  N  N   . ILE A 1 126 ? 17.849  4.446   -0.066  1.00 26.79 ? 124 ILE A N   1 
ATOM   947  C  CA  . ILE A 1 126 ? 16.702  4.105   -0.897  1.00 28.07 ? 124 ILE A CA  1 
ATOM   948  C  C   . ILE A 1 126 ? 16.792  2.626   -1.324  1.00 25.28 ? 124 ILE A C   1 
ATOM   949  O  O   . ILE A 1 126 ? 15.806  1.879   -1.228  1.00 24.51 ? 124 ILE A O   1 
ATOM   950  C  CB  . ILE A 1 126 ? 16.596  5.104   -2.063  1.00 27.40 ? 124 ILE A CB  1 
ATOM   951  C  CG1 . ILE A 1 126 ? 16.091  6.435   -1.507  1.00 31.19 ? 124 ILE A CG1 1 
ATOM   952  C  CG2 . ILE A 1 126 ? 15.637  4.594   -3.142  1.00 27.25 ? 124 ILE A CG2 1 
ATOM   953  C  CD1 . ILE A 1 126 ? 15.586  7.300   -2.495  1.00 39.31 ? 124 ILE A CD1 1 
ATOM   954  N  N   . GLY A 1 127 ? 17.976  2.209   -1.732  1.00 26.81 ? 125 GLY A N   1 
ATOM   955  C  CA  . GLY A 1 127 ? 18.190  0.810   -2.102  1.00 28.09 ? 125 GLY A CA  1 
ATOM   956  C  C   . GLY A 1 127 ? 17.965  -0.137  -0.913  1.00 31.05 ? 125 GLY A C   1 
ATOM   957  O  O   . GLY A 1 127 ? 17.471  -1.272  -1.080  1.00 26.57 ? 125 GLY A O   1 
ATOM   958  N  N   . GLU A 1 128 ? 18.371  0.292   0.281   1.00 27.14 ? 126 GLU A N   1 
ATOM   959  C  CA  . GLU A 1 128 ? 18.214  -0.562  1.483   1.00 29.92 ? 126 GLU A CA  1 
ATOM   960  C  C   . GLU A 1 128 ? 16.713  -0.715  1.839   1.00 26.00 ? 126 GLU A C   1 
ATOM   961  O  O   . GLU A 1 128 ? 16.236  -1.816  2.152   1.00 24.05 ? 126 GLU A O   1 
ATOM   962  C  CB  . GLU A 1 128 ? 19.007  0.054   2.646   1.00 35.67 ? 126 GLU A CB  1 
ATOM   963  C  CG  . GLU A 1 128 ? 18.530  -0.301  4.041   1.00 41.80 ? 126 GLU A CG  1 
ATOM   964  C  CD  . GLU A 1 128 ? 19.148  -1.588  4.560   1.00 48.02 ? 126 GLU A CD  1 
ATOM   965  O  OE1 . GLU A 1 128 ? 20.351  -1.828  4.226   1.00 41.05 ? 126 GLU A OE1 1 
ATOM   966  O  OE2 . GLU A 1 128 ? 18.429  -2.326  5.306   1.00 41.08 ? 126 GLU A OE2 1 
ATOM   967  N  N   . ALA A 1 129 ? 15.959  0.369   1.696   1.00 21.58 ? 127 ALA A N   1 
ATOM   968  C  CA  . ALA A 1 129 ? 14.543  0.334   1.991   1.00 23.40 ? 127 ALA A CA  1 
ATOM   969  C  C   . ALA A 1 129 ? 13.833  -0.559  0.976   1.00 26.03 ? 127 ALA A C   1 
ATOM   970  O  O   . ALA A 1 129 ? 12.906  -1.292  1.322   1.00 21.96 ? 127 ALA A O   1 
ATOM   971  C  CB  . ALA A 1 129 ? 13.908  1.804   1.962   1.00 21.63 ? 127 ALA A CB  1 
ATOM   972  N  N   . VAL A 1 130 ? 14.279  -0.524  -0.282  1.00 20.87 ? 128 VAL A N   1 
ATOM   973  C  CA  . VAL A 1 130 ? 13.666  -1.330  -1.322  1.00 20.98 ? 128 VAL A CA  1 
ATOM   974  C  C   . VAL A 1 130 ? 13.912  -2.797  -0.910  1.00 26.02 ? 128 VAL A C   1 
ATOM   975  O  O   . VAL A 1 130 ? 12.966  -3.635  -0.870  1.00 21.81 ? 128 VAL A O   1 
ATOM   976  C  CB  . VAL A 1 130 ? 14.327  -1.073  -2.718  1.00 23.27 ? 128 VAL A CB  1 
ATOM   977  C  CG1 . VAL A 1 130 ? 13.970  -2.239  -3.694  1.00 24.73 ? 128 VAL A CG1 1 
ATOM   978  C  CG2 . VAL A 1 130 ? 13.815  0.285   -3.343  1.00 22.24 ? 128 VAL A CG2 1 
ATOM   979  N  N   . ASP A 1 131 ? 15.160  -3.086  -0.533  1.00 22.08 ? 129 ASP A N   1 
ATOM   980  C  CA  . ASP A 1 131 ? 15.492  -4.493  -0.109  1.00 23.76 ? 129 ASP A CA  1 
ATOM   981  C  C   . ASP A 1 131 ? 14.681  -4.891  1.131   1.00 26.02 ? 129 ASP A C   1 
ATOM   982  O  O   . ASP A 1 131 ? 14.250  -6.047  1.249   1.00 24.04 ? 129 ASP A O   1 
ATOM   983  C  CB  . ASP A 1 131 ? 16.946  -4.652  0.302   1.00 22.53 ? 129 ASP A CB  1 
ATOM   984  C  CG  . ASP A 1 131 ? 17.930  -4.384  -0.842  1.00 32.13 ? 129 ASP A CG  1 
ATOM   985  O  OD1 . ASP A 1 131 ? 17.593  -4.620  -2.014  1.00 32.88 ? 129 ASP A OD1 1 
ATOM   986  O  OD2 . ASP A 1 131 ? 19.058  -3.966  -0.534  1.00 41.90 ? 129 ASP A OD2 1 
ATOM   987  N  N   . ASP A 1 132 ? 14.526  -3.958  2.081   1.00 25.34 ? 130 ASP A N   1 
ATOM   988  C  CA  . ASP A 1 132 ? 13.774  -4.245  3.328   1.00 21.16 ? 130 ASP A CA  1 
ATOM   989  C  C   . ASP A 1 132 ? 12.278  -4.476  3.065   1.00 24.96 ? 130 ASP A C   1 
ATOM   990  O  O   . ASP A 1 132 ? 11.659  -5.351  3.696   1.00 21.78 ? 130 ASP A O   1 
ATOM   991  C  CB  . ASP A 1 132 ? 13.983  -3.115  4.385   1.00 25.40 ? 130 ASP A CB  1 
ATOM   992  C  CG  . ASP A 1 132 ? 15.390  -3.072  4.916   1.00 33.98 ? 130 ASP A CG  1 
ATOM   993  O  OD1 . ASP A 1 132 ? 16.116  -4.081  4.852   1.00 30.50 ? 130 ASP A OD1 1 
ATOM   994  O  OD2 . ASP A 1 132 ? 15.800  -2.042  5.424   1.00 24.84 ? 130 ASP A OD2 1 
ATOM   995  N  N   . LEU A 1 133 ? 11.665  -3.713  2.153   1.00 22.27 ? 131 LEU A N   1 
ATOM   996  C  CA  . LEU A 1 133 ? 10.243  -3.929  1.840   1.00 25.98 ? 131 LEU A CA  1 
ATOM   997  C  C   . LEU A 1 133 ? 10.083  -5.313  1.171   1.00 24.31 ? 131 LEU A C   1 
ATOM   998  O  O   . LEU A 1 133 ? 9.114   -6.027  1.452   1.00 20.66 ? 131 LEU A O   1 
ATOM   999  C  CB  . LEU A 1 133 ? 9.674   -2.881  0.847   1.00 22.62 ? 131 LEU A CB  1 
ATOM   1000 C  CG  . LEU A 1 133 ? 9.430   -1.448  1.325   1.00 36.25 ? 131 LEU A CG  1 
ATOM   1001 C  CD1 . LEU A 1 133 ? 9.123   -0.516  0.096   1.00 29.61 ? 131 LEU A CD1 1 
ATOM   1002 C  CD2 . LEU A 1 133 ? 8.273   -1.450  2.358   1.00 27.63 ? 131 LEU A CD2 1 
ATOM   1003 N  N   . GLN A 1 134 ? 11.001  -5.646  0.266   1.00 19.62 ? 132 GLN A N   1 
ATOM   1004 C  CA  . GLN A 1 134 ? 10.961  -6.948  -0.394  1.00 25.94 ? 132 GLN A CA  1 
ATOM   1005 C  C   . GLN A 1 134 ? 11.076  -8.087  0.628   1.00 26.31 ? 132 GLN A C   1 
ATOM   1006 O  O   . GLN A 1 134 ? 10.460  -9.133  0.432   1.00 25.68 ? 132 GLN A O   1 
ATOM   1007 C  CB  . GLN A 1 134 ? 12.055  -7.048  -1.463  1.00 22.50 ? 132 GLN A CB  1 
ATOM   1008 C  CG  . GLN A 1 134 ? 11.720  -6.255  -2.706  1.00 20.13 ? 132 GLN A CG  1 
ATOM   1009 C  CD  . GLN A 1 134 ? 12.962  -6.052  -3.596  1.00 28.40 ? 132 GLN A CD  1 
ATOM   1010 O  OE1 . GLN A 1 134 ? 14.080  -6.558  -3.316  1.00 33.83 ? 132 GLN A OE1 1 
ATOM   1011 N  NE2 . GLN A 1 134 ? 12.780  -5.311  -4.643  1.00 23.03 ? 132 GLN A NE2 1 
ATOM   1012 N  N   . ASP A 1 135 ? 11.842  -7.889  1.714   1.00 26.98 ? 133 ASP A N   1 
ATOM   1013 C  CA  . ASP A 1 135 ? 11.944  -8.938  2.750   1.00 26.41 ? 133 ASP A CA  1 
ATOM   1014 C  C   . ASP A 1 135 ? 10.667  -8.946  3.555   1.00 25.80 ? 133 ASP A C   1 
ATOM   1015 O  O   . ASP A 1 135 ? 10.209  -9.990  3.970   1.00 25.61 ? 133 ASP A O   1 
ATOM   1016 C  CB  . ASP A 1 135 ? 13.083  -8.691  3.758   1.00 31.94 ? 133 ASP A CB  1 
ATOM   1017 C  CG  . ASP A 1 135 ? 14.443  -8.827  3.135   1.00 34.58 ? 133 ASP A CG  1 
ATOM   1018 O  OD1 . ASP A 1 135 ? 14.588  -9.587  2.153   1.00 39.59 ? 133 ASP A OD1 1 
ATOM   1019 O  OD2 . ASP A 1 135 ? 15.372  -8.173  3.644   1.00 37.82 ? 133 ASP A OD2 1 
ATOM   1020 N  N   . ILE A 1 136 ? 10.092  -7.764  3.765   1.00 23.89 ? 134 ILE A N   1 
ATOM   1021 C  CA  . ILE A 1 136 ? 8.868   -7.633  4.523   1.00 22.92 ? 134 ILE A CA  1 
ATOM   1022 C  C   . ILE A 1 136 ? 7.680   -8.291  3.847   1.00 26.21 ? 134 ILE A C   1 
ATOM   1023 O  O   . ILE A 1 136 ? 6.782   -8.817  4.542   1.00 27.61 ? 134 ILE A O   1 
ATOM   1024 C  CB  . ILE A 1 136 ? 8.537   -6.096  4.827   1.00 27.72 ? 134 ILE A CB  1 
ATOM   1025 C  CG1 . ILE A 1 136 ? 9.557   -5.534  5.848   1.00 28.40 ? 134 ILE A CG1 1 
ATOM   1026 C  CG2 . ILE A 1 136 ? 7.126   -5.993  5.338   1.00 28.12 ? 134 ILE A CG2 1 
ATOM   1027 C  CD1 . ILE A 1 136 ? 9.490   -4.046  6.118   1.00 27.32 ? 134 ILE A CD1 1 
ATOM   1028 N  N   . CYS A 1 137 ? 7.603   -8.271  2.523   1.00 23.27 ? 135 CYS A N   1 
ATOM   1029 C  CA  . CYS A 1 137 ? 6.440   -8.913  1.953   1.00 29.33 ? 135 CYS A CA  1 
ATOM   1030 C  C   . CYS A 1 137 ? 6.486   -10.465 2.084   1.00 31.04 ? 135 CYS A C   1 
ATOM   1031 O  O   . CYS A 1 137 ? 5.493   -11.138 1.888   1.00 29.00 ? 135 CYS A O   1 
ATOM   1032 C  CB  . CYS A 1 137 ? 6.181   -8.460  0.514   1.00 36.03 ? 135 CYS A CB  1 
ATOM   1033 S  SG  . CYS A 1 137 ? 7.382   -8.872  -0.613  1.00 35.69 ? 135 CYS A SG  1 
ATOM   1034 N  N   . GLN A 1 138 ? 7.601   -11.010 2.496   1.00 27.70 ? 136 GLN A N   1 
ATOM   1035 C  CA  . GLN A 1 138 ? 7.658   -12.452 2.678   1.00 31.68 ? 136 GLN A CA  1 
ATOM   1036 C  C   . GLN A 1 138 ? 7.934   -12.749 4.143   1.00 40.07 ? 136 GLN A C   1 
ATOM   1037 O  O   . GLN A 1 138 ? 8.390   -13.846 4.498   1.00 40.29 ? 136 GLN A O   1 
ATOM   1038 C  CB  . GLN A 1 138 ? 8.764   -13.040 1.813   1.00 32.04 ? 136 GLN A CB  1 
ATOM   1039 C  CG  . GLN A 1 138 ? 8.354   -13.277 0.363   1.00 31.97 ? 136 GLN A CG  1 
ATOM   1040 C  CD  . GLN A 1 138 ? 7.266   -14.336 0.232   1.00 35.75 ? 136 GLN A CD  1 
ATOM   1041 O  OE1 . GLN A 1 138 ? 6.109   -14.029 -0.038  1.00 35.14 ? 136 GLN A OE1 1 
ATOM   1042 N  NE2 . GLN A 1 138 ? 7.638   -15.594 0.446   1.00 32.89 ? 136 GLN A NE2 1 
ATOM   1043 N  N   . LEU A 1 139 ? 7.717   -11.747 5.004   1.00 45.54 ? 137 LEU A N   1 
ATOM   1044 C  CA  . LEU A 1 139 ? 7.957   -11.910 6.427   1.00 53.73 ? 137 LEU A CA  1 
ATOM   1045 C  C   . LEU A 1 139 ? 7.031   -13.011 6.918   1.00 58.32 ? 137 LEU A C   1 
ATOM   1046 O  O   . LEU A 1 139 ? 5.805   -12.876 6.959   1.00 59.04 ? 137 LEU A O   1 
ATOM   1047 C  CB  . LEU A 1 139 ? 7.757   -10.579 7.148   1.00 49.06 ? 137 LEU A CB  1 
ATOM   1048 C  CG  . LEU A 1 139 ? 8.466   -10.315 8.478   1.00 57.09 ? 137 LEU A CG  1 
ATOM   1049 C  CD1 . LEU A 1 139 ? 9.930   -10.724 8.413   1.00 54.37 ? 137 LEU A CD1 1 
ATOM   1050 C  CD2 . LEU A 1 139 ? 8.329   -8.845  8.854   1.00 58.27 ? 137 LEU A CD2 1 
ATOM   1051 N  N   . GLY A 1 140 ? 7.675   -14.102 7.297   1.00 62.94 ? 138 GLY A N   1 
ATOM   1052 C  CA  . GLY A 1 140 ? 7.013   -15.298 7.736   1.00 69.25 ? 138 GLY A CA  1 
ATOM   1053 C  C   . GLY A 1 140 ? 7.074   -15.477 9.225   1.00 71.50 ? 138 GLY A C   1 
ATOM   1054 O  O   . GLY A 1 140 ? 8.087   -15.258 9.863   1.00 71.96 ? 138 GLY A O   1 
ATOM   1055 N  N   . TYR A 1 141 ? 5.936   -15.902 9.765   1.00 76.18 ? 139 TYR A N   1 
ATOM   1056 C  CA  . TYR A 1 141 ? 5.722   -16.142 11.179  1.00 78.52 ? 139 TYR A CA  1 
ATOM   1057 C  C   . TYR A 1 141 ? 4.875   -17.382 11.349  1.00 81.88 ? 139 TYR A C   1 
ATOM   1058 O  O   . TYR A 1 141 ? 4.569   -18.074 10.377  1.00 82.31 ? 139 TYR A O   1 
ATOM   1059 C  CB  . TYR A 1 141 ? 5.015   -14.971 11.847  1.00 81.69 ? 139 TYR A CB  1 
ATOM   1060 C  CG  . TYR A 1 141 ? 5.876   -13.741 11.766  1.00 87.46 ? 139 TYR A CG  1 
ATOM   1061 C  CD1 . TYR A 1 141 ? 7.178   -13.822 12.289  1.00 91.07 ? 139 TYR A CD1 1 
ATOM   1062 C  CD2 . TYR A 1 141 ? 5.463   -12.545 11.187  1.00 86.84 ? 139 TYR A CD2 1 
ATOM   1063 C  CE1 . TYR A 1 141 ? 8.054   -12.753 12.229  1.00 89.59 ? 139 TYR A CE1 1 
ATOM   1064 C  CE2 . TYR A 1 141 ? 6.348   -11.484 11.121  1.00 92.21 ? 139 TYR A CE2 1 
ATOM   1065 C  CZ  . TYR A 1 141 ? 7.638   -11.575 11.645  1.00 92.74 ? 139 TYR A CZ  1 
ATOM   1066 O  OH  . TYR A 1 141 ? 8.491   -10.486 11.590  1.00 95.18 ? 139 TYR A OH  1 
ATOM   1067 N  N   . ASP A 1 142 ? 4.497   -17.665 12.586  1.00 84.54 ? 140 ASP A N   1 
ATOM   1068 C  CA  . ASP A 1 142 ? 3.652   -18.811 12.862  1.00 85.95 ? 140 ASP A CA  1 
ATOM   1069 C  C   . ASP A 1 142 ? 3.547   -19.028 14.342  1.00 84.18 ? 140 ASP A C   1 
ATOM   1070 O  O   . ASP A 1 142 ? 4.058   -18.259 15.158  1.00 80.94 ? 140 ASP A O   1 
ATOM   1071 C  CB  . ASP A 1 142 ? 4.188   -20.096 12.185  1.00 88.72 ? 140 ASP A CB  1 
ATOM   1072 C  CG  . ASP A 1 142 ? 3.140   -21.199 12.070  1.00 91.82 ? 140 ASP A CG  1 
ATOM   1073 O  OD1 . ASP A 1 142 ? 2.557   -21.565 13.107  1.00 92.30 ? 140 ASP A OD1 1 
ATOM   1074 O  OD2 . ASP A 1 142 ? 2.917   -21.704 10.956  1.00 92.65 ? 140 ASP A OD2 1 
ATOM   1075 N  N   . GLU A 1 143 ? 2.872   -20.119 14.640  1.00 87.14 ? 141 GLU A N   1 
ATOM   1076 C  CA  . GLU A 1 143 ? 2.559   -20.617 15.946  1.00 88.89 ? 141 GLU A CA  1 
ATOM   1077 C  C   . GLU A 1 143 ? 1.227   -19.951 16.357  1.00 90.54 ? 141 GLU A C   1 
ATOM   1078 O  O   . GLU A 1 143 ? 0.649   -19.194 15.590  1.00 93.42 ? 141 GLU A O   1 
ATOM   1079 C  CB  . GLU A 1 143 ? 3.671   -20.352 16.968  1.00 88.59 ? 141 GLU A CB  1 
ATOM   1080 C  CG  . GLU A 1 143 ? 3.873   -21.476 17.996  1.00 89.79 ? 141 GLU A CG  1 
ATOM   1081 C  CD  . GLU A 1 143 ? 3.863   -22.890 17.417  1.00 94.84 ? 141 GLU A CD  1 
ATOM   1082 O  OE1 . GLU A 1 143 ? 4.444   -23.797 18.046  1.00 95.14 ? 141 GLU A OE1 1 
ATOM   1083 O  OE2 . GLU A 1 143 ? 3.269   -23.076 16.328  1.00 97.94 ? 141 GLU A OE2 1 
ATOM   1084 N  N   . ASP A 1 144 ? 0.745   -20.226 17.555  1.00 92.01 ? 142 ASP A N   1 
ATOM   1085 C  CA  . ASP A 1 144 ? -0.532  -19.705 17.989  1.00 92.74 ? 142 ASP A CA  1 
ATOM   1086 C  C   . ASP A 1 144 ? -0.375  -18.504 18.901  1.00 92.54 ? 142 ASP A C   1 
ATOM   1087 O  O   . ASP A 1 144 ? -1.321  -18.040 19.529  1.00 92.30 ? 142 ASP A O   1 
ATOM   1088 C  CB  . ASP A 1 144 ? -1.318  -20.807 18.690  1.00 93.65 ? 142 ASP A CB  1 
ATOM   1089 C  CG  . ASP A 1 144 ? -1.168  -22.169 18.011  1.00 95.21 ? 142 ASP A CG  1 
ATOM   1090 O  OD1 . ASP A 1 144 ? -1.488  -22.262 16.805  1.00 96.40 ? 142 ASP A OD1 1 
ATOM   1091 O  OD2 . ASP A 1 144 ? -0.744  -23.129 18.694  1.00 97.95 ? 142 ASP A OD2 1 
ATOM   1092 N  N   . ASP A 1 145 ? 0.857   -18.003 18.935  1.00 92.21 ? 143 ASP A N   1 
ATOM   1093 C  CA  . ASP A 1 145 ? 1.241   -16.885 19.788  1.00 94.04 ? 143 ASP A CA  1 
ATOM   1094 C  C   . ASP A 1 145 ? 0.118   -15.852 20.025  1.00 96.01 ? 143 ASP A C   1 
ATOM   1095 O  O   . ASP A 1 145 ? -0.290  -15.617 21.160  1.00 97.48 ? 143 ASP A O   1 
ATOM   1096 C  CB  . ASP A 1 145 ? 2.495   -16.193 19.212  1.00 94.37 ? 143 ASP A CB  1 
ATOM   1097 C  CG  . ASP A 1 145 ? 3.719   -17.126 19.130  1.00 92.57 ? 143 ASP A CG  1 
ATOM   1098 O  OD1 . ASP A 1 145 ? 4.109   -17.475 18.003  1.00 90.94 ? 143 ASP A OD1 1 
ATOM   1099 O  OD2 . ASP A 1 145 ? 4.282   -17.480 20.189  1.00 90.29 ? 143 ASP A OD2 1 
ATOM   1100 N  N   . ASN A 1 146 ? -0.382  -15.222 18.948  1.00 95.22 ? 144 ASN A N   1 
ATOM   1101 C  CA  . ASN A 1 146 ? -1.555  -14.275 19.198  1.00 93.39 ? 144 ASN A CA  1 
ATOM   1102 C  C   . ASN A 1 146 ? -1.134  -13.243 20.238  1.00 93.46 ? 144 ASN A C   1 
ATOM   1103 O  O   . ASN A 1 146 ? -1.964  -12.508 20.790  1.00 92.81 ? 144 ASN A O   1 
ATOM   1104 C  CB  . ASN A 1 146 ? -2.853  -14.940 19.680  1.00 92.50 ? 144 ASN A CB  1 
ATOM   1105 C  CG  . ASN A 1 146 ? -3.494  -15.794 18.626  1.00 93.91 ? 144 ASN A CG  1 
ATOM   1106 O  OD1 . ASN A 1 146 ? -3.691  -15.347 17.493  1.00 93.06 ? 144 ASN A OD1 1 
ATOM   1107 N  ND2 . ASN A 1 146 ? -3.835  -17.034 18.988  1.00 90.87 ? 144 ASN A ND2 1 
ATOM   1108 N  N   . GLU A 1 147 ? 0.170   -13.192 20.489  1.00 91.40 ? 145 GLU A N   1 
ATOM   1109 C  CA  . GLU A 1 147 ? 0.715   -12.313 21.501  1.00 87.70 ? 145 GLU A CA  1 
ATOM   1110 C  C   . GLU A 1 147 ? 1.132   -10.941 21.067  1.00 86.05 ? 145 GLU A C   1 
ATOM   1111 O  O   . GLU A 1 147 ? 1.015   -10.570 19.899  1.00 85.82 ? 145 GLU A O   1 
ATOM   1112 C  CB  . GLU A 1 147 ? 1.902   -12.995 22.152  1.00 87.41 ? 145 GLU A CB  1 
ATOM   1113 C  CG  . GLU A 1 147 ? 2.820   -13.670 21.169  1.00 85.09 ? 145 GLU A CG  1 
ATOM   1114 C  CD  . GLU A 1 147 ? 3.726   -14.621 21.881  1.00 85.12 ? 145 GLU A CD  1 
ATOM   1115 O  OE1 . GLU A 1 147 ? 4.428   -14.166 22.804  1.00 82.15 ? 145 GLU A OE1 1 
ATOM   1116 O  OE2 . GLU A 1 147 ? 3.729   -15.814 21.543  1.00 82.78 ? 145 GLU A OE2 1 
ATOM   1117 N  N   . GLU A 1 148 ? 1.605   -10.178 22.050  1.00 85.58 ? 146 GLU A N   1 
ATOM   1118 C  CA  . GLU A 1 148 ? 2.089   -8.837  21.797  1.00 81.92 ? 146 GLU A CA  1 
ATOM   1119 C  C   . GLU A 1 148 ? 3.517   -9.040  21.403  1.00 76.39 ? 146 GLU A C   1 
ATOM   1120 O  O   . GLU A 1 148 ? 4.121   -8.165  20.804  1.00 76.73 ? 146 GLU A O   1 
ATOM   1121 C  CB  . GLU A 1 148 ? 2.017   -7.972  23.035  1.00 84.21 ? 146 GLU A CB  1 
ATOM   1122 C  CG  . GLU A 1 148 ? 0.617   -7.768  23.523  1.00 90.06 ? 146 GLU A CG  1 
ATOM   1123 C  CD  . GLU A 1 148 ? 0.547   -6.705  24.605  1.00 96.33 ? 146 GLU A CD  1 
ATOM   1124 O  OE1 . GLU A 1 148 ? 1.400   -6.745  25.523  1.00 99.78 ? 146 GLU A OE1 1 
ATOM   1125 O  OE2 . GLU A 1 148 ? -0.353  -5.835  24.537  1.00 95.98 ? 146 GLU A OE2 1 
ATOM   1126 N  N   . GLU A 1 149 ? 4.060   -10.210 21.733  1.00 72.49 ? 147 GLU A N   1 
ATOM   1127 C  CA  . GLU A 1 149 ? 5.424   -10.488 21.335  1.00 73.55 ? 147 GLU A CA  1 
ATOM   1128 C  C   . GLU A 1 149 ? 5.503   -10.052 19.873  1.00 70.51 ? 147 GLU A C   1 
ATOM   1129 O  O   . GLU A 1 149 ? 6.205   -9.091  19.536  1.00 72.04 ? 147 GLU A O   1 
ATOM   1130 C  CB  . GLU A 1 149 ? 5.751   -11.980 21.432  1.00 79.32 ? 147 GLU A CB  1 
ATOM   1131 C  CG  . GLU A 1 149 ? 7.094   -12.352 20.737  1.00 89.51 ? 147 GLU A CG  1 
ATOM   1132 C  CD  . GLU A 1 149 ? 7.017   -12.437 19.180  1.00 94.78 ? 147 GLU A CD  1 
ATOM   1133 O  OE1 . GLU A 1 149 ? 6.463   -13.446 18.649  1.00 92.10 ? 147 GLU A OE1 1 
ATOM   1134 O  OE2 . GLU A 1 149 ? 7.513   -11.494 18.498  1.00 92.16 ? 147 GLU A OE2 1 
ATOM   1135 N  N   . LEU A 1 150 ? 4.759   -10.748 19.013  1.00 61.42 ? 148 LEU A N   1 
ATOM   1136 C  CA  . LEU A 1 150 ? 4.757   -10.420 17.604  1.00 51.51 ? 148 LEU A CA  1 
ATOM   1137 C  C   . LEU A 1 150 ? 4.096   -9.067  17.369  1.00 45.63 ? 148 LEU A C   1 
ATOM   1138 O  O   . LEU A 1 150 ? 4.493   -8.338  16.484  1.00 46.04 ? 148 LEU A O   1 
ATOM   1139 C  CB  . LEU A 1 150 ? 4.055   -11.510 16.788  1.00 50.63 ? 148 LEU A CB  1 
ATOM   1140 C  CG  . LEU A 1 150 ? 4.210   -11.396 15.263  1.00 48.86 ? 148 LEU A CG  1 
ATOM   1141 C  CD1 . LEU A 1 150 ? 5.699   -11.295 14.904  1.00 53.68 ? 148 LEU A CD1 1 
ATOM   1142 C  CD2 . LEU A 1 150 ? 3.566   -12.606 14.568  1.00 46.07 ? 148 LEU A CD2 1 
ATOM   1143 N  N   . ALA A 1 151 ? 3.107   -8.712  18.170  1.00 39.32 ? 149 ALA A N   1 
ATOM   1144 C  CA  . ALA A 1 151 ? 2.430   -7.421  17.987  1.00 41.49 ? 149 ALA A CA  1 
ATOM   1145 C  C   . ALA A 1 151 ? 3.374   -6.221  18.105  1.00 43.66 ? 149 ALA A C   1 
ATOM   1146 O  O   . ALA A 1 151 ? 3.411   -5.349  17.230  1.00 40.72 ? 149 ALA A O   1 
ATOM   1147 C  CB  . ALA A 1 151 ? 1.321   -7.290  18.986  1.00 31.75 ? 149 ALA A CB  1 
ATOM   1148 N  N   . GLU A 1 152 ? 4.112   -6.178  19.218  1.00 43.92 ? 150 GLU A N   1 
ATOM   1149 C  CA  . GLU A 1 152 ? 5.071   -5.119  19.508  1.00 41.99 ? 150 GLU A CA  1 
ATOM   1150 C  C   . GLU A 1 152 ? 6.058   -4.959  18.368  1.00 35.75 ? 150 GLU A C   1 
ATOM   1151 O  O   . GLU A 1 152 ? 6.285   -3.846  17.913  1.00 34.66 ? 150 GLU A O   1 
ATOM   1152 C  CB  . GLU A 1 152 ? 5.827   -5.427  20.810  1.00 41.23 ? 150 GLU A CB  1 
ATOM   1153 C  CG  . GLU A 1 152 ? 5.009   -5.083  22.039  1.00 56.13 ? 150 GLU A CG  1 
ATOM   1154 C  CD  . GLU A 1 152 ? 5.887   -4.823  23.236  1.00 63.27 ? 150 GLU A CD  1 
ATOM   1155 O  OE1 . GLU A 1 152 ? 6.485   -5.797  23.751  1.00 54.36 ? 150 GLU A OE1 1 
ATOM   1156 O  OE2 . GLU A 1 152 ? 5.984   -3.629  23.627  1.00 66.44 ? 150 GLU A OE2 1 
ATOM   1157 N  N   . ALA A 1 153 ? 6.636   -6.072  17.935  1.00 35.42 ? 151 ALA A N   1 
ATOM   1158 C  CA  . ALA A 1 153 ? 7.570   -6.062  16.823  1.00 39.06 ? 151 ALA A CA  1 
ATOM   1159 C  C   . ALA A 1 153 ? 6.887   -5.520  15.542  1.00 40.73 ? 151 ALA A C   1 
ATOM   1160 O  O   . ALA A 1 153 ? 7.427   -4.635  14.856  1.00 30.93 ? 151 ALA A O   1 
ATOM   1161 C  CB  . ALA A 1 153 ? 8.089   -7.437  16.574  1.00 43.42 ? 151 ALA A CB  1 
ATOM   1162 N  N   . LEU A 1 154 ? 5.703   -6.054  15.229  1.00 35.86 ? 152 LEU A N   1 
ATOM   1163 C  CA  . LEU A 1 154 ? 4.982   -5.634  14.043  1.00 33.52 ? 152 LEU A CA  1 
ATOM   1164 C  C   . LEU A 1 154 ? 4.714   -4.136  14.012  1.00 31.52 ? 152 LEU A C   1 
ATOM   1165 O  O   . LEU A 1 154 ? 4.895   -3.498  12.977  1.00 31.62 ? 152 LEU A O   1 
ATOM   1166 C  CB  . LEU A 1 154 ? 3.647   -6.393  13.902  1.00 38.23 ? 152 LEU A CB  1 
ATOM   1167 C  CG  . LEU A 1 154 ? 2.912   -6.166  12.578  1.00 36.66 ? 152 LEU A CG  1 
ATOM   1168 C  CD1 . LEU A 1 154 ? 3.686   -6.853  11.433  1.00 37.04 ? 152 LEU A CD1 1 
ATOM   1169 C  CD2 . LEU A 1 154 ? 1.458   -6.711  12.684  1.00 45.35 ? 152 LEU A CD2 1 
ATOM   1170 N  N   . GLU A 1 155 ? 4.293   -3.557  15.125  1.00 29.27 ? 153 GLU A N   1 
ATOM   1171 C  CA  . GLU A 1 155 ? 4.027   -2.143  15.119  1.00 27.91 ? 153 GLU A CA  1 
ATOM   1172 C  C   . GLU A 1 155 ? 5.283   -1.350  14.725  1.00 30.22 ? 153 GLU A C   1 
ATOM   1173 O  O   . GLU A 1 155 ? 5.174   -0.315  14.053  1.00 26.56 ? 153 GLU A O   1 
ATOM   1174 C  CB  . GLU A 1 155 ? 3.496   -1.695  16.489  1.00 36.12 ? 153 GLU A CB  1 
ATOM   1175 C  CG  . GLU A 1 155 ? 3.625   -0.208  16.829  1.00 43.06 ? 153 GLU A CG  1 
ATOM   1176 C  CD  . GLU A 1 155 ? 2.857   0.710   15.882  1.00 56.77 ? 153 GLU A CD  1 
ATOM   1177 O  OE1 . GLU A 1 155 ? 2.857   1.965   16.123  1.00 60.42 ? 153 GLU A OE1 1 
ATOM   1178 O  OE2 . GLU A 1 155 ? 2.263   0.191   14.893  1.00 59.07 ? 153 GLU A OE2 1 
ATOM   1179 N  N   . GLU A 1 156 ? 6.471   -1.818  15.114  1.00 26.67 ? 154 GLU A N   1 
ATOM   1180 C  CA  . GLU A 1 156 ? 7.690   -1.062  14.769  1.00 27.62 ? 154 GLU A CA  1 
ATOM   1181 C  C   . GLU A 1 156 ? 7.976   -1.198  13.297  1.00 28.15 ? 154 GLU A C   1 
ATOM   1182 O  O   . GLU A 1 156 ? 8.483   -0.241  12.667  1.00 23.97 ? 154 GLU A O   1 
ATOM   1183 C  CB  . GLU A 1 156 ? 8.929   -1.543  15.556  1.00 25.44 ? 154 GLU A CB  1 
ATOM   1184 C  CG  . GLU A 1 156 ? 8.955   -1.205  17.018  1.00 25.57 ? 154 GLU A CG  1 
ATOM   1185 C  CD  . GLU A 1 156 ? 8.473   0.187   17.300  1.00 32.05 ? 154 GLU A CD  1 
ATOM   1186 O  OE1 . GLU A 1 156 ? 8.881   1.127   16.606  1.00 32.37 ? 154 GLU A OE1 1 
ATOM   1187 O  OE2 . GLU A 1 156 ? 7.648   0.372   18.229  1.00 37.03 ? 154 GLU A OE2 1 
ATOM   1188 N  N   . ILE A 1 157 ? 7.700   -2.390  12.754  1.00 24.52 ? 155 ILE A N   1 
ATOM   1189 C  CA  . ILE A 1 157 ? 7.947   -2.638  11.338  1.00 28.16 ? 155 ILE A CA  1 
ATOM   1190 C  C   . ILE A 1 157 ? 6.961   -1.752  10.562  1.00 27.06 ? 155 ILE A C   1 
ATOM   1191 O  O   . ILE A 1 157 ? 7.313   -1.181  9.544   1.00 19.09 ? 155 ILE A O   1 
ATOM   1192 C  CB  . ILE A 1 157 ? 7.778   -4.148  10.978  1.00 28.53 ? 155 ILE A CB  1 
ATOM   1193 C  CG1 . ILE A 1 157 ? 8.792   -4.963  11.759  1.00 28.70 ? 155 ILE A CG1 1 
ATOM   1194 C  CG2 . ILE A 1 157 ? 7.992   -4.380  9.450   1.00 27.17 ? 155 ILE A CG2 1 
ATOM   1195 C  CD1 . ILE A 1 157 ? 8.768   -6.479  11.396  1.00 31.55 ? 155 ILE A CD1 1 
ATOM   1196 N  N   . ILE A 1 158 ? 5.751   -1.624  11.072  1.00 21.73 ? 156 ILE A N   1 
ATOM   1197 C  CA  . ILE A 1 158 ? 4.765   -0.786  10.423  1.00 24.37 ? 156 ILE A CA  1 
ATOM   1198 C  C   . ILE A 1 158 ? 5.221   0.669   10.403  1.00 27.35 ? 156 ILE A C   1 
ATOM   1199 O  O   . ILE A 1 158 ? 5.105   1.354   9.361   1.00 27.51 ? 156 ILE A O   1 
ATOM   1200 C  CB  . ILE A 1 158 ? 3.380   -0.905  11.116  1.00 28.28 ? 156 ILE A CB  1 
ATOM   1201 C  CG1 . ILE A 1 158 ? 2.712   -2.223  10.716  1.00 29.37 ? 156 ILE A CG1 1 
ATOM   1202 C  CG2 . ILE A 1 158 ? 2.472   0.190   10.662  1.00 26.56 ? 156 ILE A CG2 1 
ATOM   1203 C  CD1 . ILE A 1 158 ? 1.393   -2.549  11.564  1.00 28.40 ? 156 ILE A CD1 1 
ATOM   1204 N  N   . GLU A 1 159 ? 5.771   1.166   11.515  1.00 23.12 ? 157 GLU A N   1 
ATOM   1205 C  CA  . GLU A 1 159 ? 6.264   2.557   11.556  1.00 25.07 ? 157 GLU A CA  1 
ATOM   1206 C  C   . GLU A 1 159 ? 7.399   2.714   10.537  1.00 24.89 ? 157 GLU A C   1 
ATOM   1207 O  O   . GLU A 1 159 ? 7.497   3.715   9.877   1.00 22.63 ? 157 GLU A O   1 
ATOM   1208 C  CB  . GLU A 1 159 ? 6.837   2.868   12.954  1.00 25.08 ? 157 GLU A CB  1 
ATOM   1209 C  CG  . GLU A 1 159 ? 5.735   2.991   14.022  1.00 32.99 ? 157 GLU A CG  1 
ATOM   1210 C  CD  . GLU A 1 159 ? 4.692   4.007   13.552  1.00 38.91 ? 157 GLU A CD  1 
ATOM   1211 O  OE1 . GLU A 1 159 ? 5.108   5.026   12.976  1.00 42.94 ? 157 GLU A OE1 1 
ATOM   1212 O  OE2 . GLU A 1 159 ? 3.490   3.819   13.737  1.00 38.87 ? 157 GLU A OE2 1 
ATOM   1213 N  N   . TYR A 1 160 ? 8.274   1.721   10.445  1.00 19.43 ? 158 TYR A N   1 
ATOM   1214 C  CA  . TYR A 1 160 ? 9.380   1.759   9.484   1.00 18.40 ? 158 TYR A CA  1 
ATOM   1215 C  C   . TYR A 1 160 ? 8.789   1.853   8.040   1.00 19.87 ? 158 TYR A C   1 
ATOM   1216 O  O   . TYR A 1 160 ? 9.276   2.630   7.222   1.00 22.08 ? 158 TYR A O   1 
ATOM   1217 C  CB  . TYR A 1 160 ? 10.249  0.452   9.597   1.00 18.77 ? 158 TYR A CB  1 
ATOM   1218 C  CG  . TYR A 1 160 ? 11.463  0.376   8.636   1.00 18.38 ? 158 TYR A CG  1 
ATOM   1219 C  CD1 . TYR A 1 160 ? 12.100  1.523   8.225   1.00 16.42 ? 158 TYR A CD1 1 
ATOM   1220 C  CD2 . TYR A 1 160 ? 11.996  -0.875  8.176   1.00 17.97 ? 158 TYR A CD2 1 
ATOM   1221 C  CE1 . TYR A 1 160 ? 13.231  1.484   7.377   1.00 19.53 ? 158 TYR A CE1 1 
ATOM   1222 C  CE2 . TYR A 1 160 ? 13.122  -0.906  7.341   1.00 23.24 ? 158 TYR A CE2 1 
ATOM   1223 C  CZ  . TYR A 1 160 ? 13.727  0.263   6.939   1.00 22.77 ? 158 TYR A CZ  1 
ATOM   1224 O  OH  . TYR A 1 160 ? 14.784  0.260   6.032   1.00 20.83 ? 158 TYR A OH  1 
ATOM   1225 N  N   . VAL A 1 161 ? 7.763   1.057   7.706   1.00 18.65 ? 159 VAL A N   1 
ATOM   1226 C  CA  . VAL A 1 161 ? 7.202   1.108   6.363   1.00 19.11 ? 159 VAL A CA  1 
ATOM   1227 C  C   . VAL A 1 161 ? 6.556   2.494   6.143   1.00 22.41 ? 159 VAL A C   1 
ATOM   1228 O  O   . VAL A 1 161 ? 6.689   3.075   5.082   1.00 23.24 ? 159 VAL A O   1 
ATOM   1229 C  CB  . VAL A 1 161 ? 6.189   -0.025  6.120   1.00 22.41 ? 159 VAL A CB  1 
ATOM   1230 C  CG1 . VAL A 1 161 ? 5.498   0.113   4.749   1.00 22.12 ? 159 VAL A CG1 1 
ATOM   1231 C  CG2 . VAL A 1 161 ? 6.916   -1.378  6.177   1.00 21.36 ? 159 VAL A CG2 1 
ATOM   1232 N  N   . ARG A 1 162 ? 5.898   3.031   7.127   1.00 22.10 ? 160 ARG A N   1 
ATOM   1233 C  CA  . ARG A 1 162 ? 5.378   4.417   6.949   1.00 25.10 ? 160 ARG A CA  1 
ATOM   1234 C  C   . ARG A 1 162 ? 6.497   5.403   6.671   1.00 23.09 ? 160 ARG A C   1 
ATOM   1235 O  O   . ARG A 1 162 ? 6.312   6.355   5.859   1.00 25.46 ? 160 ARG A O   1 
ATOM   1236 C  CB  . ARG A 1 162 ? 4.643   4.895   8.184   1.00 23.87 ? 160 ARG A CB  1 
ATOM   1237 C  CG  . ARG A 1 162 ? 3.429   4.052   8.530   1.00 24.95 ? 160 ARG A CG  1 
ATOM   1238 C  CD  . ARG A 1 162 ? 2.769   4.462   9.835   1.00 26.85 ? 160 ARG A CD  1 
ATOM   1239 N  NE  . ARG A 1 162 ? 2.179   5.808   9.758   1.00 24.91 ? 160 ARG A NE  1 
ATOM   1240 C  CZ  . ARG A 1 162 ? 2.023   6.644   10.784  1.00 39.19 ? 160 ARG A CZ  1 
ATOM   1241 N  NH1 . ARG A 1 162 ? 2.433   6.293   12.008  1.00 36.87 ? 160 ARG A NH1 1 
ATOM   1242 N  NH2 . ARG A 1 162 ? 1.380   7.828   10.605  1.00 36.71 ? 160 ARG A NH2 1 
ATOM   1243 N  N   . THR A 1 163 ? 7.638   5.230   7.357   1.00 23.29 ? 161 THR A N   1 
ATOM   1244 C  CA  . THR A 1 163 ? 8.770   6.104   7.168   1.00 24.68 ? 161 THR A CA  1 
ATOM   1245 C  C   . THR A 1 163 ? 9.359   5.940   5.772   1.00 26.82 ? 161 THR A C   1 
ATOM   1246 O  O   . THR A 1 163 ? 9.749   6.937   5.104   1.00 26.03 ? 161 THR A O   1 
ATOM   1247 C  CB  . THR A 1 163 ? 9.863   5.885   8.249   1.00 25.06 ? 161 THR A CB  1 
ATOM   1248 O  OG1 . THR A 1 163 ? 9.277   6.063   9.525   1.00 30.08 ? 161 THR A OG1 1 
ATOM   1249 C  CG2 . THR A 1 163 ? 11.007  6.947   8.115   1.00 23.93 ? 161 THR A CG2 1 
ATOM   1250 N  N   . ILE A 1 164 ? 9.496   4.695   5.346   1.00 22.83 ? 162 ILE A N   1 
ATOM   1251 C  CA  . ILE A 1 164 ? 9.974   4.434   4.003   1.00 25.25 ? 162 ILE A CA  1 
ATOM   1252 C  C   . ILE A 1 164 ? 9.050   5.143   2.983   1.00 26.74 ? 162 ILE A C   1 
ATOM   1253 O  O   . ILE A 1 164 ? 9.535   5.793   2.034   1.00 24.11 ? 162 ILE A O   1 
ATOM   1254 C  CB  . ILE A 1 164 ? 10.036  2.894   3.731   1.00 23.35 ? 162 ILE A CB  1 
ATOM   1255 C  CG1 . ILE A 1 164 ? 11.146  2.303   4.576   1.00 21.73 ? 162 ILE A CG1 1 
ATOM   1256 C  CG2 . ILE A 1 164 ? 10.183  2.630   2.222   1.00 23.05 ? 162 ILE A CG2 1 
ATOM   1257 C  CD1 . ILE A 1 164 ? 11.181  0.740   4.506   1.00 20.93 ? 162 ILE A CD1 1 
ATOM   1258 N  N   . ALA A 1 165 ? 7.747   5.049   3.179   1.00 23.50 ? 163 ALA A N   1 
ATOM   1259 C  CA  . ALA A 1 165 ? 6.820   5.715   2.256   1.00 28.95 ? 163 ALA A CA  1 
ATOM   1260 C  C   . ALA A 1 165 ? 7.070   7.253   2.202   1.00 29.71 ? 163 ALA A C   1 
ATOM   1261 O  O   . ALA A 1 165 ? 7.056   7.864   1.132   1.00 25.51 ? 163 ALA A O   1 
ATOM   1262 C  CB  . ALA A 1 165 ? 5.363   5.378   2.615   1.00 25.02 ? 163 ALA A CB  1 
HETATM 1263 N  N   . MSE A 1 166 ? 7.403   7.855   3.334   1.00 29.19 ? 164 MSE A N   1 
HETATM 1264 C  CA  . MSE A 1 166 ? 7.724   9.265   3.354   1.00 30.42 ? 164 MSE A CA  1 
HETATM 1265 C  C   . MSE A 1 166 ? 9.076   9.555   2.644   1.00 36.42 ? 164 MSE A C   1 
HETATM 1266 O  O   . MSE A 1 166 ? 9.197   10.527  1.873   1.00 36.08 ? 164 MSE A O   1 
HETATM 1267 C  CB  . MSE A 1 166 ? 7.776   9.767   4.808   1.00 34.24 ? 164 MSE A CB  1 
HETATM 1268 C  CG  . MSE A 1 166 ? 8.514   11.131  4.927   1.00 29.23 ? 164 MSE A CG  1 
HETATM 1269 SE SE  . MSE A 1 166 ? 9.077   11.646  6.724   1.00 48.16 ? 164 MSE A SE  1 
HETATM 1270 C  CE  . MSE A 1 166 ? 10.634  10.492  6.968   1.00 39.57 ? 164 MSE A CE  1 
ATOM   1271 N  N   . LEU A 1 167 ? 10.093  8.737   2.892   1.00 28.91 ? 165 LEU A N   1 
ATOM   1272 C  CA  . LEU A 1 167 ? 11.399  8.924   2.265   1.00 30.57 ? 165 LEU A CA  1 
ATOM   1273 C  C   . LEU A 1 167 ? 11.341  8.768   0.740   1.00 33.02 ? 165 LEU A C   1 
ATOM   1274 O  O   . LEU A 1 167 ? 12.111  9.395   -0.026  1.00 30.84 ? 165 LEU A O   1 
ATOM   1275 C  CB  . LEU A 1 167 ? 12.420  7.921   2.838   1.00 25.61 ? 165 LEU A CB  1 
ATOM   1276 C  CG  . LEU A 1 167 ? 12.921  8.212   4.260   1.00 29.37 ? 165 LEU A CG  1 
ATOM   1277 C  CD1 . LEU A 1 167 ? 13.672  6.970   4.804   1.00 31.87 ? 165 LEU A CD1 1 
ATOM   1278 C  CD2 . LEU A 1 167 ? 13.844  9.415   4.266   1.00 30.68 ? 165 LEU A CD2 1 
ATOM   1279 N  N   . PHE A 1 168 ? 10.459  7.885   0.286   1.00 30.43 ? 166 PHE A N   1 
ATOM   1280 C  CA  . PHE A 1 168 ? 10.342  7.617   -1.145  1.00 30.55 ? 166 PHE A CA  1 
ATOM   1281 C  C   . PHE A 1 168 ? 9.659   8.796   -1.832  1.00 27.82 ? 166 PHE A C   1 
ATOM   1282 O  O   . PHE A 1 168 ? 10.157  9.323   -2.863  1.00 26.80 ? 166 PHE A O   1 
ATOM   1283 C  CB  . PHE A 1 168 ? 9.546   6.311   -1.369  1.00 27.17 ? 166 PHE A CB  1 
ATOM   1284 C  CG  . PHE A 1 168 ? 10.402  5.045   -1.313  1.00 25.52 ? 166 PHE A CG  1 
ATOM   1285 C  CD1 . PHE A 1 168 ? 11.726  5.091   -0.966  1.00 32.45 ? 166 PHE A CD1 1 
ATOM   1286 C  CD2 . PHE A 1 168 ? 9.862   3.831   -1.622  1.00 27.42 ? 166 PHE A CD2 1 
ATOM   1287 C  CE1 . PHE A 1 168 ? 12.524  3.891   -0.944  1.00 25.84 ? 166 PHE A CE1 1 
ATOM   1288 C  CE2 . PHE A 1 168 ? 10.624  2.629   -1.610  1.00 27.92 ? 166 PHE A CE2 1 
ATOM   1289 C  CZ  . PHE A 1 168 ? 11.953  2.678   -1.277  1.00 28.07 ? 166 PHE A CZ  1 
ATOM   1290 N  N   . TYR A 1 169 ? 8.552   9.202   -1.244  1.00 25.60 ? 167 TYR A N   1 
ATOM   1291 C  CA  . TYR A 1 169 ? 7.747   10.297  -1.793  1.00 33.49 ? 167 TYR A CA  1 
ATOM   1292 C  C   . TYR A 1 169 ? 8.647   11.536  -1.934  1.00 37.50 ? 167 TYR A C   1 
ATOM   1293 O  O   . TYR A 1 169 ? 8.595   12.254  -2.927  1.00 36.34 ? 167 TYR A O   1 
ATOM   1294 C  CB  . TYR A 1 169 ? 6.574   10.604  -0.880  1.00 25.92 ? 167 TYR A CB  1 
ATOM   1295 C  CG  . TYR A 1 169 ? 5.647   11.684  -1.406  1.00 33.01 ? 167 TYR A CG  1 
ATOM   1296 C  CD1 . TYR A 1 169 ? 4.588   11.353  -2.270  1.00 35.09 ? 167 TYR A CD1 1 
ATOM   1297 C  CD2 . TYR A 1 169 ? 5.811   13.047  -1.040  1.00 37.49 ? 167 TYR A CD2 1 
ATOM   1298 C  CE1 . TYR A 1 169 ? 3.703   12.337  -2.752  1.00 35.08 ? 167 TYR A CE1 1 
ATOM   1299 C  CE2 . TYR A 1 169 ? 4.932   14.047  -1.518  1.00 33.97 ? 167 TYR A CE2 1 
ATOM   1300 C  CZ  . TYR A 1 169 ? 3.864   13.668  -2.375  1.00 40.40 ? 167 TYR A CZ  1 
ATOM   1301 O  OH  . TYR A 1 169 ? 2.874   14.554  -2.795  1.00 38.22 ? 167 TYR A OH  1 
ATOM   1302 N  N   . SER A 1 170 ? 9.496   11.764  -0.940  1.00 36.24 ? 168 SER A N   1 
ATOM   1303 C  CA  . SER A 1 170 ? 10.389  12.923  -0.969  1.00 37.34 ? 168 SER A CA  1 
ATOM   1304 C  C   . SER A 1 170 ? 11.481  12.790  -1.990  1.00 35.09 ? 168 SER A C   1 
ATOM   1305 O  O   . SER A 1 170 ? 11.903  13.778  -2.615  1.00 38.81 ? 168 SER A O   1 
ATOM   1306 C  CB  . SER A 1 170 ? 11.015  13.122  0.428   1.00 44.85 ? 168 SER A CB  1 
ATOM   1307 O  OG  . SER A 1 170 ? 12.129  14.013  0.375   1.00 44.79 ? 168 SER A OG  1 
ATOM   1308 N  N   . HIS A 1 171 ? 11.974  11.576  -2.163  1.00 33.30 ? 169 HIS A N   1 
ATOM   1309 C  CA  . HIS A 1 171 ? 13.033  11.374  -3.118  1.00 33.11 ? 169 HIS A CA  1 
ATOM   1310 C  C   . HIS A 1 171 ? 12.476  11.488  -4.543  1.00 35.28 ? 169 HIS A C   1 
ATOM   1311 O  O   . HIS A 1 171 ? 13.130  12.025  -5.437  1.00 36.57 ? 169 HIS A O   1 
ATOM   1312 C  CB  . HIS A 1 171 ? 13.632  10.003  -2.970  1.00 31.84 ? 169 HIS A CB  1 
ATOM   1313 C  CG  . HIS A 1 171 ? 14.802  9.771   -3.864  1.00 41.20 ? 169 HIS A CG  1 
ATOM   1314 N  ND1 . HIS A 1 171 ? 16.065  10.239  -3.562  1.00 50.30 ? 169 HIS A ND1 1 
ATOM   1315 C  CD2 . HIS A 1 171 ? 14.929  9.061   -5.007  1.00 40.51 ? 169 HIS A CD2 1 
ATOM   1316 C  CE1 . HIS A 1 171 ? 16.922  9.819   -4.481  1.00 43.23 ? 169 HIS A CE1 1 
ATOM   1317 N  NE2 . HIS A 1 171 ? 16.258  9.099   -5.367  1.00 49.35 ? 169 HIS A NE2 1 
ATOM   1318 N  N   . PHE A 1 172 ? 11.256  11.006  -4.732  1.00 31.57 ? 170 PHE A N   1 
ATOM   1319 C  CA  . PHE A 1 172 ? 10.642  10.991  -6.040  1.00 36.53 ? 170 PHE A CA  1 
ATOM   1320 C  C   . PHE A 1 172 ? 9.600   12.061  -6.373  1.00 38.93 ? 170 PHE A C   1 
ATOM   1321 O  O   . PHE A 1 172 ? 9.137   12.117  -7.512  1.00 42.35 ? 170 PHE A O   1 
ATOM   1322 C  CB  . PHE A 1 172 ? 10.064  9.614   -6.282  1.00 32.09 ? 170 PHE A CB  1 
ATOM   1323 C  CG  . PHE A 1 172 ? 11.084  8.532   -6.233  1.00 30.78 ? 170 PHE A CG  1 
ATOM   1324 C  CD1 . PHE A 1 172 ? 12.086  8.480   -7.198  1.00 27.46 ? 170 PHE A CD1 1 
ATOM   1325 C  CD2 . PHE A 1 172 ? 11.040  7.544   -5.241  1.00 29.86 ? 170 PHE A CD2 1 
ATOM   1326 C  CE1 . PHE A 1 172 ? 13.047  7.429   -7.183  1.00 32.17 ? 170 PHE A CE1 1 
ATOM   1327 C  CE2 . PHE A 1 172 ? 11.977  6.503   -5.205  1.00 24.25 ? 170 PHE A CE2 1 
ATOM   1328 C  CZ  . PHE A 1 172 ? 12.987  6.444   -6.191  1.00 36.61 ? 170 PHE A CZ  1 
ATOM   1329 N  N   . ASN A 1 173 ? 9.218   12.912  -5.425  1.00 49.99 ? 171 ASN A N   1 
ATOM   1330 C  CA  . ASN A 1 173 ? 8.257   13.964  -5.775  1.00 55.46 ? 171 ASN A CA  1 
ATOM   1331 C  C   . ASN A 1 173 ? 8.912   15.288  -6.127  1.00 57.55 ? 171 ASN A C   1 
ATOM   1332 O  O   . ASN A 1 173 ? 9.861   15.737  -5.423  1.00 56.89 ? 171 ASN A O   1 
ATOM   1333 C  CB  . ASN A 1 173 ? 7.240   14.230  -4.683  1.00 56.40 ? 171 ASN A CB  1 
ATOM   1334 C  CG  . ASN A 1 173 ? 5.827   14.166  -5.210  1.00 64.50 ? 171 ASN A CG  1 
ATOM   1335 O  OD1 . ASN A 1 173 ? 4.969   15.001  -4.871  1.00 69.09 ? 171 ASN A OD1 1 
ATOM   1336 N  ND2 . ASN A 1 173 ? 5.569   13.172  -6.066  1.00 57.16 ? 171 ASN A ND2 1 
HETATM 1337 O  O   . HOH B 2 .   ? 10.063  -5.105  -5.771  1.00 24.58 ? 183 HOH A O   1 
HETATM 1338 O  O   . HOH B 2 .   ? -0.011  -7.541  -8.295  1.00 26.67 ? 184 HOH A O   1 
HETATM 1339 O  O   . HOH B 2 .   ? -18.743 6.791   -12.629 1.00 24.97 ? 185 HOH A O   1 
HETATM 1340 O  O   . HOH B 2 .   ? 16.058  2.539   5.208   1.00 24.49 ? 186 HOH A O   1 
HETATM 1341 O  O   . HOH B 2 .   ? -12.762 5.110   -14.891 1.00 24.67 ? 187 HOH A O   1 
HETATM 1342 O  O   . HOH B 2 .   ? -11.295 8.853   -11.323 1.00 24.41 ? 188 HOH A O   1 
HETATM 1343 O  O   . HOH B 2 .   ? 4.404   -7.299  -6.166  1.00 24.73 ? 189 HOH A O   1 
HETATM 1344 O  O   . HOH B 2 .   ? 11.695  -11.573 0.352   1.00 27.54 ? 190 HOH A O   1 
HETATM 1345 O  O   . HOH B 2 .   ? -4.820  -11.672 -2.199  1.00 28.38 ? 191 HOH A O   1 
HETATM 1346 O  O   . HOH B 2 .   ? -15.227 3.975   -14.711 1.00 27.76 ? 192 HOH A O   1 
HETATM 1347 O  O   . HOH B 2 .   ? 14.047  -1.380  -11.450 1.00 26.15 ? 193 HOH A O   1 
HETATM 1348 O  O   . HOH B 2 .   ? -12.971 5.967   -0.100  1.00 28.15 ? 194 HOH A O   1 
HETATM 1349 O  O   . HOH B 2 .   ? 17.216  -0.248  -5.369  1.00 28.73 ? 195 HOH A O   1 
HETATM 1350 O  O   . HOH B 2 .   ? -11.424 -7.972  -3.837  1.00 33.77 ? 196 HOH A O   1 
HETATM 1351 O  O   . HOH B 2 .   ? -4.851  -0.370  -18.928 1.00 25.11 ? 197 HOH A O   1 
HETATM 1352 O  O   . HOH B 2 .   ? -4.580  6.800   3.510   1.00 35.13 ? 198 HOH A O   1 
HETATM 1353 O  O   . HOH B 2 .   ? -0.355  -8.498  -2.548  1.00 29.89 ? 199 HOH A O   1 
HETATM 1354 O  O   . HOH B 2 .   ? -22.082 6.668   -9.172  1.00 29.04 ? 200 HOH A O   1 
HETATM 1355 O  O   . HOH B 2 .   ? -5.522  -7.552  -13.647 1.00 29.68 ? 201 HOH A O   1 
HETATM 1356 O  O   . HOH B 2 .   ? -6.397  8.384   -17.522 1.00 33.14 ? 202 HOH A O   1 
HETATM 1357 O  O   . HOH B 2 .   ? 3.408   11.633  -6.390  1.00 32.47 ? 203 HOH A O   1 
HETATM 1358 O  O   . HOH B 2 .   ? -10.240 12.735  -1.018  1.00 28.23 ? 204 HOH A O   1 
HETATM 1359 O  O   . HOH B 2 .   ? 4.136   -12.198 -0.416  1.00 31.64 ? 205 HOH A O   1 
HETATM 1360 O  O   . HOH B 2 .   ? -3.205  8.500   4.782   1.00 41.87 ? 206 HOH A O   1 
HETATM 1361 O  O   . HOH B 2 .   ? -8.217  -5.818  2.830   1.00 29.25 ? 207 HOH A O   1 
HETATM 1362 O  O   . HOH B 2 .   ? -5.190  -7.550  3.955   1.00 35.27 ? 208 HOH A O   1 
HETATM 1363 O  O   . HOH B 2 .   ? -11.990 -7.312  -1.255  1.00 32.03 ? 209 HOH A O   1 
HETATM 1364 O  O   . HOH B 2 .   ? -19.618 -0.467  -5.734  1.00 39.87 ? 210 HOH A O   1 
HETATM 1365 O  O   . HOH B 2 .   ? -11.753 1.988   8.185   1.00 38.81 ? 211 HOH A O   1 
HETATM 1366 O  O   . HOH B 2 .   ? -0.462  2.843   9.282   1.00 38.29 ? 212 HOH A O   1 
HETATM 1367 O  O   . HOH B 2 .   ? 17.546  -2.951  -4.288  1.00 47.87 ? 213 HOH A O   1 
HETATM 1368 O  O   . HOH B 2 .   ? 14.401  10.384  0.643   1.00 33.42 ? 214 HOH A O   1 
HETATM 1369 O  O   . HOH B 2 .   ? 15.728  -6.584  5.679   1.00 40.18 ? 215 HOH A O   1 
HETATM 1370 O  O   . HOH B 2 .   ? 1.210   14.070  11.767  1.00 41.47 ? 216 HOH A O   1 
HETATM 1371 O  O   . HOH B 2 .   ? -20.116 9.738   -5.286  1.00 37.79 ? 217 HOH A O   1 
HETATM 1372 O  O   . HOH B 2 .   ? 5.675   12.364  2.734   1.00 35.76 ? 218 HOH A O   1 
HETATM 1373 O  O   . HOH B 2 .   ? 2.801   -1.030  -17.819 1.00 47.64 ? 219 HOH A O   1 
HETATM 1374 O  O   . HOH B 2 .   ? -10.046 -10.037 8.486   1.00 54.95 ? 220 HOH A O   1 
HETATM 1375 O  O   . HOH B 2 .   ? 16.239  8.894   1.350   1.00 36.25 ? 221 HOH A O   1 
HETATM 1376 O  O   . HOH B 2 .   ? 17.311  5.082   -11.048 1.00 46.31 ? 222 HOH A O   1 
HETATM 1377 O  O   . HOH B 2 .   ? 11.582  -12.156 4.397   1.00 45.67 ? 223 HOH A O   1 
HETATM 1378 O  O   . HOH B 2 .   ? 6.791   8.743   -11.925 1.00 48.15 ? 224 HOH A O   1 
HETATM 1379 O  O   . HOH B 2 .   ? 2.466   6.427   -15.861 1.00 41.60 ? 225 HOH A O   1 
HETATM 1380 O  O   . HOH B 2 .   ? 6.277   -1.797  19.637  1.00 43.90 ? 226 HOH A O   1 
HETATM 1381 O  O   . HOH B 2 .   ? 23.049  1.204   -9.266  1.00 41.22 ? 227 HOH A O   1 
HETATM 1382 O  O   . HOH B 2 .   ? -8.077  14.294  1.875   1.00 35.81 ? 228 HOH A O   1 
HETATM 1383 O  O   . HOH B 2 .   ? -16.914 -4.570  -11.989 1.00 47.01 ? 229 HOH A O   1 
HETATM 1384 O  O   . HOH B 2 .   ? -11.495 4.436   1.853   1.00 37.46 ? 230 HOH A O   1 
HETATM 1385 O  O   . HOH B 2 .   ? 3.369   11.647  -13.585 1.00 35.77 ? 231 HOH A O   1 
HETATM 1386 O  O   . HOH B 2 .   ? -11.886 5.631   6.002   1.00 54.48 ? 232 HOH A O   1 
HETATM 1387 O  O   . HOH B 2 .   ? -9.473  4.559   3.889   1.00 55.27 ? 233 HOH A O   1 
HETATM 1388 O  O   . HOH B 2 .   ? -21.414 0.602   -7.752  1.00 46.69 ? 234 HOH A O   1 
HETATM 1389 O  O   . HOH B 2 .   ? 16.224  -5.336  -5.238  1.00 37.66 ? 235 HOH A O   1 
HETATM 1390 O  O   . HOH B 2 .   ? -2.456  -12.787 -0.794  1.00 41.50 ? 236 HOH A O   1 
HETATM 1391 O  O   . HOH B 2 .   ? -7.947  -13.095 11.139  1.00 51.00 ? 237 HOH A O   1 
HETATM 1392 O  O   . HOH B 2 .   ? -12.167 13.277  1.245   1.00 47.80 ? 238 HOH A O   1 
HETATM 1393 O  O   . HOH B 2 .   ? 15.406  -2.909  -13.487 1.00 40.23 ? 239 HOH A O   1 
HETATM 1394 O  O   . HOH B 2 .   ? -5.116  8.786   6.689   1.00 41.73 ? 240 HOH A O   1 
HETATM 1395 O  O   . HOH B 2 .   ? -9.788  12.805  2.962   1.00 56.41 ? 241 HOH A O   1 
HETATM 1396 O  O   . HOH B 2 .   ? -20.452 -3.616  -8.695  1.00 46.16 ? 242 HOH A O   1 
HETATM 1397 O  O   . HOH B 2 .   ? -22.160 -1.875  -9.151  1.00 42.26 ? 243 HOH A O   1 
HETATM 1398 O  O   . HOH B 2 .   ? 7.182   13.390  -10.416 1.00 54.29 ? 244 HOH A O   1 
HETATM 1399 O  O   . HOH B 2 .   ? 8.131   10.215  -13.431 1.00 67.84 ? 245 HOH A O   1 
HETATM 1400 O  O   . HOH B 2 .   ? -3.613  -9.399  -13.467 1.00 37.26 ? 246 HOH A O   1 
HETATM 1401 O  O   . HOH B 2 .   ? 13.336  4.899   -12.333 1.00 38.29 ? 247 HOH A O   1 
HETATM 1402 O  O   . HOH B 2 .   ? -1.442  11.082  -9.765  1.00 38.61 ? 248 HOH A O   1 
HETATM 1403 O  O   . HOH B 2 .   ? -15.289 -4.499  -14.166 1.00 45.70 ? 249 HOH A O   1 
HETATM 1404 O  O   . HOH B 2 .   ? -18.197 3.249   5.112   1.00 39.64 ? 250 HOH A O   1 
HETATM 1405 O  O   . HOH B 2 .   ? -19.981 0.807   12.188  1.00 69.32 ? 251 HOH A O   1 
HETATM 1406 O  O   . HOH B 2 .   ? -19.943 2.935   1.299   1.00 62.42 ? 252 HOH A O   1 
HETATM 1407 O  O   . HOH B 2 .   ? 9.530   7.943   -14.198 1.00 58.61 ? 253 HOH A O   1 
HETATM 1408 O  O   . HOH B 2 .   ? 19.447  6.952   -1.057  1.00 42.60 ? 254 HOH A O   1 
HETATM 1409 O  O   . HOH B 2 .   ? 7.827   13.011  2.153   1.00 42.94 ? 255 HOH A O   1 
HETATM 1410 O  O   . HOH B 2 .   ? 6.704   1.064   -15.736 1.00 43.48 ? 256 HOH A O   1 
HETATM 1411 O  O   . HOH B 2 .   ? 11.610  -15.313 3.329   1.00 45.75 ? 257 HOH A O   1 
HETATM 1412 O  O   . HOH B 2 .   ? -19.364 -3.171  -6.148  1.00 39.31 ? 258 HOH A O   1 
HETATM 1413 O  O   . HOH B 2 .   ? 6.958   5.100   -15.317 1.00 41.89 ? 259 HOH A O   1 
HETATM 1414 O  O   . HOH B 2 .   ? -1.956  -14.709 0.360   1.00 44.05 ? 260 HOH A O   1 
HETATM 1415 O  O   . HOH B 2 .   ? -14.595 -7.204  -12.360 1.00 36.94 ? 261 HOH A O   1 
HETATM 1416 O  O   . HOH B 2 .   ? -6.750  -12.532 -0.843  1.00 50.62 ? 262 HOH A O   1 
HETATM 1417 O  O   . HOH B 2 .   ? 13.016  11.851  -9.498  1.00 53.85 ? 263 HOH A O   1 
HETATM 1418 O  O   . HOH B 2 .   ? -15.137 7.545   0.328   1.00 43.73 ? 264 HOH A O   1 
HETATM 1419 O  O   . HOH B 2 .   ? 5.891   18.916  1.939   1.00 58.56 ? 265 HOH A O   1 
HETATM 1420 O  O   . HOH B 2 .   ? 6.178   13.755  6.582   1.00 61.77 ? 266 HOH A O   1 
HETATM 1421 O  O   . HOH B 2 .   ? 6.214   15.787  2.247   1.00 62.06 ? 267 HOH A O   1 
HETATM 1422 O  O   . HOH B 2 .   ? -11.214 -8.178  9.674   1.00 42.58 ? 268 HOH A O   1 
HETATM 1423 O  O   . HOH B 2 .   ? 1.051   13.878  -3.870  1.00 56.73 ? 269 HOH A O   1 
HETATM 1424 O  O   . HOH B 2 .   ? -17.538 0.755   9.070   1.00 54.65 ? 270 HOH A O   1 
HETATM 1425 O  O   . HOH B 2 .   ? -16.593 -1.520  10.415  1.00 66.45 ? 271 HOH A O   1 
HETATM 1426 O  O   . HOH B 2 .   ? -22.678 -0.752  8.501   1.00 57.65 ? 272 HOH A O   1 
HETATM 1427 O  O   . HOH B 2 .   ? -5.307  4.036   5.760   1.00 54.11 ? 273 HOH A O   1 
HETATM 1428 O  O   . HOH B 2 .   ? -20.811 7.399   -6.480  1.00 47.71 ? 274 HOH A O   1 
HETATM 1429 O  O   . HOH B 2 .   ? 0.230   16.046  -14.213 1.00 59.71 ? 275 HOH A O   1 
HETATM 1430 O  O   . HOH B 2 .   ? -19.541 -4.715  -11.176 1.00 43.96 ? 276 HOH A O   1 
HETATM 1431 O  O   . HOH B 2 .   ? 19.221  -3.672  -6.835  1.00 53.43 ? 277 HOH A O   1 
HETATM 1432 O  O   . HOH B 2 .   ? -4.565  -14.070 6.169   1.00 46.40 ? 278 HOH A O   1 
HETATM 1433 O  O   . HOH B 2 .   ? -7.050  0.262   7.526   1.00 47.33 ? 279 HOH A O   1 
HETATM 1434 O  O   . HOH B 2 .   ? -10.287 2.310   2.281   1.00 44.28 ? 280 HOH A O   1 
HETATM 1435 O  O   . HOH B 2 .   ? 1.406   12.898  -18.051 1.00 43.74 ? 281 HOH A O   1 
HETATM 1436 O  O   . HOH B 2 .   ? -13.684 -0.877  8.438   1.00 46.57 ? 282 HOH A O   1 
HETATM 1437 O  O   . HOH B 2 .   ? -6.769  2.860   2.366   1.00 44.49 ? 283 HOH A O   1 
HETATM 1438 O  O   . HOH B 2 .   ? -19.253 -8.021  -1.261  1.00 44.18 ? 284 HOH A O   1 
HETATM 1439 O  O   . HOH B 2 .   ? -0.505  2.894   -18.829 1.00 43.25 ? 285 HOH A O   1 
HETATM 1440 O  O   . HOH B 2 .   ? -17.588 7.425   -1.184  1.00 48.10 ? 286 HOH A O   1 
HETATM 1441 O  O   . HOH B 2 .   ? -21.043 8.337   -2.736  1.00 52.46 ? 287 HOH A O   1 
HETATM 1442 O  O   . HOH B 2 .   ? -19.341 4.574   -1.499  1.00 42.54 ? 288 HOH A O   1 
HETATM 1443 O  O   . HOH B 2 .   ? -18.245 9.865   -3.455  1.00 48.53 ? 289 HOH A O   1 
HETATM 1444 O  O   . HOH B 2 .   ? -13.828 -6.423  5.772   1.00 49.45 ? 290 HOH A O   1 
HETATM 1445 O  O   . HOH B 2 .   ? -8.922  -8.030  5.368   1.00 32.68 ? 291 HOH A O   1 
HETATM 1446 O  O   . HOH B 2 .   ? 0.563   8.422   13.960  1.00 48.08 ? 292 HOH A O   1 
HETATM 1447 O  O   . HOH B 2 .   ? -0.893  3.637   12.829  1.00 65.31 ? 293 HOH A O   1 
HETATM 1448 O  O   . HOH B 2 .   ? -16.322 -7.851  1.883   1.00 54.76 ? 294 HOH A O   1 
HETATM 1449 O  O   . HOH B 2 .   ? -2.660  -11.928 2.416   1.00 50.32 ? 295 HOH A O   1 
HETATM 1450 O  O   . HOH B 2 .   ? -6.813  -10.104 -3.755  1.00 33.28 ? 296 HOH A O   1 
HETATM 1451 O  O   . HOH B 2 .   ? -1.390  -7.551  -10.626 1.00 37.82 ? 297 HOH A O   1 
HETATM 1452 O  O   . HOH B 2 .   ? 4.974   11.504  4.974   1.00 40.40 ? 298 HOH A O   1 
HETATM 1453 O  O   . HOH B 2 .   ? 2.498   12.140  5.858   1.00 32.97 ? 299 HOH A O   1 
HETATM 1454 O  O   . HOH B 2 .   ? -2.240  -3.996  -21.159 1.00 56.52 ? 300 HOH A O   1 
HETATM 1455 O  O   . HOH B 2 .   ? 6.017   -20.654 15.896  1.00 47.41 ? 301 HOH A O   1 
HETATM 1456 O  O   . HOH B 2 .   ? -5.662  -9.153  -10.809 1.00 44.15 ? 302 HOH A O   1 
HETATM 1457 O  O   . HOH B 2 .   ? 2.691   9.472   -16.195 1.00 66.43 ? 303 HOH A O   1 
HETATM 1458 O  O   . HOH B 2 .   ? -9.101  -9.539  -11.498 1.00 51.81 ? 304 HOH A O   1 
HETATM 1459 O  O   . HOH B 2 .   ? -2.487  -6.680  19.202  1.00 49.72 ? 305 HOH A O   1 
HETATM 1460 O  O   . HOH B 2 .   ? 19.909  -3.676  1.553   1.00 49.22 ? 306 HOH A O   1 
HETATM 1461 O  O   . HOH B 2 .   ? 10.602  5.084   -18.268 1.00 53.99 ? 307 HOH A O   1 
HETATM 1462 O  O   . HOH B 2 .   ? -1.955  -1.654  -20.974 1.00 53.67 ? 308 HOH A O   1 
HETATM 1463 O  O   . HOH B 2 .   ? 13.516  3.039   -18.552 1.00 54.69 ? 309 HOH A O   1 
HETATM 1464 O  O   . HOH B 2 .   ? -14.714 -13.137 1.974   1.00 56.64 ? 310 HOH A O   1 
HETATM 1465 O  O   . HOH B 2 .   ? 9.292   6.210   -16.391 1.00 56.29 ? 311 HOH A O   1 
HETATM 1466 O  O   . HOH B 2 .   ? 15.466  -8.106  -0.766  1.00 45.44 ? 312 HOH A O   1 
HETATM 1467 O  O   . HOH B 2 .   ? 15.027  10.009  -9.575  1.00 58.51 ? 313 HOH A O   1 
HETATM 1468 O  O   . HOH B 2 .   ? -0.492  -22.930 13.247  1.00 68.65 ? 314 HOH A O   1 
HETATM 1469 O  O   . HOH B 2 .   ? -2.952  -14.976 3.793   1.00 57.66 ? 315 HOH A O   1 
HETATM 1470 O  O   . HOH B 2 .   ? 8.321   16.323  -1.993  1.00 71.08 ? 316 HOH A O   1 
HETATM 1471 O  O   . HOH B 2 .   ? -9.328  -10.384 -3.273  1.00 60.03 ? 317 HOH A O   1 
HETATM 1472 O  O   . HOH B 2 .   ? -4.961  -10.527 6.363   1.00 46.44 ? 318 HOH A O   1 
HETATM 1473 O  O   . HOH B 2 .   ? -9.670  -9.670  2.209   1.00 58.04 ? 319 HOH A O   1 
HETATM 1474 O  O   . HOH B 2 .   ? 19.727  12.459  1.645   1.00 47.61 ? 320 HOH A O   1 
HETATM 1475 O  O   . HOH B 2 .   ? 0.652   -3.867  15.806  1.00 42.65 ? 321 HOH A O   1 
HETATM 1476 O  O   . HOH B 2 .   ? 17.172  -8.626  -4.160  1.00 54.00 ? 322 HOH A O   1 
HETATM 1477 O  O   . HOH B 2 .   ? 9.176   18.160  -7.711  1.00 48.35 ? 323 HOH A O   1 
HETATM 1478 O  O   . HOH B 2 .   ? 5.100   -6.856  26.454  1.00 52.19 ? 324 HOH A O   1 
HETATM 1479 O  O   . HOH B 2 .   ? -14.958 0.167   15.528  1.00 54.09 ? 325 HOH A O   1 
HETATM 1480 O  O   . HOH B 2 .   ? 5.001   9.068   5.422   1.00 49.52 ? 326 HOH A O   1 
HETATM 1481 O  O   . HOH B 2 .   ? -8.789  16.878  3.476   1.00 73.13 ? 327 HOH A O   1 
HETATM 1482 O  O   . HOH B 2 .   ? 3.537   9.130   7.978   1.00 41.61 ? 328 HOH A O   1 
HETATM 1483 O  O   . HOH B 2 .   ? -17.388 14.506  3.799   1.00 61.50 ? 329 HOH A O   1 
HETATM 1484 O  O   . HOH B 2 .   ? -17.453 -11.878 1.137   1.00 76.65 ? 330 HOH A O   1 
HETATM 1485 O  O   . HOH B 2 .   ? 13.759  6.350   -14.576 1.00 48.12 ? 331 HOH A O   1 
HETATM 1486 O  O   . HOH B 2 .   ? 17.409  11.347  2.641   1.00 66.38 ? 332 HOH A O   1 
HETATM 1487 O  O   . HOH B 2 .   ? 5.739   -15.834 14.341  1.00 74.88 ? 333 HOH A O   1 
HETATM 1488 O  O   . HOH B 2 .   ? -1.529  -6.012  21.272  1.00 58.97 ? 334 HOH A O   1 
HETATM 1489 O  O   . HOH B 2 .   ? -3.112  3.790   -21.003 1.00 57.58 ? 335 HOH A O   1 
HETATM 1490 O  O   . HOH B 2 .   ? 0.787   2.176   13.667  1.00 59.24 ? 336 HOH A O   1 
HETATM 1491 O  O   . HOH B 2 .   ? 9.376   17.913  -4.204  1.00 58.01 ? 337 HOH A O   1 
HETATM 1492 O  O   . HOH B 2 .   ? -18.926 16.455  1.794   1.00 59.14 ? 338 HOH A O   1 
HETATM 1493 O  O   . HOH B 2 .   ? -0.624  15.930  -9.666  1.00 54.63 ? 339 HOH A O   1 
HETATM 1494 O  O   . HOH B 2 .   ? 18.829  -8.064  -5.998  1.00 59.17 ? 340 HOH A O   1 
HETATM 1495 O  O   . HOH B 2 .   ? -16.540 0.871   12.785  1.00 68.08 ? 341 HOH A O   1 
HETATM 1496 O  O   . HOH B 2 .   ? 7.190   20.021  -4.581  1.00 57.06 ? 342 HOH A O   1 
HETATM 1497 O  O   . HOH B 2 .   ? -2.729  -3.751  18.803  1.00 63.67 ? 343 HOH A O   1 
HETATM 1498 O  O   . HOH B 2 .   ? -6.640  13.215  5.370   1.00 61.70 ? 344 HOH A O   1 
HETATM 1499 O  O   . HOH B 2 .   ? 1.552   -22.997 17.735  1.00 74.87 ? 345 HOH A O   1 
HETATM 1500 O  O   . HOH B 2 .   ? -5.191  12.462  7.344   1.00 60.66 ? 346 HOH A O   1 
HETATM 1501 O  O   . HOH B 2 .   ? 5.039   10.686  7.089   1.00 74.05 ? 347 HOH A O   1 
HETATM 1502 O  O   . HOH B 2 .   ? 2.699   -19.527 19.646  1.00 80.87 ? 348 HOH A O   1 
HETATM 1503 O  O   . HOH B 2 .   ? -0.632  9.145   -10.674 1.00 56.95 ? 349 HOH A O   1 
HETATM 1504 O  O   . HOH B 2 .   ? -16.974 10.616  2.987   1.00 59.34 ? 350 HOH A O   1 
HETATM 1505 O  O   . HOH B 2 .   ? -8.467  -10.874 -0.545  1.00 55.87 ? 351 HOH A O   1 
HETATM 1506 O  O   . HOH B 2 .   ? 7.026   19.070  -6.826  1.00 61.69 ? 352 HOH A O   1 
HETATM 1507 O  O   . HOH B 2 .   ? 5.158   18.119  -0.278  1.00 56.58 ? 353 HOH A O   1 
HETATM 1508 O  O   . HOH B 2 .   ? -3.597  14.285  6.678   1.00 72.88 ? 354 HOH A O   1 
HETATM 1509 O  O   . HOH B 2 .   ? -9.627  -9.416  -13.905 1.00 80.75 ? 355 HOH A O   1 
HETATM 1510 O  O   . HOH B 2 .   ? -1.470  -8.529  -13.085 1.00 58.76 ? 356 HOH A O   1 
HETATM 1511 O  O   . HOH B 2 .   ? 10.180  15.430  1.403   1.00 57.84 ? 357 HOH A O   1 
HETATM 1512 O  O   . HOH B 2 .   ? -21.338 -2.573  -4.029  1.00 60.52 ? 358 HOH A O   1 
HETATM 1513 O  O   . HOH B 2 .   ? -8.410  2.102   4.320   1.00 74.35 ? 359 HOH A O   1 
HETATM 1514 O  O   . HOH B 2 .   ? -2.114  0.179   -18.247 1.00 42.04 ? 360 HOH A O   1 
HETATM 1515 O  O   . HOH B 2 .   ? 14.805  -9.700  -4.265  1.00 67.28 ? 361 HOH A O   1 
HETATM 1516 O  O   . HOH B 2 .   ? -5.792  -11.572 -10.491 1.00 60.81 ? 362 HOH A O   1 
HETATM 1517 O  O   . HOH B 2 .   ? -22.139 6.420   -4.831  1.00 56.41 ? 363 HOH A O   1 
HETATM 1518 O  O   . HOH B 2 .   ? -20.594 -6.191  -2.162  1.00 82.70 ? 364 HOH A O   1 
HETATM 1519 O  O   . HOH B 2 .   ? -18.974 2.664   7.793   1.00 53.18 ? 365 HOH A O   1 
HETATM 1520 O  O   . HOH B 2 .   ? -4.445  2.532   8.348   1.00 66.15 ? 366 HOH A O   1 
HETATM 1521 O  O   . HOH B 2 .   ? -22.183 -1.111  5.661   1.00 67.86 ? 367 HOH A O   1 
HETATM 1522 O  O   . HOH B 2 .   ? -1.125  6.622   13.615  1.00 59.01 ? 368 HOH A O   1 
HETATM 1523 O  O   . HOH B 2 .   ? -15.964 10.036  0.325   1.00 68.91 ? 369 HOH A O   1 
HETATM 1524 O  O   . HOH B 2 .   ? 4.348   -0.297  7.876   1.00 82.30 ? 370 HOH A O   1 
HETATM 1525 O  O   . HOH B 2 .   ? -17.551 -1.585  7.789   1.00 71.50 ? 371 HOH A O   1 
HETATM 1526 O  O   . HOH B 2 .   ? -8.994  1.879   6.738   1.00 54.38 ? 372 HOH A O   1 
HETATM 1527 O  O   . HOH B 2 .   ? -16.088 -6.349  3.982   1.00 60.16 ? 373 HOH A O   1 
HETATM 1528 O  O   . HOH B 2 .   ? 4.448   0.876   -16.727 1.00 67.60 ? 374 HOH A O   1 
HETATM 1529 O  O   . HOH B 2 .   ? 18.129  -5.946  -7.471  1.00 65.92 ? 375 HOH A O   1 
HETATM 1530 O  O   . HOH B 2 .   ? -6.160  8.954   -19.734 1.00 82.45 ? 376 HOH A O   1 
HETATM 1531 O  O   . HOH B 2 .   ? 14.371  5.264   -9.415  1.00 54.09 ? 377 HOH A O   1 
HETATM 1532 O  O   . HOH B 2 .   ? -4.310  -16.244 0.659   1.00 59.71 ? 378 HOH A O   1 
HETATM 1533 O  O   . HOH B 2 .   ? -13.586 10.008  6.562   1.00 65.27 ? 379 HOH A O   1 
HETATM 1534 O  O   . HOH B 2 .   ? 20.866  -3.966  5.305   1.00 63.07 ? 380 HOH A O   1 
HETATM 1535 O  O   . HOH B 2 .   ? -1.820  0.927   9.687   1.00 57.80 ? 381 HOH A O   1 
HETATM 1536 O  O   . HOH B 2 .   ? -5.126  15.065  4.581   1.00 62.32 ? 382 HOH A O   1 
HETATM 1537 O  O   . HOH B 2 .   ? -1.768  4.990   -19.409 1.00 68.42 ? 383 HOH A O   1 
# 
